data_5F0K
#
_entry.id   5F0K
#
_cell.length_a   200.700
_cell.length_b   108.600
_cell.length_c   167.900
_cell.angle_alpha   90.000
_cell.angle_beta   125.500
_cell.angle_gamma   90.000
#
_symmetry.space_group_name_H-M   'C 1 2 1'
#
loop_
_entity.id
_entity.type
_entity.pdbx_description
1 polymer 'Vacuolar protein sorting-associated protein 35'
2 non-polymer 1,2-ETHANEDIOL
3 non-polymer GLYCEROL
4 non-polymer 'SULFATE ION'
5 non-polymer 'TETRAETHYLENE GLYCOL'
6 water water
#
_entity_poly.entity_id   1
_entity_poly.type   'polypeptide(L)'
_entity_poly.pdbx_seq_one_letter_code
;GAMGSKLLDEAIQAVKVQSFQMKRCLDKNKLMDALKHASNMLGELRTSMLSPKSYYELYMAISDELHYLEVYLTDEFAKG
RKVADLYELVQYAGNIIPRLYLLITVGVVYVKSFPQSRKDILKDLVEMCRGVQHPLRGLFLRNYLLQCTRNILPDEGEPT
DEETTGDISDSMDFVLLNFAEMNKLWVRMQHQGHSRDREKRERERQELRILVGTNLVRLSQLEGVNVERYKQIVLTGILE
QVVNCRDALAQEYLMECIIQVFPDEFHLQTLNPFLRACAELHQNVNVKNIIIALIDRLALFAHREDGPGIPADIKLFDIF
SQQVATVIQSRQDMPSEDVVSLQVSLINLAMKCYPDRVDYVDKVLETTVEIFNKLNLEHIATSSAVSKELTRLLKIPVDT
YNNILTVLKLKHFHPLFEYFDYESRKSMSCYVLSNVLDYNTEIVSQDQVDSIMNLVSTLIQD
;
_entity_poly.pdbx_strand_id   A,B,C,D,E
#
loop_
_chem_comp.id
_chem_comp.type
_chem_comp.name
_chem_comp.formula
EDO non-polymer 1,2-ETHANEDIOL 'C2 H6 O2'
GOL non-polymer GLYCEROL 'C3 H8 O3'
PG4 non-polymer 'TETRAETHYLENE GLYCOL' 'C8 H18 O5'
SO4 non-polymer 'SULFATE ION' 'O4 S -2'
#
# COMPACT_ATOMS: atom_id res chain seq x y z
N GLY A 4 -14.74 -15.48 -0.31
CA GLY A 4 -14.70 -15.18 1.11
C GLY A 4 -14.83 -13.71 1.42
N SER A 5 -14.15 -12.87 0.63
CA SER A 5 -14.18 -11.44 0.88
C SER A 5 -15.51 -10.81 0.46
N LYS A 6 -16.15 -11.34 -0.58
CA LYS A 6 -17.51 -10.91 -0.89
C LYS A 6 -18.43 -11.20 0.28
N LEU A 7 -18.35 -12.40 0.83
CA LEU A 7 -19.19 -12.76 1.97
C LEU A 7 -18.96 -11.81 3.14
N LEU A 8 -17.70 -11.44 3.38
CA LEU A 8 -17.41 -10.47 4.44
C LEU A 8 -17.91 -9.08 4.05
N ASP A 9 -17.71 -8.69 2.79
CA ASP A 9 -18.15 -7.39 2.32
C ASP A 9 -19.65 -7.21 2.52
N GLU A 10 -20.43 -8.28 2.32
CA GLU A 10 -21.87 -8.20 2.58
C GLU A 10 -22.16 -8.23 4.07
N ALA A 11 -21.28 -8.83 4.87
CA ALA A 11 -21.47 -8.86 6.32
C ALA A 11 -21.15 -7.50 6.94
N ILE A 12 -20.00 -6.94 6.60
CA ILE A 12 -19.65 -5.60 7.07
C ILE A 12 -20.75 -4.61 6.70
N GLN A 13 -21.32 -4.77 5.51
CA GLN A 13 -22.33 -3.84 5.01
C GLN A 13 -23.62 -3.96 5.80
N ALA A 14 -23.99 -5.18 6.22
CA ALA A 14 -25.12 -5.33 7.12
C ALA A 14 -24.79 -4.78 8.50
N VAL A 15 -23.55 -4.97 8.93
CA VAL A 15 -23.13 -4.47 10.24
C VAL A 15 -23.24 -2.95 10.30
N LYS A 16 -22.83 -2.27 9.22
CA LYS A 16 -22.86 -0.80 9.23
C LYS A 16 -24.29 -0.28 9.32
N VAL A 17 -25.21 -0.89 8.57
CA VAL A 17 -26.59 -0.38 8.54
C VAL A 17 -27.29 -0.66 9.86
N GLN A 18 -27.02 -1.82 10.46
CA GLN A 18 -27.68 -2.15 11.73
C GLN A 18 -27.14 -1.30 12.87
N SER A 19 -25.83 -1.02 12.87
CA SER A 19 -25.25 -0.19 13.91
C SER A 19 -25.64 1.27 13.75
N PHE A 20 -25.97 1.70 12.53
CA PHE A 20 -26.50 3.05 12.35
C PHE A 20 -27.84 3.20 13.04
N GLN A 21 -28.71 2.19 12.91
CA GLN A 21 -30.02 2.24 13.56
C GLN A 21 -29.92 2.00 15.06
N MET A 22 -29.01 1.12 15.48
CA MET A 22 -28.80 0.93 16.92
C MET A 22 -28.42 2.26 17.56
N LYS A 23 -27.39 2.91 17.03
CA LYS A 23 -26.94 4.18 17.59
C LYS A 23 -27.95 5.29 17.36
N ARG A 24 -28.88 5.11 16.42
CA ARG A 24 -29.97 6.07 16.25
C ARG A 24 -31.04 5.88 17.31
N CYS A 25 -31.43 4.63 17.56
CA CYS A 25 -32.43 4.34 18.58
C CYS A 25 -31.90 4.58 19.98
N LEU A 26 -30.58 4.55 20.18
CA LEU A 26 -30.01 4.92 21.47
C LEU A 26 -30.18 6.41 21.73
N ASP A 27 -29.96 7.24 20.71
CA ASP A 27 -30.08 8.69 20.91
C ASP A 27 -31.51 9.08 21.24
N LYS A 28 -32.49 8.52 20.53
CA LYS A 28 -33.89 8.75 20.83
C LYS A 28 -34.38 7.92 22.02
N ASN A 29 -33.47 7.29 22.76
CA ASN A 29 -33.81 6.58 24.00
C ASN A 29 -34.81 5.46 23.74
N LYS A 30 -34.62 4.74 22.64
CA LYS A 30 -35.45 3.60 22.27
C LYS A 30 -34.59 2.35 22.43
N LEU A 31 -34.42 1.92 23.68
CA LEU A 31 -33.39 0.94 23.99
C LEU A 31 -33.74 -0.45 23.49
N MET A 32 -35.02 -0.83 23.55
CA MET A 32 -35.40 -2.16 23.10
C MET A 32 -35.30 -2.28 21.59
N ASP A 33 -35.64 -1.20 20.87
CA ASP A 33 -35.35 -1.17 19.44
C ASP A 33 -33.84 -1.24 19.20
N ALA A 34 -33.06 -0.48 19.98
CA ALA A 34 -31.60 -0.56 19.87
C ALA A 34 -31.13 -2.00 19.99
N LEU A 35 -31.57 -2.71 21.04
CA LEU A 35 -31.12 -4.09 21.23
C LEU A 35 -31.60 -5.01 20.12
N LYS A 36 -32.67 -4.65 19.41
CA LYS A 36 -33.08 -5.47 18.28
C LYS A 36 -32.06 -5.39 17.15
N HIS A 37 -31.65 -4.17 16.79
CA HIS A 37 -30.64 -4.01 15.75
C HIS A 37 -29.31 -4.63 16.17
N ALA A 38 -28.98 -4.59 17.46
CA ALA A 38 -27.80 -5.28 17.94
C ALA A 38 -27.92 -6.78 17.70
N SER A 39 -29.09 -7.35 18.03
CA SER A 39 -29.32 -8.76 17.77
C SER A 39 -29.26 -9.06 16.28
N ASN A 40 -29.60 -8.08 15.43
CA ASN A 40 -29.52 -8.27 13.99
C ASN A 40 -28.06 -8.39 13.54
N MET A 41 -27.22 -7.41 13.89
CA MET A 41 -25.84 -7.44 13.46
C MET A 41 -25.10 -8.63 14.07
N LEU A 42 -25.45 -9.01 15.30
CA LEU A 42 -24.83 -10.19 15.91
C LEU A 42 -25.16 -11.47 15.18
N GLY A 43 -26.26 -11.49 14.42
CA GLY A 43 -26.57 -12.64 13.60
C GLY A 43 -25.53 -12.89 12.52
N GLU A 44 -24.70 -11.89 12.22
CA GLU A 44 -23.67 -12.06 11.21
C GLU A 44 -22.52 -12.92 11.71
N LEU A 45 -22.34 -13.04 13.03
CA LEU A 45 -21.27 -13.87 13.57
C LEU A 45 -21.59 -15.35 13.51
N ARG A 46 -22.76 -15.73 13.03
CA ARG A 46 -23.16 -17.13 13.00
C ARG A 46 -22.60 -17.87 11.78
N THR A 47 -22.02 -17.16 10.83
CA THR A 47 -21.54 -17.79 9.60
C THR A 47 -20.41 -18.76 9.90
N SER A 48 -20.24 -19.75 9.03
CA SER A 48 -19.10 -20.65 9.05
C SER A 48 -18.26 -20.55 7.78
N MET A 49 -18.51 -19.55 6.95
CA MET A 49 -17.90 -19.44 5.63
C MET A 49 -16.74 -18.46 5.59
N LEU A 50 -16.32 -17.95 6.74
CA LEU A 50 -15.25 -16.96 6.82
C LEU A 50 -14.01 -17.57 7.46
N SER A 51 -12.86 -17.27 6.89
CA SER A 51 -11.60 -17.70 7.46
C SER A 51 -11.40 -17.00 8.79
N PRO A 52 -10.43 -17.45 9.59
CA PRO A 52 -10.14 -16.73 10.85
C PRO A 52 -9.78 -15.28 10.64
N LYS A 53 -9.08 -14.95 9.55
CA LYS A 53 -8.72 -13.55 9.31
C LYS A 53 -9.96 -12.71 9.00
N SER A 54 -10.83 -13.22 8.13
CA SER A 54 -12.05 -12.49 7.81
C SER A 54 -12.97 -12.39 9.02
N TYR A 55 -13.19 -13.53 9.71
CA TYR A 55 -14.06 -13.51 10.88
C TYR A 55 -13.56 -12.52 11.93
N TYR A 56 -12.24 -12.39 12.05
CA TYR A 56 -11.68 -11.44 13.02
C TYR A 56 -12.03 -10.00 12.62
N GLU A 57 -12.01 -9.72 11.32
CA GLU A 57 -12.40 -8.38 10.85
C GLU A 57 -13.88 -8.13 11.11
N LEU A 58 -14.73 -9.13 10.86
CA LEU A 58 -16.16 -8.99 11.16
C LEU A 58 -16.39 -8.89 12.67
N TYR A 59 -15.62 -9.65 13.45
CA TYR A 59 -15.76 -9.58 14.91
C TYR A 59 -15.39 -8.21 15.43
N MET A 60 -14.28 -7.65 14.96
CA MET A 60 -13.82 -6.36 15.46
C MET A 60 -14.75 -5.22 15.03
N ALA A 61 -15.38 -5.36 13.85
CA ALA A 61 -16.38 -4.38 13.45
C ALA A 61 -17.61 -4.44 14.34
N ILE A 62 -17.89 -5.60 14.92
CA ILE A 62 -19.09 -5.77 15.73
C ILE A 62 -18.82 -5.33 17.16
N SER A 63 -17.77 -5.88 17.78
CA SER A 63 -17.46 -5.51 19.16
C SER A 63 -17.24 -4.02 19.33
N ASP A 64 -16.87 -3.31 18.26
CA ASP A 64 -16.86 -1.85 18.30
C ASP A 64 -18.21 -1.30 18.73
N GLU A 65 -19.27 -1.78 18.09
CA GLU A 65 -20.62 -1.26 18.35
C GLU A 65 -21.18 -1.79 19.66
N LEU A 66 -20.86 -3.04 20.01
CA LEU A 66 -21.31 -3.57 21.29
C LEU A 66 -20.69 -2.81 22.45
N HIS A 67 -19.40 -2.50 22.36
CA HIS A 67 -18.78 -1.70 23.42
C HIS A 67 -19.38 -0.31 23.47
N TYR A 68 -19.81 0.22 22.32
CA TYR A 68 -20.53 1.49 22.33
C TYR A 68 -21.90 1.33 22.97
N LEU A 69 -22.52 0.16 22.83
CA LEU A 69 -23.79 -0.11 23.49
C LEU A 69 -23.60 -0.38 24.98
N GLU A 70 -22.45 -0.94 25.37
CA GLU A 70 -22.18 -1.17 26.79
C GLU A 70 -22.06 0.15 27.54
N VAL A 71 -21.12 1.00 27.12
CA VAL A 71 -20.89 2.25 27.85
C VAL A 71 -22.09 3.17 27.74
N TYR A 72 -22.91 3.02 26.71
CA TYR A 72 -24.09 3.87 26.58
C TYR A 72 -25.17 3.47 27.58
N LEU A 73 -25.36 2.17 27.78
CA LEU A 73 -26.30 1.71 28.81
C LEU A 73 -25.79 2.02 30.21
N THR A 74 -24.47 1.99 30.41
CA THR A 74 -23.90 2.30 31.72
C THR A 74 -24.09 3.77 32.06
N ASP A 75 -23.73 4.65 31.13
CA ASP A 75 -23.86 6.09 31.36
C ASP A 75 -25.32 6.50 31.47
N GLU A 76 -26.17 5.97 30.59
CA GLU A 76 -27.55 6.45 30.53
C GLU A 76 -28.31 6.20 31.82
N PHE A 77 -27.85 5.27 32.66
CA PHE A 77 -28.64 4.82 33.81
C PHE A 77 -27.98 5.07 35.17
N ALA A 78 -26.69 5.36 35.22
CA ALA A 78 -25.96 5.47 36.48
C ALA A 78 -26.05 4.14 37.22
N LYS A 79 -26.83 4.09 38.31
CA LYS A 79 -27.06 2.88 39.10
C LYS A 79 -28.52 2.45 39.00
N GLY A 80 -29.19 2.74 37.88
CA GLY A 80 -30.61 2.49 37.78
C GLY A 80 -30.95 1.02 37.67
N ARG A 81 -32.18 0.70 38.06
CA ARG A 81 -32.69 -0.68 38.03
C ARG A 81 -33.11 -1.13 36.65
N LYS A 82 -33.26 -0.22 35.68
CA LYS A 82 -33.81 -0.62 34.39
C LYS A 82 -32.97 -1.70 33.70
N VAL A 83 -31.65 -1.69 33.91
CA VAL A 83 -30.81 -2.70 33.29
C VAL A 83 -31.33 -4.11 33.58
N ALA A 84 -32.02 -4.27 34.71
CA ALA A 84 -32.58 -5.58 35.05
C ALA A 84 -33.67 -5.99 34.06
N ASP A 85 -34.43 -5.03 33.54
CA ASP A 85 -35.37 -5.33 32.47
C ASP A 85 -34.65 -5.80 31.22
N LEU A 86 -33.57 -5.10 30.85
CA LEU A 86 -32.83 -5.46 29.64
C LEU A 86 -32.14 -6.81 29.80
N TYR A 87 -31.65 -7.14 31.01
CA TYR A 87 -30.93 -8.39 31.19
C TYR A 87 -31.87 -9.59 31.11
N GLU A 88 -33.11 -9.45 31.56
CA GLU A 88 -34.09 -10.51 31.36
C GLU A 88 -34.58 -10.55 29.92
N LEU A 89 -34.63 -9.39 29.27
CA LEU A 89 -35.08 -9.31 27.89
C LEU A 89 -34.16 -10.09 26.96
N VAL A 90 -32.87 -9.72 26.93
CA VAL A 90 -31.91 -10.36 26.04
C VAL A 90 -31.82 -11.86 26.30
N GLN A 91 -32.20 -12.31 27.48
CA GLN A 91 -32.17 -13.74 27.78
C GLN A 91 -33.13 -14.53 26.92
N TYR A 92 -34.04 -13.87 26.21
CA TYR A 92 -35.03 -14.53 25.36
C TYR A 92 -34.68 -14.41 23.88
N ALA A 93 -33.46 -13.99 23.55
CA ALA A 93 -33.11 -13.82 22.15
C ALA A 93 -33.13 -15.16 21.41
N GLY A 94 -33.32 -15.07 20.10
CA GLY A 94 -33.60 -16.25 19.28
C GLY A 94 -32.44 -17.21 19.17
N ASN A 95 -31.30 -16.74 18.66
CA ASN A 95 -30.15 -17.57 18.38
C ASN A 95 -29.12 -17.44 19.50
N ILE A 96 -28.38 -18.52 19.74
CA ILE A 96 -27.53 -18.59 20.92
C ILE A 96 -26.39 -17.59 20.85
N ILE A 97 -25.85 -17.34 19.65
CA ILE A 97 -24.72 -16.44 19.52
C ILE A 97 -25.18 -15.03 19.86
N PRO A 98 -26.17 -14.45 19.17
CA PRO A 98 -26.65 -13.12 19.59
C PRO A 98 -27.09 -13.06 21.04
N ARG A 99 -27.71 -14.11 21.56
CA ARG A 99 -28.13 -14.11 22.96
C ARG A 99 -26.93 -14.03 23.89
N LEU A 100 -25.87 -14.79 23.60
CA LEU A 100 -24.74 -14.86 24.51
C LEU A 100 -23.88 -13.61 24.46
N TYR A 101 -23.73 -13.00 23.28
CA TYR A 101 -23.01 -11.74 23.20
C TYR A 101 -23.72 -10.65 23.98
N LEU A 102 -25.05 -10.60 23.90
CA LEU A 102 -25.81 -9.57 24.59
C LEU A 102 -25.85 -9.82 26.10
N LEU A 103 -25.86 -11.09 26.52
CA LEU A 103 -25.84 -11.37 27.95
C LEU A 103 -24.52 -10.94 28.58
N ILE A 104 -23.41 -11.13 27.86
CA ILE A 104 -22.12 -10.64 28.35
C ILE A 104 -22.13 -9.12 28.37
N THR A 105 -22.68 -8.48 27.34
CA THR A 105 -22.69 -7.02 27.28
C THR A 105 -23.60 -6.44 28.36
N VAL A 106 -24.84 -6.91 28.45
CA VAL A 106 -25.77 -6.39 29.45
C VAL A 106 -25.37 -6.86 30.84
N GLY A 107 -24.86 -8.09 30.95
CA GLY A 107 -24.44 -8.59 32.25
C GLY A 107 -23.38 -7.72 32.89
N VAL A 108 -22.47 -7.17 32.08
CA VAL A 108 -21.43 -6.30 32.62
C VAL A 108 -22.03 -4.97 33.07
N VAL A 109 -23.00 -4.45 32.33
CA VAL A 109 -23.71 -3.26 32.77
C VAL A 109 -24.54 -3.56 34.01
N TYR A 110 -25.08 -4.78 34.08
CA TYR A 110 -25.89 -5.18 35.22
C TYR A 110 -25.05 -5.22 36.50
N VAL A 111 -23.83 -5.73 36.40
CA VAL A 111 -22.97 -5.83 37.58
C VAL A 111 -22.61 -4.46 38.12
N LYS A 112 -22.54 -3.45 37.26
CA LYS A 112 -22.07 -2.13 37.67
C LYS A 112 -23.13 -1.31 38.38
N SER A 113 -24.40 -1.72 38.33
CA SER A 113 -25.46 -1.09 39.11
C SER A 113 -26.10 -2.08 40.09
N PHE A 114 -25.50 -3.26 40.27
CA PHE A 114 -25.91 -4.24 41.27
C PHE A 114 -24.65 -4.97 41.74
N PRO A 115 -23.71 -4.26 42.36
CA PRO A 115 -22.40 -4.87 42.65
C PRO A 115 -22.50 -6.15 43.48
N GLN A 116 -23.57 -6.31 44.26
CA GLN A 116 -23.75 -7.52 45.07
C GLN A 116 -24.17 -8.73 44.26
N SER A 117 -24.30 -8.60 42.93
CA SER A 117 -24.60 -9.73 42.06
C SER A 117 -23.43 -10.06 41.14
N ARG A 118 -22.25 -9.48 41.40
CA ARG A 118 -21.10 -9.66 40.53
C ARG A 118 -20.73 -11.13 40.40
N LYS A 119 -20.35 -11.75 41.52
CA LYS A 119 -19.81 -13.11 41.49
C LYS A 119 -20.72 -14.07 40.74
N ASP A 120 -22.04 -13.92 40.92
CA ASP A 120 -22.97 -14.88 40.31
C ASP A 120 -23.15 -14.62 38.82
N ILE A 121 -23.14 -13.35 38.41
CA ILE A 121 -23.21 -13.04 36.98
C ILE A 121 -21.98 -13.60 36.26
N LEU A 122 -20.79 -13.31 36.79
CA LEU A 122 -19.56 -13.79 36.17
C LEU A 122 -19.58 -15.30 36.02
N LYS A 123 -19.93 -16.01 37.10
CA LYS A 123 -20.03 -17.46 37.04
C LYS A 123 -20.96 -17.89 35.92
N ASP A 124 -22.13 -17.28 35.84
CA ASP A 124 -23.08 -17.66 34.80
C ASP A 124 -22.50 -17.42 33.42
N LEU A 125 -21.97 -16.20 33.18
CA LEU A 125 -21.51 -15.83 31.85
C LEU A 125 -20.48 -16.81 31.30
N VAL A 126 -19.61 -17.34 32.17
CA VAL A 126 -18.61 -18.28 31.68
C VAL A 126 -19.23 -19.64 31.39
N GLU A 127 -20.25 -20.03 32.15
CA GLU A 127 -20.93 -21.29 31.90
C GLU A 127 -21.82 -21.21 30.66
N MET A 128 -22.52 -20.09 30.47
CA MET A 128 -23.36 -19.93 29.30
C MET A 128 -22.55 -20.07 28.02
N CYS A 129 -21.31 -19.59 28.03
CA CYS A 129 -20.45 -19.69 26.85
C CYS A 129 -20.20 -21.15 26.48
N ARG A 130 -20.31 -22.06 27.45
CA ARG A 130 -20.16 -23.48 27.17
C ARG A 130 -21.18 -23.97 26.16
N GLY A 131 -22.25 -23.20 25.93
CA GLY A 131 -23.29 -23.64 25.01
C GLY A 131 -22.89 -23.56 23.54
N VAL A 132 -21.95 -22.68 23.22
CA VAL A 132 -21.43 -22.56 21.86
C VAL A 132 -20.23 -23.49 21.72
N GLN A 133 -20.37 -24.50 20.86
CA GLN A 133 -19.34 -25.53 20.71
C GLN A 133 -18.54 -25.39 19.41
N HIS A 134 -19.00 -24.60 18.45
CA HIS A 134 -18.22 -24.40 17.24
C HIS A 134 -16.84 -23.84 17.62
N PRO A 135 -15.74 -24.39 17.10
CA PRO A 135 -14.42 -23.90 17.51
C PRO A 135 -14.21 -22.41 17.26
N LEU A 136 -14.38 -21.96 16.01
CA LEU A 136 -14.09 -20.56 15.69
C LEU A 136 -15.01 -19.60 16.44
N ARG A 137 -16.33 -19.79 16.30
CA ARG A 137 -17.26 -18.89 16.95
C ARG A 137 -17.12 -18.95 18.47
N GLY A 138 -16.83 -20.13 19.01
CA GLY A 138 -16.59 -20.23 20.43
C GLY A 138 -15.35 -19.50 20.87
N LEU A 139 -14.30 -19.54 20.05
CA LEU A 139 -13.07 -18.84 20.40
C LEU A 139 -13.31 -17.33 20.52
N PHE A 140 -13.94 -16.74 19.51
CA PHE A 140 -14.19 -15.30 19.55
C PHE A 140 -15.19 -14.94 20.64
N LEU A 141 -16.26 -15.72 20.79
CA LEU A 141 -17.23 -15.44 21.84
C LEU A 141 -16.56 -15.37 23.20
N ARG A 142 -15.71 -16.35 23.50
CA ARG A 142 -15.00 -16.35 24.77
C ARG A 142 -13.86 -15.34 24.80
N ASN A 143 -13.37 -14.92 23.65
CA ASN A 143 -12.44 -13.78 23.61
C ASN A 143 -13.16 -12.51 24.04
N TYR A 144 -14.36 -12.28 23.52
CA TYR A 144 -15.15 -11.13 23.94
C TYR A 144 -15.49 -11.22 25.43
N LEU A 145 -15.73 -12.44 25.92
CA LEU A 145 -16.05 -12.60 27.34
C LEU A 145 -14.94 -12.07 28.23
N LEU A 146 -13.69 -12.22 27.80
CA LEU A 146 -12.56 -11.71 28.58
C LEU A 146 -12.52 -10.18 28.54
N GLN A 147 -12.56 -9.62 27.33
CA GLN A 147 -12.43 -8.17 27.19
C GLN A 147 -13.60 -7.45 27.87
N CYS A 148 -14.82 -7.96 27.68
CA CYS A 148 -15.99 -7.25 28.20
C CYS A 148 -15.99 -7.23 29.73
N THR A 149 -15.69 -8.36 30.36
CA THR A 149 -15.61 -8.45 31.81
C THR A 149 -14.26 -8.01 32.34
N ARG A 150 -13.43 -7.41 31.50
CA ARG A 150 -12.04 -7.10 31.84
C ARG A 150 -11.93 -6.31 33.14
N ASN A 151 -12.80 -5.32 33.34
CA ASN A 151 -12.64 -4.36 34.42
C ASN A 151 -13.67 -4.54 35.54
N ILE A 152 -14.28 -5.71 35.66
CA ILE A 152 -15.18 -5.97 36.78
C ILE A 152 -14.82 -7.30 37.45
N LEU A 153 -13.69 -7.88 37.08
CA LEU A 153 -13.24 -9.08 37.78
C LEU A 153 -12.77 -8.69 39.19
N PRO A 154 -13.16 -9.43 40.23
CA PRO A 154 -12.68 -9.09 41.57
C PRO A 154 -11.16 -9.11 41.65
N ASP A 155 -10.60 -8.03 42.20
CA ASP A 155 -9.15 -7.90 42.35
C ASP A 155 -8.88 -7.30 43.73
N GLU A 156 -7.61 -7.38 44.15
CA GLU A 156 -7.26 -6.93 45.50
C GLU A 156 -7.11 -5.42 45.60
N GLY A 157 -6.86 -4.72 44.50
CA GLY A 157 -6.75 -3.28 44.53
C GLY A 157 -8.10 -2.58 44.48
N GLU A 158 -9.16 -3.29 44.89
CA GLU A 158 -10.50 -2.76 44.80
C GLU A 158 -10.77 -1.75 45.90
N PRO A 159 -11.67 -0.78 45.67
CA PRO A 159 -12.06 0.13 46.75
C PRO A 159 -12.65 -0.65 47.92
N THR A 160 -12.56 -0.05 49.10
CA THR A 160 -13.04 -0.70 50.33
C THR A 160 -14.57 -0.78 50.41
N ASP A 161 -15.28 -0.41 49.34
CA ASP A 161 -16.73 -0.44 49.35
C ASP A 161 -17.24 -1.83 49.69
N GLU A 162 -18.29 -1.89 50.50
CA GLU A 162 -19.08 -3.10 50.64
C GLU A 162 -19.81 -3.34 49.31
N GLU A 163 -20.75 -4.28 49.31
CA GLU A 163 -21.66 -4.53 48.20
C GLU A 163 -21.01 -5.20 47.00
N THR A 164 -19.70 -5.44 47.02
CA THR A 164 -19.04 -6.19 45.95
C THR A 164 -18.95 -7.65 46.34
N THR A 165 -19.35 -8.54 45.44
CA THR A 165 -19.31 -9.97 45.67
C THR A 165 -18.20 -10.59 44.82
N GLY A 166 -17.56 -11.61 45.37
CA GLY A 166 -16.44 -12.26 44.72
C GLY A 166 -15.11 -11.68 45.16
N ASP A 167 -14.06 -12.52 45.04
CA ASP A 167 -12.70 -12.11 45.37
C ASP A 167 -11.77 -12.67 44.31
N ILE A 168 -10.47 -12.45 44.50
CA ILE A 168 -9.48 -12.85 43.49
C ILE A 168 -9.60 -14.34 43.18
N SER A 169 -9.95 -15.15 44.19
CA SER A 169 -10.17 -16.57 43.95
C SER A 169 -11.16 -16.81 42.82
N ASP A 170 -12.25 -16.04 42.79
CA ASP A 170 -13.28 -16.25 41.78
C ASP A 170 -12.80 -15.80 40.40
N SER A 171 -11.99 -14.73 40.34
CA SER A 171 -11.46 -14.28 39.06
C SER A 171 -10.53 -15.32 38.45
N MET A 172 -9.67 -15.93 39.28
CA MET A 172 -8.78 -16.97 38.77
C MET A 172 -9.57 -18.11 38.15
N ASP A 173 -10.54 -18.65 38.89
CA ASP A 173 -11.36 -19.74 38.36
C ASP A 173 -12.08 -19.32 37.10
N PHE A 174 -12.55 -18.06 37.06
CA PHE A 174 -13.18 -17.52 35.87
C PHE A 174 -12.26 -17.65 34.65
N VAL A 175 -11.08 -17.05 34.75
CA VAL A 175 -10.15 -17.05 33.61
C VAL A 175 -9.67 -18.46 33.32
N LEU A 176 -9.25 -19.19 34.35
CA LEU A 176 -8.70 -20.53 34.13
C LEU A 176 -9.75 -21.45 33.51
N LEU A 177 -11.00 -21.35 33.95
CA LEU A 177 -12.05 -22.15 33.33
C LEU A 177 -12.24 -21.74 31.88
N ASN A 178 -12.22 -20.45 31.59
CA ASN A 178 -12.30 -20.00 30.20
C ASN A 178 -11.10 -20.49 29.40
N PHE A 179 -9.91 -20.46 30.02
CA PHE A 179 -8.72 -20.92 29.33
C PHE A 179 -8.84 -22.39 28.94
N ALA A 180 -9.31 -23.22 29.87
CA ALA A 180 -9.48 -24.64 29.57
C ALA A 180 -10.47 -24.85 28.43
N GLU A 181 -11.56 -24.08 28.42
CA GLU A 181 -12.58 -24.25 27.38
C GLU A 181 -12.09 -23.68 26.05
N MET A 182 -11.37 -22.56 26.08
CA MET A 182 -10.82 -22.00 24.84
C MET A 182 -9.78 -22.94 24.25
N ASN A 183 -8.99 -23.61 25.09
CA ASN A 183 -7.98 -24.53 24.58
C ASN A 183 -8.63 -25.76 23.96
N LYS A 184 -9.68 -26.28 24.59
CA LYS A 184 -10.44 -27.38 23.98
C LYS A 184 -10.89 -27.00 22.57
N LEU A 185 -11.49 -25.83 22.43
CA LEU A 185 -11.97 -25.38 21.12
C LEU A 185 -10.82 -25.24 20.13
N TRP A 186 -9.65 -24.84 20.60
CA TRP A 186 -8.54 -24.56 19.70
C TRP A 186 -8.00 -25.83 19.06
N VAL A 187 -7.86 -26.90 19.84
CA VAL A 187 -7.34 -28.15 19.29
C VAL A 187 -8.35 -28.81 18.38
N ARG A 188 -9.64 -28.51 18.53
CA ARG A 188 -10.66 -29.08 17.66
C ARG A 188 -10.65 -28.46 16.27
N MET A 189 -10.02 -27.29 16.10
CA MET A 189 -9.96 -26.64 14.80
C MET A 189 -9.12 -27.43 13.81
N GLN A 190 -8.24 -28.32 14.27
CA GLN A 190 -7.38 -29.06 13.38
C GLN A 190 -8.14 -29.99 12.45
N HIS A 191 -9.44 -30.19 12.68
CA HIS A 191 -10.23 -31.13 11.91
C HIS A 191 -11.27 -30.41 11.06
N LYS A 200 -3.72 -27.66 2.73
CA LYS A 200 -4.05 -27.60 4.15
C LYS A 200 -3.24 -26.53 4.85
N ARG A 201 -3.89 -25.45 5.25
CA ARG A 201 -3.24 -24.35 5.95
C ARG A 201 -3.58 -24.44 7.43
N GLU A 202 -2.64 -24.95 8.23
CA GLU A 202 -2.68 -24.72 9.67
C GLU A 202 -2.19 -23.32 10.01
N ARG A 203 -1.70 -22.56 9.03
CA ARG A 203 -1.43 -21.14 9.22
C ARG A 203 -2.60 -20.42 9.85
N GLU A 204 -3.80 -20.97 9.73
CA GLU A 204 -5.00 -20.32 10.27
C GLU A 204 -5.07 -20.48 11.77
N ARG A 205 -4.83 -21.70 12.28
CA ARG A 205 -4.81 -21.92 13.72
C ARG A 205 -3.76 -21.06 14.41
N GLN A 206 -2.61 -20.87 13.76
CA GLN A 206 -1.57 -20.04 14.35
C GLN A 206 -2.09 -18.63 14.65
N GLU A 207 -2.95 -18.11 13.79
CA GLU A 207 -3.45 -16.75 13.98
C GLU A 207 -4.27 -16.63 15.26
N LEU A 208 -5.04 -17.67 15.59
CA LEU A 208 -5.94 -17.63 16.73
C LEU A 208 -5.27 -18.02 18.04
N ARG A 209 -3.98 -18.36 18.02
CA ARG A 209 -3.29 -18.66 19.27
C ARG A 209 -3.39 -17.51 20.26
N ILE A 210 -3.53 -16.29 19.75
CA ILE A 210 -3.58 -15.11 20.61
C ILE A 210 -4.91 -15.06 21.37
N LEU A 211 -5.99 -15.52 20.75
CA LEU A 211 -7.25 -15.60 21.48
C LEU A 211 -7.11 -16.44 22.74
N VAL A 212 -6.42 -17.58 22.63
CA VAL A 212 -6.19 -18.41 23.80
C VAL A 212 -5.16 -17.76 24.72
N GLY A 213 -4.16 -17.09 24.13
CA GLY A 213 -3.13 -16.46 24.93
C GLY A 213 -3.63 -15.31 25.79
N THR A 214 -4.79 -14.74 25.44
CA THR A 214 -5.29 -13.60 26.20
C THR A 214 -5.62 -13.98 27.64
N ASN A 215 -6.01 -15.24 27.87
CA ASN A 215 -6.28 -15.67 29.24
C ASN A 215 -5.05 -15.52 30.12
N LEU A 216 -3.87 -15.86 29.58
CA LEU A 216 -2.64 -15.67 30.34
C LEU A 216 -2.39 -14.20 30.61
N VAL A 217 -2.57 -13.35 29.60
CA VAL A 217 -2.40 -11.91 29.78
C VAL A 217 -3.31 -11.42 30.88
N ARG A 218 -4.59 -11.79 30.82
CA ARG A 218 -5.55 -11.30 31.79
C ARG A 218 -5.20 -11.73 33.21
N LEU A 219 -4.58 -12.91 33.36
CA LEU A 219 -4.10 -13.32 34.67
C LEU A 219 -2.95 -12.45 35.15
N SER A 220 -1.99 -12.16 34.28
CA SER A 220 -0.84 -11.37 34.67
C SER A 220 -1.23 -9.97 35.13
N GLN A 221 -2.41 -9.49 34.72
CA GLN A 221 -2.82 -8.13 35.03
C GLN A 221 -3.80 -8.05 36.19
N LEU A 222 -4.15 -9.18 36.79
CA LEU A 222 -4.84 -9.19 38.07
C LEU A 222 -3.81 -8.94 39.17
N GLU A 223 -4.00 -7.86 39.93
CA GLU A 223 -3.04 -7.53 40.98
C GLU A 223 -3.05 -8.57 42.09
N GLY A 224 -4.18 -9.26 42.27
CA GLY A 224 -4.26 -10.30 43.28
C GLY A 224 -3.39 -11.51 42.99
N VAL A 225 -2.95 -11.66 41.74
CA VAL A 225 -2.09 -12.78 41.37
C VAL A 225 -0.67 -12.47 41.83
N ASN A 226 -0.34 -12.91 43.04
CA ASN A 226 1.00 -12.77 43.58
C ASN A 226 1.77 -14.06 43.37
N VAL A 227 3.06 -14.03 43.73
CA VAL A 227 3.90 -15.21 43.52
C VAL A 227 3.31 -16.43 44.20
N GLU A 228 2.63 -16.23 45.34
CA GLU A 228 2.04 -17.35 46.06
C GLU A 228 0.91 -17.98 45.25
N ARG A 229 -0.12 -17.20 44.94
CA ARG A 229 -1.24 -17.75 44.19
C ARG A 229 -0.80 -18.23 42.81
N TYR A 230 0.28 -17.65 42.28
CA TYR A 230 0.78 -18.09 40.98
C TYR A 230 1.37 -19.48 41.07
N LYS A 231 2.22 -19.72 42.07
CA LYS A 231 2.83 -21.03 42.23
C LYS A 231 1.80 -22.08 42.64
N GLN A 232 0.84 -21.70 43.46
CA GLN A 232 -0.10 -22.67 44.03
C GLN A 232 -1.30 -22.95 43.13
N ILE A 233 -1.86 -21.92 42.48
CA ILE A 233 -3.12 -22.04 41.76
C ILE A 233 -2.94 -21.81 40.26
N VAL A 234 -2.32 -20.68 39.89
CA VAL A 234 -2.34 -20.23 38.50
C VAL A 234 -1.50 -21.16 37.63
N LEU A 235 -0.18 -21.17 37.85
CA LEU A 235 0.71 -21.95 36.99
C LEU A 235 0.29 -23.41 36.96
N THR A 236 -0.08 -23.97 38.11
CA THR A 236 -0.51 -25.36 38.15
C THR A 236 -1.71 -25.59 37.24
N GLY A 237 -2.66 -24.67 37.24
CA GLY A 237 -3.79 -24.80 36.33
C GLY A 237 -3.38 -24.71 34.88
N ILE A 238 -2.47 -23.78 34.56
CA ILE A 238 -2.05 -23.58 33.18
C ILE A 238 -1.28 -24.80 32.69
N LEU A 239 -0.20 -25.17 33.39
CA LEU A 239 0.61 -26.30 32.96
C LEU A 239 -0.23 -27.56 32.79
N GLU A 240 -1.19 -27.78 33.68
CA GLU A 240 -2.07 -28.94 33.57
C GLU A 240 -2.74 -28.98 32.21
N GLN A 241 -3.26 -27.84 31.76
CA GLN A 241 -3.89 -27.77 30.44
C GLN A 241 -2.84 -27.92 29.33
N VAL A 242 -1.63 -27.42 29.54
CA VAL A 242 -0.62 -27.44 28.50
C VAL A 242 -0.12 -28.86 28.28
N VAL A 243 0.23 -29.55 29.37
CA VAL A 243 0.84 -30.88 29.25
C VAL A 243 -0.15 -31.87 28.62
N ASN A 244 -1.40 -31.84 29.07
CA ASN A 244 -2.43 -32.72 28.52
C ASN A 244 -2.91 -32.28 27.15
N CYS A 245 -2.32 -31.22 26.58
CA CYS A 245 -2.81 -30.69 25.31
C CYS A 245 -2.59 -31.67 24.17
N ARG A 246 -1.42 -32.30 24.12
CA ARG A 246 -1.10 -33.28 23.07
C ARG A 246 -1.16 -32.63 21.70
N ASP A 247 -0.59 -31.43 21.59
CA ASP A 247 -0.53 -30.70 20.34
C ASP A 247 0.69 -29.77 20.37
N ALA A 248 1.63 -30.00 19.46
CA ALA A 248 2.91 -29.31 19.54
C ALA A 248 2.78 -27.82 19.26
N LEU A 249 1.88 -27.44 18.35
CA LEU A 249 1.66 -26.02 18.08
C LEU A 249 1.22 -25.29 19.34
N ALA A 250 0.18 -25.78 20.00
CA ALA A 250 -0.35 -25.12 21.19
C ALA A 250 0.63 -25.17 22.35
N GLN A 251 1.34 -26.29 22.51
CA GLN A 251 2.25 -26.44 23.64
C GLN A 251 3.41 -25.46 23.54
N GLU A 252 4.03 -25.35 22.37
CA GLU A 252 5.18 -24.47 22.23
C GLU A 252 4.77 -23.02 22.37
N TYR A 253 3.59 -22.64 21.86
CA TYR A 253 3.12 -21.28 22.03
C TYR A 253 2.82 -20.97 23.49
N LEU A 254 2.02 -21.81 24.13
CA LEU A 254 1.58 -21.53 25.49
C LEU A 254 2.76 -21.48 26.45
N MET A 255 3.75 -22.36 26.27
CA MET A 255 4.90 -22.36 27.17
C MET A 255 5.77 -21.12 26.96
N GLU A 256 5.96 -20.71 25.70
CA GLU A 256 6.65 -19.44 25.45
C GLU A 256 5.80 -18.27 25.92
N CYS A 257 4.48 -18.41 25.91
CA CYS A 257 3.61 -17.35 26.42
C CYS A 257 3.74 -17.22 27.94
N ILE A 258 3.99 -18.33 28.64
CA ILE A 258 4.18 -18.25 30.09
C ILE A 258 5.44 -17.49 30.42
N ILE A 259 6.54 -17.78 29.71
CA ILE A 259 7.81 -17.10 29.98
C ILE A 259 7.64 -15.59 29.79
N GLN A 260 7.00 -15.19 28.69
CA GLN A 260 6.95 -13.78 28.32
C GLN A 260 5.98 -13.00 29.19
N VAL A 261 4.82 -13.58 29.49
CA VAL A 261 3.73 -12.81 30.09
C VAL A 261 4.01 -12.52 31.56
N PHE A 262 4.44 -13.54 32.30
CA PHE A 262 4.57 -13.37 33.74
C PHE A 262 5.96 -12.87 34.11
N PRO A 263 6.10 -12.18 35.24
CA PRO A 263 7.38 -11.53 35.56
C PRO A 263 8.47 -12.55 35.89
N ASP A 264 9.71 -12.08 35.77
CA ASP A 264 10.86 -12.91 36.10
C ASP A 264 10.93 -13.22 37.60
N GLU A 265 10.22 -12.46 38.43
CA GLU A 265 10.15 -12.75 39.85
C GLU A 265 9.25 -13.95 40.15
N PHE A 266 8.34 -14.29 39.24
CA PHE A 266 7.50 -15.47 39.42
C PHE A 266 8.21 -16.73 38.97
N HIS A 267 9.01 -16.64 37.90
CA HIS A 267 9.66 -17.83 37.37
C HIS A 267 10.70 -18.38 38.33
N LEU A 268 11.37 -17.51 39.09
CA LEU A 268 12.41 -17.98 40.01
C LEU A 268 11.83 -18.87 41.10
N GLN A 269 10.55 -18.69 41.43
CA GLN A 269 9.88 -19.52 42.43
C GLN A 269 9.14 -20.69 41.80
N THR A 270 9.24 -20.89 40.49
CA THR A 270 8.56 -21.99 39.81
C THR A 270 9.43 -22.62 38.74
N LEU A 271 10.76 -22.51 38.87
CA LEU A 271 11.65 -23.07 37.85
C LEU A 271 11.47 -24.58 37.73
N ASN A 272 11.31 -25.27 38.86
CA ASN A 272 11.21 -26.73 38.80
C ASN A 272 9.93 -27.19 38.12
N PRO A 273 8.75 -26.82 38.59
CA PRO A 273 7.52 -27.34 37.95
C PRO A 273 7.40 -26.95 36.49
N PHE A 274 8.00 -25.82 36.10
CA PHE A 274 7.97 -25.41 34.70
C PHE A 274 8.87 -26.30 33.85
N LEU A 275 10.15 -26.39 34.21
CA LEU A 275 11.06 -27.26 33.49
C LEU A 275 10.63 -28.71 33.58
N ARG A 276 10.00 -29.09 34.69
CA ARG A 276 9.45 -30.43 34.82
C ARG A 276 8.39 -30.69 33.76
N ALA A 277 7.59 -29.66 33.44
CA ALA A 277 6.60 -29.78 32.37
C ALA A 277 7.24 -29.77 30.99
N CYS A 278 8.46 -29.24 30.86
CA CYS A 278 9.13 -29.22 29.56
C CYS A 278 9.48 -30.62 29.07
N ALA A 279 9.67 -31.56 30.00
CA ALA A 279 10.00 -32.93 29.61
C ALA A 279 8.80 -33.63 28.98
N GLU A 280 7.61 -33.42 29.55
CA GLU A 280 6.40 -34.12 29.12
C GLU A 280 5.77 -33.51 27.87
N LEU A 281 6.37 -32.45 27.32
CA LEU A 281 5.81 -31.85 26.12
C LEU A 281 5.95 -32.79 24.92
N HIS A 282 5.07 -32.58 23.95
CA HIS A 282 5.04 -33.41 22.74
C HIS A 282 6.41 -33.44 22.09
N GLN A 283 6.68 -34.49 21.31
CA GLN A 283 8.02 -34.70 20.78
C GLN A 283 8.39 -33.66 19.73
N ASN A 284 7.41 -33.10 19.03
CA ASN A 284 7.68 -32.08 18.01
C ASN A 284 7.87 -30.70 18.59
N VAL A 285 7.63 -30.50 19.89
CA VAL A 285 7.87 -29.20 20.50
C VAL A 285 9.37 -28.93 20.52
N ASN A 286 9.73 -27.67 20.32
CA ASN A 286 11.14 -27.25 20.38
C ASN A 286 11.45 -26.82 21.81
N VAL A 287 11.64 -27.82 22.68
CA VAL A 287 11.93 -27.54 24.08
C VAL A 287 13.23 -26.78 24.24
N LYS A 288 14.11 -26.83 23.24
CA LYS A 288 15.31 -26.01 23.26
C LYS A 288 14.95 -24.54 23.40
N ASN A 289 14.24 -24.00 22.40
CA ASN A 289 13.91 -22.59 22.39
C ASN A 289 13.17 -22.16 23.65
N ILE A 290 12.34 -23.05 24.21
CA ILE A 290 11.64 -22.72 25.45
C ILE A 290 12.65 -22.49 26.57
N ILE A 291 13.53 -23.46 26.80
CA ILE A 291 14.45 -23.37 27.95
C ILE A 291 15.39 -22.19 27.78
N ILE A 292 15.92 -22.00 26.57
CA ILE A 292 16.82 -20.87 26.33
C ILE A 292 16.12 -19.57 26.68
N ALA A 293 14.86 -19.43 26.26
CA ALA A 293 14.09 -18.23 26.56
C ALA A 293 14.05 -17.98 28.06
N LEU A 294 13.71 -19.01 28.85
CA LEU A 294 13.63 -18.85 30.29
C LEU A 294 14.99 -18.50 30.88
N ILE A 295 16.06 -19.08 30.35
CA ILE A 295 17.40 -18.77 30.87
C ILE A 295 17.74 -17.31 30.59
N ASP A 296 17.44 -16.83 29.39
CA ASP A 296 17.80 -15.45 29.04
C ASP A 296 17.02 -14.45 29.87
N ARG A 297 15.72 -14.66 30.05
CA ARG A 297 14.93 -13.76 30.89
C ARG A 297 15.51 -13.66 32.29
N LEU A 298 16.11 -14.74 32.80
CA LEU A 298 16.72 -14.71 34.12
C LEU A 298 18.13 -14.13 34.09
N ALA A 299 18.80 -14.17 32.94
CA ALA A 299 20.05 -13.43 32.80
C ALA A 299 19.79 -11.93 32.79
N LEU A 300 18.76 -11.49 32.07
CA LEU A 300 18.39 -10.06 32.12
C LEU A 300 17.99 -9.66 33.52
N PHE A 301 17.23 -10.51 34.22
CA PHE A 301 16.78 -10.19 35.57
C PHE A 301 17.92 -10.24 36.58
N ALA A 302 18.99 -10.99 36.30
CA ALA A 302 20.13 -11.06 37.20
C ALA A 302 20.99 -9.80 37.07
N HIS A 303 21.30 -9.39 35.84
CA HIS A 303 22.11 -8.22 35.58
C HIS A 303 21.28 -6.94 35.55
N ARG A 304 20.18 -6.89 36.30
CA ARG A 304 19.29 -5.73 36.31
C ARG A 304 19.69 -4.78 37.43
N GLU A 305 19.62 -3.48 37.15
CA GLU A 305 19.98 -2.45 38.11
C GLU A 305 18.78 -2.11 38.99
N ASP A 306 19.08 -1.76 40.24
CA ASP A 306 18.07 -1.28 41.21
C ASP A 306 17.02 -2.34 41.52
N GLY A 307 17.29 -3.61 41.21
CA GLY A 307 16.33 -4.66 41.47
C GLY A 307 16.90 -5.77 42.33
N PRO A 308 16.03 -6.59 42.92
CA PRO A 308 16.51 -7.74 43.70
C PRO A 308 17.03 -8.85 42.82
N GLY A 309 18.35 -9.06 42.82
CA GLY A 309 18.95 -10.08 41.98
C GLY A 309 18.48 -11.47 42.35
N ILE A 310 19.10 -12.48 41.74
CA ILE A 310 18.78 -13.87 42.03
C ILE A 310 19.16 -14.15 43.47
N PRO A 311 18.23 -14.41 44.38
CA PRO A 311 18.62 -14.67 45.78
C PRO A 311 19.52 -15.90 45.87
N ALA A 312 20.56 -15.79 46.71
CA ALA A 312 21.62 -16.78 46.73
C ALA A 312 21.12 -18.19 47.03
N ASP A 313 19.98 -18.32 47.71
CA ASP A 313 19.44 -19.64 48.01
C ASP A 313 18.76 -20.30 46.81
N ILE A 314 18.67 -19.61 45.68
CA ILE A 314 18.17 -20.20 44.44
C ILE A 314 19.38 -20.48 43.56
N LYS A 315 19.75 -21.77 43.46
CA LYS A 315 20.94 -22.19 42.74
C LYS A 315 20.55 -22.39 41.28
N LEU A 316 20.72 -21.34 40.47
CA LEU A 316 20.28 -21.40 39.07
C LEU A 316 20.98 -22.53 38.33
N PHE A 317 22.30 -22.61 38.44
CA PHE A 317 23.03 -23.62 37.68
C PHE A 317 22.59 -25.03 38.06
N ASP A 318 22.37 -25.27 39.35
CA ASP A 318 21.93 -26.59 39.79
C ASP A 318 20.57 -26.94 39.21
N ILE A 319 19.60 -26.04 39.36
CA ILE A 319 18.24 -26.34 38.92
C ILE A 319 18.20 -26.57 37.42
N PHE A 320 19.00 -25.82 36.66
CA PHE A 320 18.96 -25.92 35.21
C PHE A 320 19.76 -27.10 34.70
N SER A 321 20.98 -27.30 35.22
CA SER A 321 21.79 -28.42 34.76
C SER A 321 21.07 -29.75 34.96
N GLN A 322 20.44 -29.93 36.13
CA GLN A 322 19.69 -31.15 36.38
C GLN A 322 18.48 -31.24 35.45
N GLN A 323 17.63 -30.22 35.45
CA GLN A 323 16.40 -30.28 34.69
C GLN A 323 16.67 -30.36 33.20
N VAL A 324 17.70 -29.66 32.71
CA VAL A 324 18.08 -29.80 31.31
C VAL A 324 18.51 -31.22 31.02
N ALA A 325 19.27 -31.83 31.93
CA ALA A 325 19.64 -33.24 31.77
C ALA A 325 18.41 -34.12 31.65
N THR A 326 17.36 -33.80 32.42
CA THR A 326 16.14 -34.59 32.34
C THR A 326 15.36 -34.28 31.07
N VAL A 327 15.38 -33.02 30.63
CA VAL A 327 14.68 -32.65 29.40
C VAL A 327 15.30 -33.36 28.20
N ILE A 328 16.63 -33.27 28.08
CA ILE A 328 17.32 -33.96 26.98
C ILE A 328 17.01 -35.45 27.03
N GLN A 329 17.07 -36.04 28.23
CA GLN A 329 16.93 -37.48 28.37
C GLN A 329 15.60 -37.98 27.82
N SER A 330 14.55 -37.15 27.89
CA SER A 330 13.22 -37.55 27.49
C SER A 330 12.92 -37.26 26.02
N ARG A 331 13.83 -36.62 25.30
CA ARG A 331 13.56 -36.27 23.91
C ARG A 331 13.91 -37.45 23.00
N GLN A 332 12.93 -37.90 22.23
CA GLN A 332 13.14 -39.06 21.36
C GLN A 332 14.22 -38.78 20.33
N ASP A 333 14.00 -37.79 19.46
CA ASP A 333 14.95 -37.42 18.41
C ASP A 333 15.21 -35.91 18.51
N MET A 334 15.97 -35.51 19.52
CA MET A 334 16.40 -34.12 19.62
C MET A 334 17.72 -33.93 18.89
N PRO A 335 17.84 -32.98 17.97
CA PRO A 335 19.08 -32.87 17.20
C PRO A 335 20.27 -32.56 18.08
N SER A 336 21.41 -33.19 17.77
CA SER A 336 22.64 -32.94 18.52
C SER A 336 22.96 -31.45 18.56
N GLU A 337 22.84 -30.78 17.41
CA GLU A 337 22.98 -29.32 17.36
C GLU A 337 22.22 -28.65 18.50
N ASP A 338 20.95 -29.02 18.69
CA ASP A 338 20.15 -28.42 19.76
C ASP A 338 20.63 -28.88 21.13
N VAL A 339 21.15 -30.10 21.23
CA VAL A 339 21.67 -30.58 22.50
C VAL A 339 22.86 -29.74 22.94
N VAL A 340 23.66 -29.26 22.00
CA VAL A 340 24.79 -28.40 22.37
C VAL A 340 24.31 -27.00 22.73
N SER A 341 23.23 -26.54 22.08
CA SER A 341 22.71 -25.21 22.38
C SER A 341 22.34 -25.09 23.86
N LEU A 342 21.66 -26.10 24.40
CA LEU A 342 21.32 -26.08 25.81
C LEU A 342 22.57 -26.03 26.69
N GLN A 343 23.61 -26.77 26.29
CA GLN A 343 24.87 -26.70 27.03
C GLN A 343 25.48 -25.32 26.91
N VAL A 344 25.39 -24.70 25.73
CA VAL A 344 25.94 -23.37 25.52
C VAL A 344 25.27 -22.37 26.46
N SER A 345 23.93 -22.44 26.55
CA SER A 345 23.23 -21.58 27.49
C SER A 345 23.48 -22.00 28.94
N LEU A 346 23.85 -23.26 29.16
CA LEU A 346 24.21 -23.72 30.50
C LEU A 346 25.61 -23.27 30.91
N ILE A 347 26.47 -22.91 29.95
CA ILE A 347 27.87 -22.65 30.25
C ILE A 347 28.09 -21.16 30.41
N ASN A 348 27.33 -20.35 29.65
CA ASN A 348 27.38 -18.90 29.87
C ASN A 348 26.55 -18.50 31.08
N LEU A 349 25.54 -19.30 31.43
CA LEU A 349 24.84 -19.09 32.69
C LEU A 349 25.75 -19.35 33.89
N ALA A 350 26.69 -20.27 33.74
CA ALA A 350 27.59 -20.66 34.83
C ALA A 350 28.80 -19.75 34.97
N MET A 351 28.90 -18.67 34.19
CA MET A 351 30.10 -17.84 34.18
C MET A 351 29.85 -16.34 34.35
N LYS A 352 28.67 -15.82 34.02
CA LYS A 352 28.33 -14.45 34.38
C LYS A 352 27.31 -14.39 35.50
N CYS A 353 26.75 -15.52 35.93
CA CYS A 353 26.05 -15.60 37.21
C CYS A 353 26.93 -16.20 38.31
N TYR A 354 27.89 -17.03 37.94
CA TYR A 354 28.82 -17.64 38.91
C TYR A 354 30.21 -17.65 38.28
N PRO A 355 30.86 -16.48 38.18
CA PRO A 355 32.14 -16.43 37.46
C PRO A 355 33.26 -17.23 38.12
N ASP A 356 33.38 -17.17 39.45
CA ASP A 356 34.43 -17.90 40.14
C ASP A 356 34.26 -19.41 40.05
N ARG A 357 33.14 -19.89 39.49
CA ARG A 357 32.86 -21.32 39.44
C ARG A 357 33.46 -21.91 38.18
N VAL A 358 34.73 -22.29 38.27
CA VAL A 358 35.38 -23.03 37.19
C VAL A 358 34.87 -24.45 37.14
N ASP A 359 34.51 -25.01 38.30
CA ASP A 359 33.98 -26.37 38.35
C ASP A 359 32.74 -26.52 37.49
N TYR A 360 31.87 -25.49 37.48
CA TYR A 360 30.67 -25.53 36.65
C TYR A 360 31.02 -25.75 35.19
N VAL A 361 31.93 -24.93 34.66
CA VAL A 361 32.22 -24.94 33.22
C VAL A 361 32.69 -26.32 32.79
N ASP A 362 33.57 -26.94 33.57
CA ASP A 362 34.06 -28.27 33.21
C ASP A 362 32.96 -29.32 33.30
N LYS A 363 32.02 -29.16 34.24
CA LYS A 363 30.91 -30.09 34.34
C LYS A 363 30.06 -30.05 33.08
N VAL A 364 29.79 -28.86 32.56
CA VAL A 364 29.06 -28.73 31.29
C VAL A 364 29.79 -29.48 30.19
N LEU A 365 31.10 -29.21 30.04
CA LEU A 365 31.87 -29.86 29.00
C LEU A 365 31.87 -31.37 29.19
N GLU A 366 32.13 -31.84 30.42
CA GLU A 366 32.07 -33.28 30.68
C GLU A 366 30.72 -33.85 30.29
N THR A 367 29.63 -33.19 30.72
CA THR A 367 28.30 -33.65 30.37
C THR A 367 28.14 -33.72 28.85
N THR A 368 28.68 -32.73 28.13
CA THR A 368 28.63 -32.78 26.67
C THR A 368 29.43 -33.96 26.13
N VAL A 369 30.53 -34.31 26.79
CA VAL A 369 31.32 -35.46 26.35
C VAL A 369 30.49 -36.74 26.45
N GLU A 370 29.85 -36.96 27.61
CA GLU A 370 28.99 -38.12 27.77
C GLU A 370 28.00 -38.24 26.62
N ILE A 371 27.28 -37.15 26.34
CA ILE A 371 26.28 -37.18 25.28
C ILE A 371 26.94 -37.60 23.97
N PHE A 372 28.16 -37.12 23.73
CA PHE A 372 28.85 -37.42 22.47
C PHE A 372 29.37 -38.86 22.41
N ASN A 373 29.73 -39.44 23.55
CA ASN A 373 30.21 -40.82 23.54
C ASN A 373 29.12 -41.76 23.06
N LYS A 374 27.89 -41.55 23.52
CA LYS A 374 26.77 -42.38 23.09
C LYS A 374 26.28 -42.03 21.69
N LEU A 375 26.81 -40.97 21.08
CA LEU A 375 26.55 -40.70 19.67
C LEU A 375 27.76 -41.15 18.85
N SER A 383 27.53 -33.68 11.63
CA SER A 383 27.28 -32.74 10.54
C SER A 383 27.92 -31.38 10.84
N SER A 384 27.85 -30.48 9.86
CA SER A 384 28.38 -29.13 10.05
C SER A 384 27.57 -28.35 11.08
N ALA A 385 26.26 -28.60 11.14
CA ALA A 385 25.40 -27.80 12.01
C ALA A 385 25.82 -27.92 13.46
N VAL A 386 26.06 -29.15 13.93
CA VAL A 386 26.44 -29.35 15.32
C VAL A 386 27.84 -28.79 15.57
N SER A 387 28.72 -28.81 14.56
CA SER A 387 30.08 -28.30 14.76
C SER A 387 30.08 -26.80 14.93
N LYS A 388 29.23 -26.08 14.19
CA LYS A 388 29.09 -24.65 14.40
C LYS A 388 28.65 -24.33 15.83
N GLU A 389 27.93 -25.25 16.46
CA GLU A 389 27.47 -25.06 17.82
C GLU A 389 28.51 -25.48 18.85
N LEU A 390 29.37 -26.44 18.51
CA LEU A 390 30.40 -26.87 19.45
C LEU A 390 31.54 -25.86 19.52
N THR A 391 31.92 -25.27 18.39
CA THR A 391 32.88 -24.17 18.42
C THR A 391 32.35 -23.01 19.24
N ARG A 392 31.04 -22.75 19.13
CA ARG A 392 30.39 -21.79 20.01
C ARG A 392 30.63 -22.16 21.47
N LEU A 393 30.42 -23.43 21.80
CA LEU A 393 30.52 -23.87 23.19
C LEU A 393 31.93 -23.73 23.74
N LEU A 394 32.94 -24.06 22.92
CA LEU A 394 34.34 -24.00 23.37
C LEU A 394 34.95 -22.62 23.22
N LYS A 395 34.37 -21.75 22.39
CA LYS A 395 34.85 -20.37 22.31
C LYS A 395 34.39 -19.53 23.48
N ILE A 396 33.30 -19.93 24.15
CA ILE A 396 32.80 -19.15 25.28
C ILE A 396 33.80 -19.13 26.45
N PRO A 397 34.36 -20.26 26.87
CA PRO A 397 35.34 -20.18 27.97
C PRO A 397 36.56 -19.35 27.66
N VAL A 398 37.13 -19.49 26.46
CA VAL A 398 38.37 -18.79 26.14
C VAL A 398 38.11 -17.29 25.98
N ASP A 399 36.92 -16.92 25.50
CA ASP A 399 36.56 -15.51 25.46
C ASP A 399 36.34 -14.95 26.86
N THR A 400 35.66 -15.72 27.72
CA THR A 400 35.43 -15.29 29.10
C THR A 400 36.70 -15.42 29.92
N TYR A 401 37.37 -16.56 29.84
CA TYR A 401 38.68 -16.75 30.46
C TYR A 401 39.75 -16.32 29.46
N ASN A 402 40.19 -15.07 29.57
CA ASN A 402 41.38 -14.63 28.85
C ASN A 402 42.67 -15.09 29.53
N ASN A 403 42.56 -16.00 30.50
CA ASN A 403 43.68 -16.50 31.28
C ASN A 403 43.74 -18.01 31.08
N ILE A 404 44.62 -18.47 30.18
CA ILE A 404 44.68 -19.89 29.89
C ILE A 404 45.01 -20.69 31.14
N LEU A 405 45.65 -20.07 32.13
CA LEU A 405 45.85 -20.75 33.40
C LEU A 405 44.52 -21.25 33.96
N THR A 406 43.44 -20.52 33.74
CA THR A 406 42.12 -21.01 34.13
C THR A 406 41.65 -22.12 33.20
N VAL A 407 41.99 -22.02 31.91
CA VAL A 407 41.58 -23.04 30.95
C VAL A 407 42.33 -24.35 31.19
N LEU A 408 43.51 -24.29 31.81
CA LEU A 408 44.21 -25.51 32.17
C LEU A 408 43.35 -26.41 33.05
N LYS A 409 42.47 -25.81 33.85
CA LYS A 409 41.70 -26.58 34.83
C LYS A 409 40.61 -27.42 34.18
N LEU A 410 40.04 -26.96 33.08
CA LEU A 410 38.97 -27.69 32.40
C LEU A 410 39.57 -28.92 31.71
N LYS A 411 39.33 -30.09 32.31
CA LYS A 411 39.92 -31.31 31.79
C LYS A 411 39.19 -31.83 30.55
N HIS A 412 37.91 -31.50 30.42
CA HIS A 412 37.10 -31.98 29.30
C HIS A 412 37.05 -30.97 28.16
N PHE A 413 37.87 -29.92 28.24
CA PHE A 413 38.01 -28.99 27.12
C PHE A 413 38.56 -29.69 25.88
N HIS A 414 39.55 -30.57 26.06
CA HIS A 414 40.23 -31.14 24.89
C HIS A 414 39.54 -32.40 24.37
N PRO A 415 39.02 -33.28 25.23
CA PRO A 415 38.20 -34.37 24.68
C PRO A 415 37.12 -33.89 23.74
N LEU A 416 36.52 -32.73 24.02
CA LEU A 416 35.51 -32.19 23.11
C LEU A 416 36.10 -31.70 21.80
N PHE A 417 37.39 -31.32 21.80
CA PHE A 417 38.07 -31.04 20.54
C PHE A 417 38.00 -32.23 19.60
N GLU A 418 38.12 -33.44 20.16
CA GLU A 418 38.22 -34.65 19.35
C GLU A 418 36.99 -34.89 18.47
N TYR A 419 35.89 -34.17 18.72
CA TYR A 419 34.61 -34.46 18.07
C TYR A 419 34.29 -33.49 16.93
N PHE A 420 35.28 -32.76 16.42
CA PHE A 420 35.04 -31.72 15.44
C PHE A 420 35.17 -32.24 14.01
N ASP A 421 34.76 -31.39 13.07
CA ASP A 421 35.18 -31.50 11.68
C ASP A 421 36.66 -31.16 11.56
N TYR A 422 37.34 -31.77 10.58
CA TYR A 422 38.80 -31.73 10.58
C TYR A 422 39.33 -30.31 10.41
N GLU A 423 38.76 -29.54 9.48
CA GLU A 423 39.18 -28.15 9.38
C GLU A 423 38.70 -27.34 10.58
N SER A 424 37.54 -27.69 11.15
CA SER A 424 37.09 -27.02 12.37
C SER A 424 38.00 -27.33 13.55
N ARG A 425 38.59 -28.51 13.59
CA ARG A 425 39.55 -28.83 14.64
C ARG A 425 40.72 -27.85 14.65
N LYS A 426 41.25 -27.56 13.47
CA LYS A 426 42.42 -26.69 13.39
C LYS A 426 42.06 -25.23 13.65
N SER A 427 40.87 -24.80 13.24
CA SER A 427 40.48 -23.41 13.45
C SER A 427 40.20 -23.13 14.92
N MET A 428 39.58 -24.10 15.61
CA MET A 428 39.43 -23.96 17.06
C MET A 428 40.79 -23.99 17.74
N SER A 429 41.66 -24.93 17.35
CA SER A 429 43.00 -25.02 17.95
C SER A 429 43.82 -23.78 17.62
N CYS A 430 43.66 -23.24 16.41
CA CYS A 430 44.30 -21.97 16.07
C CYS A 430 43.79 -20.85 16.96
N TYR A 431 42.50 -20.88 17.29
CA TYR A 431 41.90 -19.84 18.12
C TYR A 431 42.37 -19.92 19.56
N VAL A 432 42.58 -21.14 20.06
CA VAL A 432 43.11 -21.31 21.41
C VAL A 432 44.56 -20.83 21.47
N LEU A 433 45.35 -21.15 20.45
CA LEU A 433 46.75 -20.74 20.45
C LEU A 433 46.89 -19.24 20.29
N SER A 434 46.05 -18.63 19.44
CA SER A 434 46.03 -17.18 19.34
C SER A 434 45.74 -16.53 20.69
N ASN A 435 45.13 -17.26 21.62
CA ASN A 435 44.85 -16.74 22.95
C ASN A 435 46.07 -16.78 23.87
N VAL A 436 47.05 -17.63 23.57
CA VAL A 436 48.24 -17.74 24.41
C VAL A 436 48.94 -16.40 24.52
N ASP A 447 54.68 -31.26 32.47
CA ASP A 447 53.89 -30.09 32.83
C ASP A 447 52.69 -29.94 31.90
N GLN A 448 51.65 -29.26 32.36
CA GLN A 448 50.38 -29.24 31.64
C GLN A 448 50.39 -28.26 30.47
N VAL A 449 50.97 -27.06 30.63
CA VAL A 449 50.84 -26.06 29.58
C VAL A 449 51.49 -26.54 28.29
N ASP A 450 52.74 -27.02 28.37
CA ASP A 450 53.40 -27.46 27.15
C ASP A 450 52.88 -28.80 26.66
N SER A 451 52.21 -29.57 27.52
CA SER A 451 51.59 -30.82 27.07
C SER A 451 50.24 -30.61 26.42
N ILE A 452 49.55 -29.50 26.69
CA ILE A 452 48.37 -29.18 25.89
C ILE A 452 48.79 -28.52 24.59
N MET A 453 49.95 -27.84 24.57
CA MET A 453 50.45 -27.24 23.34
C MET A 453 50.81 -28.31 22.32
N ASN A 454 51.46 -29.39 22.76
CA ASN A 454 51.83 -30.45 21.83
C ASN A 454 50.59 -31.23 21.38
N LEU A 455 49.53 -31.24 22.19
CA LEU A 455 48.29 -31.91 21.80
C LEU A 455 47.55 -31.13 20.73
N VAL A 456 47.37 -29.82 20.93
CA VAL A 456 46.73 -29.01 19.90
C VAL A 456 47.55 -29.04 18.62
N SER A 457 48.88 -28.93 18.74
CA SER A 457 49.73 -28.89 17.56
C SER A 457 49.62 -30.18 16.75
N THR A 458 49.56 -31.33 17.44
CA THR A 458 49.40 -32.59 16.73
C THR A 458 48.11 -32.60 15.91
N LEU A 459 47.02 -32.09 16.48
CA LEU A 459 45.74 -32.11 15.76
C LEU A 459 45.76 -31.15 14.58
N ILE A 460 46.59 -30.11 14.64
CA ILE A 460 46.74 -29.22 13.49
C ILE A 460 47.22 -30.02 12.27
N GLN A 461 48.01 -31.06 12.49
CA GLN A 461 48.49 -31.92 11.42
C GLN A 461 47.35 -32.35 10.50
N MET B 3 -0.53 -11.75 17.34
CA MET B 3 -0.62 -10.31 17.19
C MET B 3 -0.73 -9.60 18.53
N GLY B 4 0.32 -8.86 18.91
CA GLY B 4 0.11 -7.77 19.85
C GLY B 4 -0.75 -6.66 19.28
N SER B 5 -0.95 -6.67 17.96
CA SER B 5 -1.88 -5.73 17.34
C SER B 5 -3.32 -6.04 17.73
N LYS B 6 -3.63 -7.29 18.07
CA LYS B 6 -4.95 -7.59 18.63
C LYS B 6 -5.13 -6.90 19.97
N LEU B 7 -4.14 -7.01 20.86
CA LEU B 7 -4.20 -6.28 22.12
C LEU B 7 -4.28 -4.78 21.86
N LEU B 8 -3.55 -4.29 20.86
CA LEU B 8 -3.64 -2.88 20.50
C LEU B 8 -4.99 -2.56 19.87
N ASP B 9 -5.46 -3.42 18.97
CA ASP B 9 -6.76 -3.20 18.33
C ASP B 9 -7.87 -3.08 19.37
N GLU B 10 -7.77 -3.83 20.46
CA GLU B 10 -8.75 -3.74 21.52
C GLU B 10 -8.51 -2.52 22.41
N ALA B 11 -7.27 -2.06 22.51
CA ALA B 11 -6.99 -0.86 23.28
C ALA B 11 -7.52 0.38 22.57
N ILE B 12 -7.24 0.49 21.27
CA ILE B 12 -7.76 1.61 20.49
C ILE B 12 -9.28 1.62 20.52
N GLN B 13 -9.90 0.44 20.42
CA GLN B 13 -11.35 0.37 20.39
C GLN B 13 -11.95 0.94 21.68
N ALA B 14 -11.34 0.62 22.83
CA ALA B 14 -11.81 1.21 24.09
C ALA B 14 -11.57 2.70 24.11
N VAL B 15 -10.40 3.15 23.65
CA VAL B 15 -10.11 4.58 23.60
C VAL B 15 -11.15 5.30 22.75
N LYS B 16 -11.50 4.74 21.59
CA LYS B 16 -12.48 5.38 20.72
C LYS B 16 -13.82 5.52 21.43
N VAL B 17 -14.28 4.46 22.10
CA VAL B 17 -15.56 4.51 22.80
C VAL B 17 -15.52 5.54 23.92
N GLN B 18 -14.44 5.50 24.72
CA GLN B 18 -14.34 6.43 25.85
C GLN B 18 -14.18 7.86 25.39
N SER B 19 -13.38 8.08 24.33
CA SER B 19 -13.26 9.43 23.78
C SER B 19 -14.61 9.94 23.32
N PHE B 20 -15.42 9.07 22.73
CA PHE B 20 -16.73 9.48 22.25
C PHE B 20 -17.59 10.01 23.39
N GLN B 21 -17.58 9.32 24.54
CA GLN B 21 -18.36 9.78 25.68
C GLN B 21 -17.75 11.02 26.31
N MET B 22 -16.43 11.06 26.40
CA MET B 22 -15.75 12.25 26.92
C MET B 22 -16.20 13.49 26.18
N LYS B 23 -16.04 13.49 24.85
CA LYS B 23 -16.47 14.63 24.05
C LYS B 23 -17.97 14.89 24.22
N ARG B 24 -18.77 13.84 24.40
CA ARG B 24 -20.20 14.03 24.56
C ARG B 24 -20.54 14.66 25.89
N CYS B 25 -19.81 14.29 26.95
CA CYS B 25 -20.00 14.93 28.25
C CYS B 25 -19.52 16.38 28.23
N LEU B 26 -18.39 16.63 27.57
CA LEU B 26 -17.85 18.00 27.54
C LEU B 26 -18.84 18.97 26.92
N ASP B 27 -19.48 18.59 25.81
CA ASP B 27 -20.47 19.47 25.19
C ASP B 27 -21.68 19.65 26.09
N LYS B 28 -22.13 18.58 26.74
CA LYS B 28 -23.19 18.67 27.74
C LYS B 28 -22.74 19.43 28.98
N ASN B 29 -21.44 19.72 29.11
CA ASN B 29 -20.89 20.48 30.23
C ASN B 29 -20.99 19.70 31.54
N LYS B 30 -20.60 18.43 31.48
CA LYS B 30 -20.49 17.56 32.66
C LYS B 30 -19.02 17.19 32.77
N LEU B 31 -18.26 18.06 33.44
CA LEU B 31 -16.80 17.94 33.43
C LEU B 31 -16.29 16.79 34.30
N MET B 32 -17.01 16.43 35.37
CA MET B 32 -16.57 15.33 36.23
C MET B 32 -16.82 13.98 35.58
N ASP B 33 -17.77 13.89 34.64
CA ASP B 33 -17.93 12.64 33.89
C ASP B 33 -16.96 12.61 32.71
N ALA B 34 -16.73 13.77 32.08
CA ALA B 34 -15.67 13.86 31.09
C ALA B 34 -14.34 13.39 31.66
N LEU B 35 -14.09 13.68 32.94
CA LEU B 35 -12.84 13.29 33.57
C LEU B 35 -12.80 11.80 33.90
N LYS B 36 -13.95 11.18 34.17
CA LYS B 36 -13.96 9.75 34.40
C LYS B 36 -13.67 8.99 33.11
N HIS B 37 -14.35 9.35 32.02
CA HIS B 37 -14.07 8.72 30.74
C HIS B 37 -12.62 8.88 30.34
N ALA B 38 -12.05 10.07 30.58
CA ALA B 38 -10.62 10.26 30.37
C ALA B 38 -9.82 9.35 31.28
N SER B 39 -10.26 9.19 32.53
CA SER B 39 -9.57 8.29 33.45
C SER B 39 -9.72 6.84 33.00
N ASN B 40 -10.89 6.47 32.48
CA ASN B 40 -11.07 5.15 31.88
C ASN B 40 -10.11 4.96 30.71
N MET B 41 -10.24 5.81 29.70
CA MET B 41 -9.35 5.81 28.54
C MET B 41 -7.89 5.62 28.95
N LEU B 42 -7.46 6.36 29.96
CA LEU B 42 -6.09 6.27 30.43
C LEU B 42 -5.76 4.93 31.08
N GLY B 43 -6.76 4.11 31.38
CA GLY B 43 -6.48 2.80 31.93
C GLY B 43 -5.75 1.91 30.97
N GLU B 44 -5.89 2.15 29.67
CA GLU B 44 -5.23 1.31 28.67
C GLU B 44 -3.72 1.52 28.68
N LEU B 45 -3.23 2.66 29.16
CA LEU B 45 -1.79 2.90 29.23
C LEU B 45 -1.12 2.16 30.38
N ARG B 46 -1.89 1.48 31.22
CA ARG B 46 -1.30 0.70 32.31
C ARG B 46 -0.78 -0.66 31.82
N THR B 47 -1.03 -1.01 30.57
CA THR B 47 -0.61 -2.31 30.06
C THR B 47 0.92 -2.41 30.04
N SER B 48 1.40 -3.66 30.08
CA SER B 48 2.82 -3.95 29.91
C SER B 48 3.03 -5.00 28.82
N MET B 49 2.08 -5.15 27.90
CA MET B 49 2.13 -6.16 26.87
C MET B 49 2.42 -5.61 25.48
N LEU B 50 2.37 -4.30 25.29
CA LEU B 50 2.54 -3.71 23.98
C LEU B 50 4.01 -3.43 23.71
N SER B 51 4.43 -3.67 22.47
CA SER B 51 5.76 -3.30 22.06
C SER B 51 5.89 -1.78 22.08
N PRO B 52 7.11 -1.27 22.13
CA PRO B 52 7.29 0.20 22.04
C PRO B 52 6.62 0.79 20.82
N LYS B 53 6.60 0.08 19.70
CA LYS B 53 5.92 0.58 18.51
C LYS B 53 4.41 0.61 18.73
N SER B 54 3.85 -0.44 19.34
CA SER B 54 2.41 -0.47 19.58
C SER B 54 2.01 0.50 20.68
N TYR B 55 2.78 0.55 21.77
CA TYR B 55 2.46 1.47 22.87
C TYR B 55 2.46 2.91 22.40
N TYR B 56 3.37 3.26 21.48
CA TYR B 56 3.36 4.59 20.90
C TYR B 56 2.04 4.88 20.19
N GLU B 57 1.52 3.90 19.44
CA GLU B 57 0.26 4.10 18.73
C GLU B 57 -0.89 4.30 19.72
N LEU B 58 -0.89 3.54 20.82
CA LEU B 58 -1.93 3.72 21.84
C LEU B 58 -1.76 5.06 22.55
N TYR B 59 -0.51 5.45 22.82
CA TYR B 59 -0.26 6.73 23.47
C TYR B 59 -0.75 7.88 22.62
N MET B 60 -0.42 7.87 21.32
CA MET B 60 -0.82 8.98 20.45
C MET B 60 -2.32 9.01 20.24
N ALA B 61 -2.98 7.86 20.28
CA ALA B 61 -4.44 7.85 20.24
C ALA B 61 -5.02 8.54 21.48
N ILE B 62 -4.46 8.22 22.65
CA ILE B 62 -4.99 8.78 23.90
C ILE B 62 -4.63 10.25 24.02
N SER B 63 -3.35 10.59 23.82
CA SER B 63 -2.93 11.97 23.96
C SER B 63 -3.63 12.88 22.97
N ASP B 64 -4.12 12.34 21.85
CA ASP B 64 -4.95 13.13 20.95
C ASP B 64 -6.19 13.64 21.66
N GLU B 65 -6.75 12.85 22.58
CA GLU B 65 -7.97 13.20 23.27
C GLU B 65 -7.70 14.03 24.52
N LEU B 66 -6.60 13.77 25.21
CA LEU B 66 -6.25 14.60 26.37
C LEU B 66 -6.01 16.04 25.97
N HIS B 67 -5.22 16.25 24.90
CA HIS B 67 -4.97 17.62 24.45
C HIS B 67 -6.27 18.30 24.05
N TYR B 68 -7.25 17.54 23.59
CA TYR B 68 -8.57 18.11 23.33
C TYR B 68 -9.23 18.54 24.64
N LEU B 69 -9.21 17.66 25.65
CA LEU B 69 -9.78 18.00 26.94
C LEU B 69 -9.08 19.21 27.56
N GLU B 70 -7.75 19.26 27.49
CA GLU B 70 -7.02 20.41 27.99
C GLU B 70 -7.49 21.69 27.29
N VAL B 71 -7.39 21.71 25.96
CA VAL B 71 -7.79 22.90 25.21
C VAL B 71 -9.26 23.23 25.47
N TYR B 72 -10.09 22.21 25.65
CA TYR B 72 -11.50 22.46 25.97
C TYR B 72 -11.63 23.11 27.33
N LEU B 73 -11.07 22.47 28.37
CA LEU B 73 -11.14 23.04 29.73
C LEU B 73 -10.57 24.44 29.79
N THR B 74 -9.54 24.75 28.99
CA THR B 74 -8.97 26.08 28.99
C THR B 74 -9.99 27.09 28.48
N ASP B 75 -10.38 26.98 27.21
CA ASP B 75 -11.30 27.94 26.61
C ASP B 75 -12.66 27.94 27.29
N GLU B 76 -13.01 26.88 28.02
CA GLU B 76 -14.36 26.75 28.54
C GLU B 76 -14.62 27.76 29.64
N PHE B 77 -13.92 27.63 30.76
CA PHE B 77 -14.06 28.57 31.87
C PHE B 77 -12.77 29.38 31.97
N ALA B 78 -12.83 30.63 31.51
CA ALA B 78 -11.69 31.54 31.61
C ALA B 78 -11.48 31.92 33.07
N LYS B 79 -10.44 31.35 33.69
CA LYS B 79 -10.07 31.71 35.05
C LYS B 79 -11.23 31.55 36.03
N GLY B 80 -12.07 30.55 35.78
CA GLY B 80 -13.12 30.20 36.70
C GLY B 80 -12.55 29.48 37.92
N ARG B 81 -13.47 29.08 38.80
CA ARG B 81 -13.08 28.34 39.99
C ARG B 81 -13.35 26.84 39.87
N LYS B 82 -13.89 26.40 38.73
CA LYS B 82 -14.00 24.96 38.48
C LYS B 82 -12.63 24.31 38.39
N VAL B 83 -11.71 24.95 37.67
CA VAL B 83 -10.41 24.34 37.42
C VAL B 83 -9.68 24.07 38.73
N ALA B 84 -9.94 24.87 39.76
CA ALA B 84 -9.33 24.63 41.06
C ALA B 84 -9.87 23.38 41.72
N ASP B 85 -11.10 23.00 41.39
CA ASP B 85 -11.68 21.77 41.94
C ASP B 85 -11.26 20.56 41.12
N LEU B 86 -11.26 20.67 39.79
CA LEU B 86 -10.82 19.58 38.94
C LEU B 86 -9.42 19.11 39.33
N TYR B 87 -8.46 20.04 39.36
CA TYR B 87 -7.11 19.69 39.77
C TYR B 87 -7.05 19.13 41.19
N GLU B 88 -8.13 19.28 41.96
CA GLU B 88 -8.17 18.75 43.32
C GLU B 88 -8.77 17.35 43.38
N LEU B 89 -9.68 17.03 42.47
CA LEU B 89 -10.30 15.71 42.43
C LEU B 89 -9.36 14.64 41.88
N VAL B 90 -8.51 15.00 40.93
CA VAL B 90 -7.72 14.00 40.22
C VAL B 90 -6.60 13.43 41.08
N GLN B 91 -6.26 14.07 42.20
CA GLN B 91 -5.34 13.43 43.15
C GLN B 91 -5.92 12.14 43.69
N TYR B 92 -7.24 11.96 43.58
CA TYR B 92 -7.93 10.81 44.16
C TYR B 92 -8.25 9.74 43.12
N ALA B 93 -7.68 9.83 41.93
CA ALA B 93 -7.81 8.75 40.97
C ALA B 93 -7.12 7.50 41.50
N GLY B 94 -7.72 6.35 41.22
CA GLY B 94 -7.25 5.11 41.80
C GLY B 94 -5.82 4.77 41.41
N ASN B 95 -5.56 4.67 40.12
CA ASN B 95 -4.27 4.22 39.62
C ASN B 95 -3.38 5.41 39.30
N ILE B 96 -2.07 5.19 39.41
CA ILE B 96 -1.13 6.31 39.32
C ILE B 96 -1.03 6.81 37.88
N ILE B 97 -0.94 5.90 36.90
CA ILE B 97 -0.79 6.34 35.52
C ILE B 97 -1.94 7.24 35.07
N PRO B 98 -3.21 6.83 35.18
CA PRO B 98 -4.30 7.76 34.87
C PRO B 98 -4.35 8.97 35.78
N ARG B 99 -3.77 8.89 36.98
CA ARG B 99 -3.78 10.03 37.88
C ARG B 99 -2.73 11.07 37.49
N LEU B 100 -1.59 10.63 36.95
CA LEU B 100 -0.53 11.56 36.58
C LEU B 100 -0.81 12.21 35.23
N TYR B 101 -1.38 11.47 34.28
CA TYR B 101 -1.79 12.09 33.04
C TYR B 101 -2.83 13.18 33.26
N LEU B 102 -3.76 12.94 34.18
CA LEU B 102 -4.79 13.94 34.46
C LEU B 102 -4.22 15.12 35.25
N LEU B 103 -3.40 14.84 36.26
CA LEU B 103 -2.79 15.92 37.03
C LEU B 103 -1.92 16.79 36.15
N ILE B 104 -1.20 16.19 35.19
CA ILE B 104 -0.47 16.98 34.22
C ILE B 104 -1.44 17.77 33.34
N THR B 105 -2.51 17.13 32.90
CA THR B 105 -3.43 17.79 31.96
C THR B 105 -4.18 18.92 32.63
N VAL B 106 -4.85 18.64 33.75
CA VAL B 106 -5.60 19.69 34.44
C VAL B 106 -4.65 20.73 35.01
N GLY B 107 -3.46 20.30 35.45
CA GLY B 107 -2.51 21.24 36.03
C GLY B 107 -2.14 22.35 35.07
N VAL B 108 -1.95 22.03 33.80
CA VAL B 108 -1.65 23.04 32.80
C VAL B 108 -2.83 24.01 32.66
N VAL B 109 -4.06 23.49 32.66
CA VAL B 109 -5.23 24.34 32.64
C VAL B 109 -5.29 25.17 33.92
N TYR B 110 -4.78 24.62 35.01
CA TYR B 110 -4.81 25.32 36.30
C TYR B 110 -3.87 26.52 36.29
N VAL B 111 -2.67 26.34 35.74
CA VAL B 111 -1.73 27.46 35.62
C VAL B 111 -2.32 28.56 34.75
N LYS B 112 -2.94 28.20 33.64
CA LYS B 112 -3.54 29.19 32.76
C LYS B 112 -4.69 29.95 33.43
N SER B 113 -5.07 29.57 34.64
CA SER B 113 -6.06 30.29 35.42
C SER B 113 -5.53 30.80 36.76
N PHE B 114 -4.35 30.37 37.17
CA PHE B 114 -3.71 30.83 38.41
C PHE B 114 -2.23 31.04 38.14
N PRO B 115 -1.90 32.07 37.36
CA PRO B 115 -0.49 32.28 37.00
C PRO B 115 0.45 32.37 38.18
N GLN B 116 -0.05 32.71 39.37
CA GLN B 116 0.77 32.76 40.57
C GLN B 116 1.27 31.39 41.02
N SER B 117 0.83 30.30 40.37
CA SER B 117 1.20 28.96 40.76
C SER B 117 2.01 28.23 39.70
N ARG B 118 2.36 28.89 38.60
CA ARG B 118 3.12 28.24 37.54
C ARG B 118 4.36 27.56 38.09
N LYS B 119 5.11 28.26 38.94
CA LYS B 119 6.36 27.71 39.46
C LYS B 119 6.11 26.50 40.36
N ASP B 120 5.12 26.60 41.25
CA ASP B 120 4.84 25.49 42.16
C ASP B 120 4.27 24.29 41.41
N ILE B 121 3.28 24.52 40.56
CA ILE B 121 2.65 23.41 39.84
C ILE B 121 3.68 22.68 38.99
N LEU B 122 4.42 23.42 38.17
CA LEU B 122 5.46 22.79 37.36
C LEU B 122 6.46 22.03 38.22
N LYS B 123 6.68 22.50 39.45
CA LYS B 123 7.69 21.86 40.31
C LYS B 123 7.26 20.46 40.71
N ASP B 124 6.01 20.30 41.17
CA ASP B 124 5.62 18.98 41.65
C ASP B 124 5.19 18.06 40.52
N LEU B 125 4.60 18.60 39.45
CA LEU B 125 4.26 17.76 38.30
C LEU B 125 5.44 16.89 37.90
N VAL B 126 6.62 17.49 37.73
CA VAL B 126 7.79 16.71 37.38
C VAL B 126 8.20 15.83 38.55
N GLU B 127 7.94 16.26 39.78
CA GLU B 127 8.31 15.47 40.95
C GLU B 127 7.35 14.29 41.14
N MET B 128 6.07 14.48 40.81
CA MET B 128 5.15 13.35 40.82
C MET B 128 5.62 12.24 39.89
N CYS B 129 6.10 12.63 38.70
CA CYS B 129 6.43 11.64 37.68
C CYS B 129 7.45 10.62 38.16
N ARG B 130 8.32 11.00 39.10
CA ARG B 130 9.26 10.02 39.65
C ARG B 130 8.55 8.87 40.34
N GLY B 131 7.27 9.01 40.64
CA GLY B 131 6.48 7.93 41.22
C GLY B 131 6.11 6.82 40.26
N VAL B 132 6.41 6.96 38.97
CA VAL B 132 6.19 5.93 37.97
C VAL B 132 7.55 5.48 37.46
N GLN B 133 7.89 4.21 37.72
CA GLN B 133 9.24 3.73 37.51
C GLN B 133 9.35 2.64 36.44
N HIS B 134 8.24 2.15 35.88
CA HIS B 134 8.37 1.24 34.75
C HIS B 134 8.99 2.02 33.59
N PRO B 135 9.99 1.48 32.91
CA PRO B 135 10.68 2.27 31.88
C PRO B 135 9.77 2.74 30.75
N LEU B 136 9.08 1.82 30.07
CA LEU B 136 8.22 2.22 28.96
C LEU B 136 7.18 3.23 29.39
N ARG B 137 6.40 2.89 30.42
CA ARG B 137 5.34 3.78 30.88
C ARG B 137 5.90 5.05 31.50
N GLY B 138 7.09 4.97 32.09
CA GLY B 138 7.75 6.18 32.55
C GLY B 138 8.12 7.10 31.40
N LEU B 139 8.83 6.56 30.41
CA LEU B 139 9.23 7.35 29.24
C LEU B 139 8.04 8.12 28.68
N PHE B 140 7.00 7.41 28.24
CA PHE B 140 5.89 8.06 27.57
C PHE B 140 5.17 9.03 28.49
N LEU B 141 5.07 8.71 29.77
CA LEU B 141 4.46 9.63 30.73
C LEU B 141 5.25 10.94 30.79
N ARG B 142 6.58 10.82 30.89
CA ARG B 142 7.41 12.02 30.94
C ARG B 142 7.49 12.71 29.58
N ASN B 143 7.29 11.96 28.50
CA ASN B 143 7.17 12.59 27.19
C ASN B 143 5.93 13.47 27.14
N TYR B 144 4.80 12.98 27.66
CA TYR B 144 3.59 13.79 27.73
C TYR B 144 3.81 15.02 28.61
N LEU B 145 4.61 14.89 29.66
CA LEU B 145 4.92 16.02 30.53
C LEU B 145 5.57 17.15 29.72
N LEU B 146 6.56 16.81 28.89
CA LEU B 146 7.25 17.82 28.09
C LEU B 146 6.29 18.49 27.11
N GLN B 147 5.47 17.70 26.43
CA GLN B 147 4.57 18.25 25.41
C GLN B 147 3.45 19.06 26.05
N CYS B 148 2.81 18.51 27.08
CA CYS B 148 1.64 19.16 27.66
C CYS B 148 1.99 20.53 28.23
N THR B 149 3.23 20.73 28.68
CA THR B 149 3.62 21.95 29.38
C THR B 149 4.54 22.85 28.55
N ARG B 150 4.79 22.50 27.29
CA ARG B 150 5.74 23.27 26.49
C ARG B 150 5.37 24.74 26.43
N ASN B 151 4.07 25.07 26.42
CA ASN B 151 3.62 26.44 26.21
C ASN B 151 3.32 27.19 27.49
N ILE B 152 3.47 26.56 28.66
CA ILE B 152 3.35 27.25 29.93
C ILE B 152 4.68 27.30 30.67
N LEU B 153 5.77 26.92 30.01
CA LEU B 153 7.08 27.00 30.65
C LEU B 153 7.53 28.46 30.73
N PRO B 154 8.06 28.89 31.87
CA PRO B 154 8.63 30.24 31.95
C PRO B 154 9.68 30.47 30.87
N ASP B 155 9.51 31.57 30.13
CA ASP B 155 10.37 31.87 29.00
C ASP B 155 10.70 33.36 29.02
N GLU B 156 11.58 33.77 28.11
CA GLU B 156 12.06 35.14 28.11
C GLU B 156 10.98 36.10 27.62
N GLY B 157 10.26 35.74 26.57
CA GLY B 157 9.31 36.65 25.96
C GLY B 157 7.93 36.60 26.57
N GLU B 158 7.77 37.11 27.79
CA GLU B 158 6.50 37.09 28.46
C GLU B 158 5.99 38.52 28.68
N PRO B 159 4.70 38.78 28.51
CA PRO B 159 4.18 40.14 28.66
C PRO B 159 4.01 40.53 30.13
N THR B 160 3.78 41.83 30.34
CA THR B 160 3.43 42.30 31.67
C THR B 160 2.00 41.86 31.95
N ASP B 161 1.27 42.55 32.83
CA ASP B 161 0.06 41.95 33.41
C ASP B 161 0.44 40.67 34.15
N GLU B 162 1.63 40.70 34.75
CA GLU B 162 2.42 39.52 35.04
C GLU B 162 2.28 39.17 36.52
N GLU B 163 1.11 38.64 36.86
CA GLU B 163 0.94 37.92 38.13
C GLU B 163 1.70 36.60 38.12
N THR B 164 2.19 36.17 36.96
CA THR B 164 2.79 34.85 36.82
C THR B 164 4.12 34.77 37.54
N THR B 165 4.31 33.67 38.26
CA THR B 165 5.55 33.37 38.95
C THR B 165 6.28 32.27 38.19
N GLY B 166 7.60 32.41 38.08
CA GLY B 166 8.39 31.47 37.33
C GLY B 166 9.57 32.12 36.63
N ASP B 167 10.69 31.41 36.59
CA ASP B 167 11.92 31.87 35.98
C ASP B 167 12.33 30.88 34.90
N ILE B 168 13.01 31.38 33.87
CA ILE B 168 13.60 30.44 32.92
C ILE B 168 14.58 29.52 33.64
N SER B 169 15.13 29.97 34.77
CA SER B 169 15.91 29.09 35.63
C SER B 169 15.07 27.91 36.11
N ASP B 170 13.75 28.11 36.25
CA ASP B 170 12.87 27.04 36.68
C ASP B 170 12.58 26.06 35.54
N SER B 171 12.35 26.57 34.33
CA SER B 171 12.10 25.70 33.19
C SER B 171 13.32 24.83 32.90
N MET B 172 14.52 25.40 32.99
CA MET B 172 15.72 24.63 32.72
C MET B 172 15.96 23.59 33.80
N ASP B 173 15.66 23.93 35.06
CA ASP B 173 15.69 22.93 36.12
C ASP B 173 14.61 21.88 35.91
N PHE B 174 13.42 22.32 35.50
CA PHE B 174 12.31 21.40 35.23
C PHE B 174 12.67 20.41 34.14
N VAL B 175 13.23 20.90 33.03
CA VAL B 175 13.55 20.04 31.90
C VAL B 175 14.79 19.20 32.19
N LEU B 176 15.80 19.81 32.81
CA LEU B 176 17.01 19.04 33.11
C LEU B 176 16.75 17.92 34.10
N LEU B 177 15.79 18.13 35.01
CA LEU B 177 15.41 17.05 35.92
C LEU B 177 14.67 15.95 35.18
N ASN B 178 13.79 16.33 34.24
CA ASN B 178 13.13 15.33 33.42
C ASN B 178 14.12 14.62 32.51
N PHE B 179 15.06 15.37 31.93
CA PHE B 179 16.07 14.77 31.07
C PHE B 179 16.86 13.70 31.80
N ALA B 180 17.16 13.94 33.09
CA ALA B 180 17.94 12.97 33.85
C ALA B 180 17.11 11.72 34.14
N GLU B 181 15.87 11.89 34.57
CA GLU B 181 15.03 10.74 34.89
C GLU B 181 14.67 9.94 33.64
N MET B 182 14.31 10.63 32.55
CA MET B 182 14.01 9.92 31.31
C MET B 182 15.23 9.12 30.85
N ASN B 183 16.42 9.66 31.06
CA ASN B 183 17.63 8.93 30.68
C ASN B 183 17.74 7.62 31.44
N LYS B 184 17.50 7.64 32.75
CA LYS B 184 17.61 6.44 33.57
C LYS B 184 16.62 5.38 33.10
N LEU B 185 15.34 5.75 33.02
CA LEU B 185 14.33 4.82 32.55
C LEU B 185 14.70 4.26 31.17
N TRP B 186 15.34 5.08 30.34
CA TRP B 186 15.75 4.64 29.01
C TRP B 186 16.84 3.57 29.08
N VAL B 187 17.76 3.69 30.04
CA VAL B 187 18.85 2.72 30.15
C VAL B 187 18.44 1.48 30.93
N ARG B 188 17.53 1.63 31.90
CA ARG B 188 17.00 0.45 32.58
C ARG B 188 16.15 -0.41 31.65
N MET B 189 15.63 0.19 30.57
CA MET B 189 14.85 -0.57 29.60
C MET B 189 15.66 -1.69 28.96
N GLN B 190 16.97 -1.48 28.79
CA GLN B 190 17.79 -2.45 28.07
C GLN B 190 17.85 -3.78 28.79
N HIS B 191 17.75 -3.78 30.11
CA HIS B 191 17.76 -5.00 30.91
C HIS B 191 16.36 -5.41 31.35
N GLN B 192 15.32 -4.73 30.84
CA GLN B 192 13.94 -4.98 31.24
C GLN B 192 13.06 -4.83 29.99
N GLY B 193 13.22 -5.75 29.05
CA GLY B 193 12.49 -5.71 27.80
C GLY B 193 11.22 -6.54 27.82
N ASP B 197 15.21 -12.85 22.62
CA ASP B 197 16.11 -12.49 21.53
C ASP B 197 16.28 -10.97 21.47
N ARG B 198 17.44 -10.49 21.93
CA ARG B 198 17.66 -9.07 22.08
C ARG B 198 17.85 -8.34 20.76
N GLU B 199 17.85 -9.05 19.63
CA GLU B 199 18.01 -8.37 18.34
C GLU B 199 16.89 -7.37 18.11
N LYS B 200 15.67 -7.70 18.55
CA LYS B 200 14.56 -6.76 18.46
C LYS B 200 14.48 -5.83 19.66
N ARG B 201 15.04 -6.22 20.81
CA ARG B 201 14.99 -5.37 21.99
C ARG B 201 15.93 -4.19 21.86
N GLU B 202 17.17 -4.42 21.42
CA GLU B 202 18.08 -3.32 21.18
C GLU B 202 17.58 -2.42 20.05
N ARG B 203 16.99 -3.03 19.01
CA ARG B 203 16.62 -2.28 17.83
C ARG B 203 15.29 -1.55 17.99
N GLU B 204 14.45 -1.96 18.93
CA GLU B 204 13.21 -1.25 19.20
C GLU B 204 13.35 -0.28 20.37
N ARG B 205 14.12 -0.63 21.40
CA ARG B 205 14.56 0.36 22.37
C ARG B 205 15.16 1.57 21.64
N GLN B 206 16.11 1.31 20.75
CA GLN B 206 16.74 2.39 19.98
C GLN B 206 15.71 3.30 19.33
N GLU B 207 14.53 2.77 18.99
CA GLU B 207 13.49 3.61 18.41
C GLU B 207 12.95 4.61 19.43
N LEU B 208 12.94 4.25 20.71
CA LEU B 208 12.46 5.12 21.78
C LEU B 208 13.48 6.18 22.18
N ARG B 209 14.66 6.20 21.55
CA ARG B 209 15.66 7.20 21.90
C ARG B 209 15.11 8.61 21.71
N ILE B 210 14.29 8.81 20.69
CA ILE B 210 13.78 10.15 20.38
C ILE B 210 13.04 10.74 21.58
N LEU B 211 12.33 9.91 22.34
CA LEU B 211 11.61 10.41 23.51
C LEU B 211 12.55 11.16 24.45
N VAL B 212 13.69 10.55 24.79
CA VAL B 212 14.67 11.24 25.63
C VAL B 212 15.25 12.44 24.90
N GLY B 213 15.31 12.38 23.56
CA GLY B 213 15.90 13.47 22.81
C GLY B 213 15.14 14.78 22.92
N THR B 214 13.82 14.71 23.03
CA THR B 214 13.01 15.94 22.95
C THR B 214 13.16 16.82 24.17
N ASN B 215 13.85 16.36 25.22
CA ASN B 215 14.25 17.28 26.28
C ASN B 215 15.16 18.36 25.71
N LEU B 216 16.15 17.94 24.90
CA LEU B 216 17.04 18.89 24.25
C LEU B 216 16.30 19.75 23.24
N VAL B 217 15.29 19.19 22.58
CA VAL B 217 14.48 19.99 21.67
C VAL B 217 13.73 21.07 22.43
N ARG B 218 13.06 20.70 23.52
CA ARG B 218 12.36 21.68 24.34
C ARG B 218 13.29 22.81 24.75
N LEU B 219 14.51 22.49 25.16
CA LEU B 219 15.45 23.51 25.58
C LEU B 219 15.81 24.46 24.43
N SER B 220 16.10 23.89 23.26
CA SER B 220 16.46 24.73 22.12
C SER B 220 15.31 25.63 21.67
N GLN B 221 14.07 25.25 21.96
CA GLN B 221 12.91 26.01 21.54
C GLN B 221 12.43 27.00 22.58
N LEU B 222 13.10 27.08 23.74
CA LEU B 222 12.89 28.20 24.65
C LEU B 222 13.58 29.44 24.08
N GLU B 223 12.82 30.52 23.94
CA GLU B 223 13.38 31.73 23.35
C GLU B 223 14.38 32.41 24.27
N GLY B 224 14.49 31.99 25.53
CA GLY B 224 15.50 32.49 26.44
C GLY B 224 16.79 31.69 26.45
N VAL B 225 16.84 30.55 25.75
CA VAL B 225 18.06 29.74 25.67
C VAL B 225 18.83 30.23 24.45
N ASN B 226 19.70 31.20 24.67
CA ASN B 226 20.52 31.81 23.64
C ASN B 226 21.98 31.45 23.86
N VAL B 227 22.84 31.93 22.96
CA VAL B 227 24.27 31.60 23.03
C VAL B 227 24.79 31.89 24.43
N GLU B 228 24.42 33.06 24.97
CA GLU B 228 24.93 33.48 26.26
C GLU B 228 24.48 32.54 27.37
N ARG B 229 23.17 32.31 27.47
CA ARG B 229 22.65 31.42 28.49
C ARG B 229 22.91 29.95 28.17
N TYR B 230 22.99 29.60 26.88
CA TYR B 230 23.39 28.24 26.53
C TYR B 230 24.80 27.96 27.01
N LYS B 231 25.71 28.89 26.72
CA LYS B 231 27.10 28.74 27.12
C LYS B 231 27.26 28.66 28.63
N GLN B 232 26.53 29.50 29.36
CA GLN B 232 26.79 29.69 30.79
C GLN B 232 26.23 28.55 31.63
N ILE B 233 25.02 28.06 31.32
CA ILE B 233 24.35 27.13 32.22
C ILE B 233 23.98 25.82 31.54
N VAL B 234 23.20 25.87 30.45
CA VAL B 234 22.56 24.65 29.96
C VAL B 234 23.61 23.66 29.47
N LEU B 235 24.58 24.13 28.66
CA LEU B 235 25.52 23.19 28.07
C LEU B 235 26.17 22.32 29.14
N THR B 236 26.71 22.96 30.19
CA THR B 236 27.25 22.20 31.31
C THR B 236 26.20 21.23 31.83
N GLY B 237 25.03 21.77 32.22
CA GLY B 237 23.98 20.93 32.76
C GLY B 237 23.68 19.70 31.90
N ILE B 238 23.49 19.91 30.60
CA ILE B 238 23.29 18.78 29.69
C ILE B 238 24.45 17.80 29.80
N LEU B 239 25.68 18.31 29.67
CA LEU B 239 26.84 17.43 29.63
C LEU B 239 27.04 16.68 30.95
N GLU B 240 26.81 17.35 32.08
CA GLU B 240 26.96 16.67 33.37
C GLU B 240 26.17 15.37 33.37
N GLN B 241 24.94 15.39 32.84
CA GLN B 241 24.12 14.19 32.78
C GLN B 241 24.62 13.22 31.71
N VAL B 242 25.09 13.74 30.58
CA VAL B 242 25.43 12.88 29.45
C VAL B 242 26.69 12.08 29.75
N VAL B 243 27.78 12.76 30.13
CA VAL B 243 29.04 12.06 30.33
C VAL B 243 28.94 11.10 31.51
N ASN B 244 28.23 11.49 32.57
CA ASN B 244 28.20 10.70 33.79
C ASN B 244 27.20 9.54 33.72
N CYS B 245 26.51 9.37 32.61
CA CYS B 245 25.68 8.19 32.36
C CYS B 245 26.44 7.34 31.34
N ARG B 246 27.23 6.40 31.83
CA ARG B 246 28.13 5.63 30.97
C ARG B 246 27.33 4.58 30.20
N ASP B 247 27.06 4.87 28.94
CA ASP B 247 26.36 3.94 28.06
C ASP B 247 26.73 4.28 26.62
N ALA B 248 27.05 3.25 25.84
CA ALA B 248 27.47 3.44 24.46
C ALA B 248 26.40 4.13 23.64
N LEU B 249 25.28 3.45 23.41
CA LEU B 249 24.25 3.96 22.50
C LEU B 249 23.54 5.19 23.07
N ALA B 250 23.64 5.46 24.37
CA ALA B 250 22.99 6.62 24.95
C ALA B 250 23.85 7.87 24.86
N GLN B 251 25.14 7.76 25.21
CA GLN B 251 26.05 8.90 25.05
C GLN B 251 26.24 9.23 23.58
N GLU B 252 26.36 8.21 22.74
CA GLU B 252 26.48 8.44 21.31
C GLU B 252 25.27 9.19 20.77
N TYR B 253 24.07 8.80 21.19
CA TYR B 253 22.87 9.47 20.74
C TYR B 253 22.81 10.91 21.25
N LEU B 254 22.91 11.08 22.57
CA LEU B 254 22.72 12.40 23.16
C LEU B 254 23.76 13.38 22.66
N MET B 255 25.00 12.95 22.51
CA MET B 255 26.07 13.86 22.10
C MET B 255 25.89 14.31 20.65
N GLU B 256 25.59 13.38 19.74
CA GLU B 256 25.28 13.79 18.37
C GLU B 256 23.99 14.59 18.33
N CYS B 257 23.07 14.34 19.28
CA CYS B 257 21.83 15.11 19.33
C CYS B 257 22.09 16.57 19.65
N ILE B 258 23.10 16.87 20.47
CA ILE B 258 23.35 18.25 20.87
C ILE B 258 23.81 19.08 19.66
N ILE B 259 24.59 18.48 18.76
CA ILE B 259 24.93 19.18 17.52
C ILE B 259 23.67 19.42 16.70
N GLN B 260 22.91 18.34 16.48
CA GLN B 260 21.73 18.39 15.62
C GLN B 260 20.73 19.41 16.12
N VAL B 261 20.54 19.49 17.44
CA VAL B 261 19.45 20.28 17.99
C VAL B 261 19.82 21.75 18.07
N PHE B 262 21.08 22.08 18.41
CA PHE B 262 21.39 23.47 18.70
C PHE B 262 22.04 24.16 17.51
N PRO B 263 21.88 25.48 17.39
CA PRO B 263 22.46 26.20 16.26
C PRO B 263 23.98 26.05 16.19
N ASP B 264 24.50 26.13 14.96
CA ASP B 264 25.94 26.01 14.77
C ASP B 264 26.71 27.17 15.43
N GLU B 265 26.03 28.28 15.70
CA GLU B 265 26.68 29.38 16.42
C GLU B 265 26.98 28.99 17.86
N PHE B 266 26.09 28.23 18.48
CA PHE B 266 26.35 27.73 19.83
C PHE B 266 27.64 26.92 19.88
N HIS B 267 27.95 26.21 18.80
CA HIS B 267 29.10 25.31 18.80
C HIS B 267 30.41 26.07 18.64
N LEU B 268 30.44 27.10 17.77
CA LEU B 268 31.64 27.91 17.64
C LEU B 268 32.14 28.41 18.99
N GLN B 269 31.21 28.67 19.92
CA GLN B 269 31.55 29.25 21.20
C GLN B 269 31.51 28.25 22.34
N THR B 270 31.44 26.95 22.03
CA THR B 270 31.53 25.92 23.06
C THR B 270 32.41 24.76 22.61
N LEU B 271 33.34 25.00 21.69
CA LEU B 271 34.09 23.90 21.10
C LEU B 271 34.88 23.13 22.15
N ASN B 272 35.40 23.83 23.16
CA ASN B 272 36.26 23.16 24.13
C ASN B 272 35.44 22.28 25.07
N PRO B 273 34.44 22.80 25.79
CA PRO B 273 33.70 21.93 26.71
C PRO B 273 33.05 20.74 26.02
N PHE B 274 32.55 20.92 24.80
CA PHE B 274 31.92 19.78 24.12
C PHE B 274 32.97 18.75 23.74
N LEU B 275 34.05 19.18 23.08
CA LEU B 275 35.07 18.24 22.67
C LEU B 275 35.87 17.69 23.85
N ARG B 276 35.81 18.35 25.00
CA ARG B 276 36.32 17.76 26.23
C ARG B 276 35.36 16.75 26.83
N ALA B 277 34.13 16.68 26.33
CA ALA B 277 33.20 15.64 26.72
C ALA B 277 33.38 14.38 25.87
N CYS B 278 33.67 14.54 24.58
CA CYS B 278 33.87 13.39 23.70
C CYS B 278 35.01 12.50 24.14
N ALA B 279 35.87 12.97 25.05
CA ALA B 279 36.98 12.17 25.54
C ALA B 279 36.60 11.27 26.71
N GLU B 280 35.81 11.80 27.66
CA GLU B 280 35.37 10.98 28.78
C GLU B 280 34.47 9.85 28.32
N LEU B 281 33.69 10.07 27.25
CA LEU B 281 32.61 9.17 26.87
C LEU B 281 33.01 7.70 26.95
N HIS B 282 32.04 6.84 27.26
CA HIS B 282 32.32 5.42 27.48
C HIS B 282 33.19 4.86 26.36
N GLN B 283 33.89 3.76 26.67
CA GLN B 283 34.95 3.26 25.81
C GLN B 283 34.44 2.84 24.44
N ASN B 284 33.17 2.43 24.35
CA ASN B 284 32.59 1.85 23.14
C ASN B 284 31.81 2.86 22.31
N VAL B 285 31.75 4.12 22.74
CA VAL B 285 31.07 5.15 21.95
C VAL B 285 31.87 5.40 20.68
N ASN B 286 31.17 5.61 19.57
CA ASN B 286 31.82 5.94 18.30
C ASN B 286 32.01 7.45 18.25
N VAL B 287 33.18 7.90 18.71
CA VAL B 287 33.48 9.34 18.71
C VAL B 287 33.79 9.85 17.32
N LYS B 288 34.16 8.98 16.38
CA LYS B 288 34.34 9.40 14.99
C LYS B 288 33.16 10.23 14.53
N ASN B 289 31.94 9.72 14.70
CA ASN B 289 30.77 10.39 14.17
C ASN B 289 30.51 11.70 14.91
N ILE B 290 30.63 11.70 16.24
CA ILE B 290 30.38 12.91 17.02
C ILE B 290 31.26 14.04 16.51
N ILE B 291 32.58 13.84 16.54
CA ILE B 291 33.49 14.90 16.15
C ILE B 291 33.33 15.24 14.67
N ILE B 292 33.06 14.23 13.85
CA ILE B 292 32.84 14.48 12.42
C ILE B 292 31.62 15.38 12.24
N ALA B 293 30.53 15.06 12.92
CA ALA B 293 29.34 15.89 12.82
C ALA B 293 29.64 17.32 13.26
N LEU B 294 30.40 17.48 14.35
CA LEU B 294 30.76 18.81 14.80
C LEU B 294 31.63 19.53 13.78
N ILE B 295 32.69 18.88 13.31
CA ILE B 295 33.61 19.54 12.37
C ILE B 295 32.89 19.87 11.07
N ASP B 296 32.13 18.91 10.54
CA ASP B 296 31.45 19.14 9.26
C ASP B 296 30.49 20.33 9.37
N ARG B 297 29.70 20.38 10.43
CA ARG B 297 28.83 21.54 10.65
C ARG B 297 29.62 22.83 10.60
N LEU B 298 30.78 22.87 11.23
CA LEU B 298 31.56 24.11 11.30
C LEU B 298 32.33 24.38 10.02
N ALA B 299 32.76 23.34 9.30
CA ALA B 299 33.34 23.56 7.99
C ALA B 299 32.31 24.13 7.03
N LEU B 300 31.03 23.82 7.26
CA LEU B 300 29.97 24.38 6.43
C LEU B 300 29.91 25.90 6.54
N PHE B 301 30.19 26.45 7.72
CA PHE B 301 30.23 27.89 7.92
C PHE B 301 31.12 28.54 6.85
N ILE B 310 32.90 33.30 10.01
CA ILE B 310 33.82 33.04 11.11
C ILE B 310 34.89 34.14 11.15
N PRO B 311 35.10 34.77 12.30
CA PRO B 311 36.15 35.79 12.40
C PRO B 311 37.54 35.18 12.25
N ALA B 312 38.46 36.00 11.76
CA ALA B 312 39.85 35.58 11.58
C ALA B 312 40.60 35.44 12.90
N ASP B 313 39.93 35.69 14.03
CA ASP B 313 40.58 35.65 15.34
C ASP B 313 40.49 34.29 16.00
N ILE B 314 39.48 33.47 15.65
CA ILE B 314 39.33 32.14 16.21
C ILE B 314 40.02 31.15 15.29
N LYS B 315 40.91 30.34 15.87
CA LYS B 315 41.70 29.36 15.11
C LYS B 315 40.98 28.02 15.15
N LEU B 316 40.16 27.77 14.12
CA LEU B 316 39.42 26.52 14.05
C LEU B 316 40.36 25.33 13.92
N PHE B 317 41.11 25.27 12.81
CA PHE B 317 41.95 24.11 12.55
C PHE B 317 42.95 23.85 13.67
N ASP B 318 43.36 24.89 14.38
CA ASP B 318 44.34 24.71 15.45
C ASP B 318 43.70 24.09 16.69
N ILE B 319 42.50 24.55 17.07
CA ILE B 319 41.84 23.98 18.24
C ILE B 319 41.18 22.64 17.91
N PHE B 320 40.95 22.34 16.64
CA PHE B 320 40.43 21.04 16.24
C PHE B 320 41.55 20.01 16.06
N SER B 321 42.58 20.35 15.30
CA SER B 321 43.71 19.44 15.14
C SER B 321 44.24 18.99 16.49
N GLN B 322 44.42 19.95 17.40
CA GLN B 322 44.90 19.61 18.75
C GLN B 322 43.92 18.67 19.44
N GLN B 323 42.63 18.98 19.37
CA GLN B 323 41.64 18.22 20.11
C GLN B 323 41.34 16.88 19.46
N VAL B 324 41.20 16.85 18.13
CA VAL B 324 41.07 15.57 17.43
C VAL B 324 42.20 14.64 17.86
N ALA B 325 43.44 15.12 17.78
CA ALA B 325 44.57 14.33 18.23
C ALA B 325 44.43 13.96 19.70
N THR B 326 44.02 14.91 20.54
CA THR B 326 43.80 14.61 21.95
C THR B 326 42.67 13.60 22.16
N VAL B 327 41.75 13.49 21.21
CA VAL B 327 40.68 12.49 21.29
C VAL B 327 41.13 11.14 20.74
N ILE B 328 41.96 11.14 19.69
CA ILE B 328 42.36 9.89 19.05
C ILE B 328 43.12 9.03 20.04
N GLN B 329 44.36 9.41 20.37
CA GLN B 329 45.21 8.58 21.21
C GLN B 329 44.86 8.69 22.69
N SER B 330 43.72 9.29 23.03
CA SER B 330 43.14 9.19 24.37
C SER B 330 42.12 8.06 24.45
N ARG B 331 42.22 7.08 23.56
CA ARG B 331 41.26 6.00 23.44
C ARG B 331 41.99 4.67 23.52
N GLN B 332 41.27 3.64 23.97
CA GLN B 332 41.82 2.28 23.93
C GLN B 332 42.31 1.98 22.52
N ASP B 333 41.36 1.86 21.59
CA ASP B 333 41.70 1.76 20.17
C ASP B 333 40.44 1.96 19.37
N MET B 334 40.56 2.72 18.29
CA MET B 334 39.52 2.87 17.30
C MET B 334 40.02 2.34 15.96
N PRO B 335 39.14 1.83 15.10
CA PRO B 335 39.59 1.28 13.82
C PRO B 335 40.55 2.23 13.11
N SER B 336 41.62 1.67 12.55
CA SER B 336 42.50 2.47 11.71
C SER B 336 41.72 3.16 10.61
N GLU B 337 40.58 2.58 10.22
CA GLU B 337 39.67 3.25 9.30
C GLU B 337 39.10 4.52 9.92
N ASP B 338 38.79 4.47 11.22
CA ASP B 338 38.14 5.61 11.87
C ASP B 338 39.12 6.73 12.17
N VAL B 339 40.40 6.41 12.42
CA VAL B 339 41.38 7.46 12.70
C VAL B 339 41.65 8.27 11.44
N VAL B 340 41.92 7.60 10.33
CA VAL B 340 42.04 8.29 9.05
C VAL B 340 40.72 8.94 8.68
N SER B 341 39.61 8.50 9.30
CA SER B 341 38.33 9.15 9.06
C SER B 341 38.27 10.50 9.78
N LEU B 342 38.86 10.58 10.98
CA LEU B 342 38.93 11.87 11.67
C LEU B 342 39.87 12.83 10.95
N GLN B 343 40.89 12.31 10.28
CA GLN B 343 41.83 13.19 9.58
C GLN B 343 41.22 13.72 8.29
N VAL B 344 40.41 12.92 7.60
CA VAL B 344 39.78 13.40 6.37
C VAL B 344 38.75 14.48 6.69
N SER B 345 38.13 14.44 7.87
CA SER B 345 37.26 15.53 8.28
C SER B 345 38.07 16.77 8.62
N LEU B 346 39.25 16.58 9.23
CA LEU B 346 40.13 17.71 9.51
C LEU B 346 40.65 18.35 8.24
N ILE B 347 41.03 17.54 7.25
CA ILE B 347 41.54 18.08 6.00
C ILE B 347 40.44 18.77 5.23
N ASN B 348 39.19 18.29 5.37
CA ASN B 348 38.07 18.94 4.70
C ASN B 348 37.78 20.30 5.32
N LEU B 349 37.86 20.39 6.65
CA LEU B 349 37.74 21.68 7.32
C LEU B 349 38.83 22.65 6.84
N ALA B 350 40.09 22.23 6.96
CA ALA B 350 41.20 23.12 6.65
C ALA B 350 41.07 23.70 5.25
N MET B 351 40.65 22.87 4.29
CA MET B 351 40.60 23.32 2.91
C MET B 351 39.46 24.31 2.67
N LYS B 352 38.30 24.05 3.26
CA LYS B 352 37.16 24.93 3.03
C LYS B 352 37.25 26.20 3.86
N CYS B 353 37.74 26.10 5.09
CA CYS B 353 37.86 27.28 5.94
C CYS B 353 39.15 28.06 5.69
N TYR B 354 40.21 27.37 5.25
CA TYR B 354 41.51 28.00 5.04
C TYR B 354 42.11 27.48 3.75
N PRO B 355 41.62 27.95 2.60
CA PRO B 355 42.16 27.45 1.32
C PRO B 355 43.57 27.91 1.06
N ASP B 356 43.89 29.16 1.39
CA ASP B 356 45.24 29.68 1.17
C ASP B 356 46.27 28.95 2.03
N ARG B 357 45.86 28.30 3.11
CA ARG B 357 46.79 27.67 4.04
C ARG B 357 47.08 26.25 3.56
N VAL B 358 48.18 26.10 2.82
CA VAL B 358 48.59 24.79 2.34
C VAL B 358 49.32 23.99 3.41
N ASP B 359 49.88 24.66 4.43
CA ASP B 359 50.57 23.96 5.50
C ASP B 359 49.60 23.14 6.36
N TYR B 360 48.33 23.54 6.42
CA TYR B 360 47.35 22.74 7.14
C TYR B 360 47.14 21.40 6.47
N VAL B 361 46.96 21.40 5.15
CA VAL B 361 46.83 20.15 4.41
C VAL B 361 48.05 19.28 4.67
N ASP B 362 49.25 19.86 4.55
CA ASP B 362 50.48 19.11 4.77
C ASP B 362 50.56 18.59 6.20
N LYS B 363 50.08 19.38 7.16
CA LYS B 363 50.25 19.02 8.57
C LYS B 363 49.37 17.83 8.95
N VAL B 364 48.12 17.82 8.50
CA VAL B 364 47.28 16.67 8.74
C VAL B 364 47.81 15.44 7.99
N LEU B 365 48.58 15.65 6.93
CA LEU B 365 49.25 14.53 6.29
C LEU B 365 50.47 14.08 7.10
N GLU B 366 51.22 15.03 7.65
CA GLU B 366 52.24 14.68 8.64
C GLU B 366 51.66 13.79 9.73
N THR B 367 50.55 14.24 10.33
CA THR B 367 49.98 13.53 11.47
C THR B 367 49.50 12.14 11.08
N THR B 368 49.06 11.96 9.83
CA THR B 368 48.60 10.64 9.39
C THR B 368 49.78 9.69 9.17
N VAL B 369 50.94 10.20 8.79
CA VAL B 369 52.11 9.34 8.66
C VAL B 369 52.63 8.93 10.03
N GLU B 370 52.71 9.88 10.96
CA GLU B 370 53.11 9.55 12.32
C GLU B 370 52.17 8.51 12.93
N ILE B 371 50.87 8.68 12.72
CA ILE B 371 49.88 7.79 13.33
C ILE B 371 49.88 6.41 12.70
N PHE B 372 50.52 6.24 11.55
CA PHE B 372 50.56 4.94 10.89
C PHE B 372 51.81 4.14 11.21
N ASN B 373 52.83 4.75 11.79
CA ASN B 373 53.96 3.98 12.31
C ASN B 373 53.51 3.21 13.55
N LYS B 374 52.52 2.33 13.38
CA LYS B 374 51.83 1.78 14.53
C LYS B 374 51.39 0.33 14.35
N LEU B 375 51.26 -0.14 13.11
CA LEU B 375 50.57 -1.41 12.90
C LEU B 375 51.03 -2.06 11.60
N ASN B 376 50.56 -3.29 11.41
CA ASN B 376 50.90 -4.10 10.24
C ASN B 376 50.07 -3.67 9.03
N THR B 382 47.63 -3.06 5.27
CA THR B 382 47.33 -4.07 4.25
C THR B 382 45.87 -4.51 4.35
N SER B 383 44.96 -3.65 3.87
CA SER B 383 43.54 -3.95 3.90
C SER B 383 42.81 -2.96 3.00
N SER B 384 41.79 -3.46 2.30
CA SER B 384 40.94 -2.59 1.49
C SER B 384 39.95 -1.79 2.34
N ALA B 385 39.91 -2.02 3.65
CA ALA B 385 38.99 -1.29 4.52
C ALA B 385 39.55 0.09 4.85
N VAL B 386 40.78 0.16 5.35
CA VAL B 386 41.36 1.46 5.69
C VAL B 386 41.90 2.15 4.45
N SER B 387 42.30 1.38 3.44
CA SER B 387 42.76 1.99 2.19
C SER B 387 41.69 2.91 1.61
N LYS B 388 40.46 2.41 1.53
CA LYS B 388 39.37 3.20 0.97
C LYS B 388 39.26 4.57 1.64
N GLU B 389 39.44 4.63 2.96
CA GLU B 389 39.47 5.93 3.61
C GLU B 389 40.78 6.64 3.34
N LEU B 390 41.86 5.90 3.16
CA LEU B 390 43.11 6.51 2.73
C LEU B 390 42.98 7.05 1.32
N THR B 391 42.25 6.34 0.44
CA THR B 391 41.93 6.91 -0.87
C THR B 391 41.10 8.17 -0.72
N ARG B 392 40.11 8.15 0.18
CA ARG B 392 39.32 9.35 0.47
C ARG B 392 40.24 10.51 0.82
N LEU B 393 41.09 10.31 1.82
CA LEU B 393 41.89 11.39 2.39
C LEU B 393 42.76 12.04 1.33
N LEU B 394 43.43 11.22 0.51
CA LEU B 394 44.37 11.78 -0.46
C LEU B 394 43.67 12.40 -1.66
N LYS B 395 42.44 11.98 -1.93
CA LYS B 395 41.72 12.54 -3.07
C LYS B 395 41.35 14.01 -2.82
N ILE B 396 40.97 14.36 -1.58
CA ILE B 396 40.54 15.72 -1.32
C ILE B 396 41.56 16.75 -1.82
N PRO B 397 42.84 16.67 -1.46
CA PRO B 397 43.83 17.58 -2.09
C PRO B 397 43.75 17.63 -3.62
N VAL B 398 43.62 16.48 -4.29
CA VAL B 398 43.74 16.47 -5.74
C VAL B 398 42.47 17.04 -6.37
N ASP B 399 41.31 16.71 -5.83
CA ASP B 399 40.05 17.05 -6.48
C ASP B 399 39.67 18.51 -6.25
N THR B 400 39.98 19.06 -5.08
CA THR B 400 39.49 20.38 -4.69
C THR B 400 40.45 21.50 -5.06
N TYR B 401 41.76 21.25 -5.07
CA TYR B 401 42.73 22.30 -5.39
C TYR B 401 42.41 22.90 -6.74
N ASN B 402 42.05 24.19 -6.74
CA ASN B 402 41.43 24.84 -7.88
C ASN B 402 42.45 25.31 -8.91
N ASN B 403 43.08 26.45 -8.63
CA ASN B 403 43.85 27.15 -9.66
C ASN B 403 44.85 26.23 -10.34
N ILE B 404 45.54 25.41 -9.57
CA ILE B 404 46.65 24.59 -10.07
C ILE B 404 46.59 23.22 -9.41
N LEU B 405 46.79 22.19 -10.24
CA LEU B 405 46.82 20.80 -9.79
C LEU B 405 48.17 20.41 -9.22
N THR B 406 49.21 21.20 -9.50
CA THR B 406 50.51 21.00 -8.88
C THR B 406 50.38 20.93 -7.37
N VAL B 407 50.05 19.75 -6.85
CA VAL B 407 49.97 19.48 -5.41
C VAL B 407 51.37 19.09 -4.94
N LEU B 408 52.39 19.50 -5.71
CA LEU B 408 53.78 19.17 -5.42
C LEU B 408 54.18 19.70 -4.04
N LYS B 409 53.77 20.92 -3.73
CA LYS B 409 54.18 21.55 -2.49
C LYS B 409 53.99 20.62 -1.30
N LEU B 410 52.97 19.78 -1.33
CA LEU B 410 52.74 18.83 -0.27
C LEU B 410 53.93 17.88 -0.18
N LYS B 411 54.60 17.90 0.98
CA LYS B 411 55.78 17.08 1.20
C LYS B 411 55.46 15.74 1.85
N HIS B 412 54.25 15.59 2.40
CA HIS B 412 53.80 14.36 3.03
C HIS B 412 52.66 13.71 2.27
N PHE B 413 52.47 14.07 1.00
CA PHE B 413 51.44 13.46 0.17
C PHE B 413 51.85 12.09 -0.33
N HIS B 414 53.13 11.90 -0.68
CA HIS B 414 53.56 10.66 -1.30
C HIS B 414 53.89 9.58 -0.27
N PRO B 415 54.69 9.87 0.77
CA PRO B 415 54.95 8.82 1.77
C PRO B 415 53.68 8.19 2.28
N LEU B 416 52.73 9.02 2.70
CA LEU B 416 51.39 8.55 3.04
C LEU B 416 50.84 7.63 1.95
N PHE B 417 51.08 7.97 0.69
CA PHE B 417 50.54 7.21 -0.43
C PHE B 417 51.22 5.85 -0.60
N GLU B 418 52.44 5.68 -0.07
CA GLU B 418 53.13 4.41 -0.14
C GLU B 418 52.53 3.34 0.76
N TYR B 419 51.51 3.69 1.56
CA TYR B 419 50.96 2.79 2.56
C TYR B 419 49.84 1.89 2.04
N PHE B 420 49.25 2.21 0.88
CA PHE B 420 48.03 1.53 0.43
C PHE B 420 48.23 0.02 0.34
N ASP B 421 47.12 -0.67 0.07
CA ASP B 421 47.17 -2.00 -0.50
C ASP B 421 47.85 -1.94 -1.86
N TYR B 422 48.44 -3.07 -2.25
CA TYR B 422 49.18 -3.11 -3.52
C TYR B 422 48.29 -2.73 -4.70
N GLU B 423 47.00 -3.11 -4.66
CA GLU B 423 46.12 -2.77 -5.76
C GLU B 423 45.65 -1.32 -5.69
N SER B 424 45.29 -0.85 -4.49
CA SER B 424 44.78 0.51 -4.37
C SER B 424 45.89 1.55 -4.50
N ARG B 425 47.12 1.18 -4.14
CA ARG B 425 48.27 2.05 -4.36
C ARG B 425 48.38 2.44 -5.83
N LYS B 426 48.35 1.45 -6.72
CA LYS B 426 48.53 1.71 -8.13
C LYS B 426 47.35 2.50 -8.71
N SER B 427 46.14 2.25 -8.20
CA SER B 427 44.98 3.01 -8.69
C SER B 427 45.04 4.47 -8.26
N MET B 428 45.57 4.75 -7.06
CA MET B 428 45.72 6.14 -6.65
C MET B 428 46.74 6.86 -7.53
N SER B 429 47.85 6.21 -7.84
CA SER B 429 48.88 6.85 -8.67
C SER B 429 48.33 7.22 -10.05
N CYS B 430 47.52 6.34 -10.65
CA CYS B 430 46.94 6.65 -11.95
C CYS B 430 46.09 7.91 -11.87
N TYR B 431 45.27 8.04 -10.83
CA TYR B 431 44.47 9.25 -10.65
C TYR B 431 45.35 10.49 -10.61
N VAL B 432 46.42 10.46 -9.81
CA VAL B 432 47.24 11.64 -9.64
C VAL B 432 47.93 12.01 -10.96
N LEU B 433 48.33 11.01 -11.74
CA LEU B 433 48.97 11.30 -13.03
C LEU B 433 47.96 11.83 -14.04
N SER B 434 46.76 11.24 -14.08
CA SER B 434 45.76 11.68 -15.05
C SER B 434 45.58 13.18 -14.98
N ASN B 435 45.62 13.76 -13.78
CA ASN B 435 45.66 15.20 -13.60
C ASN B 435 47.13 15.64 -13.60
N VAL B 436 47.62 16.05 -14.75
CA VAL B 436 48.97 16.60 -14.83
C VAL B 436 49.09 17.51 -16.06
N VAL B 449 59.20 17.86 -11.43
CA VAL B 449 59.52 16.66 -12.18
C VAL B 449 59.67 15.48 -11.23
N ASP B 450 60.40 15.68 -10.13
CA ASP B 450 60.68 14.58 -9.22
C ASP B 450 59.43 14.16 -8.45
N SER B 451 58.47 15.05 -8.26
CA SER B 451 57.21 14.65 -7.65
C SER B 451 56.46 13.67 -8.56
N ILE B 452 56.35 14.00 -9.84
CA ILE B 452 55.74 13.10 -10.80
C ILE B 452 56.49 11.77 -10.83
N MET B 453 57.82 11.83 -10.69
CA MET B 453 58.62 10.62 -10.77
C MET B 453 58.38 9.71 -9.59
N ASN B 454 58.12 10.28 -8.40
CA ASN B 454 57.72 9.46 -7.26
C ASN B 454 56.50 8.63 -7.59
N LEU B 455 55.50 9.25 -8.22
CA LEU B 455 54.27 8.54 -8.56
C LEU B 455 54.53 7.43 -9.57
N VAL B 456 55.40 7.68 -10.56
CA VAL B 456 55.71 6.66 -11.54
C VAL B 456 56.53 5.54 -10.92
N SER B 457 57.52 5.89 -10.09
CA SER B 457 58.31 4.86 -9.43
C SER B 457 57.45 3.91 -8.62
N THR B 458 56.32 4.40 -8.09
CA THR B 458 55.44 3.54 -7.30
C THR B 458 54.54 2.68 -8.18
N LEU B 459 54.20 3.14 -9.39
CA LEU B 459 53.59 2.24 -10.35
C LEU B 459 54.56 1.18 -10.84
N ILE B 460 55.86 1.41 -10.69
CA ILE B 460 56.88 0.47 -11.13
C ILE B 460 56.71 0.23 -12.63
N GLY C 1 5.80 16.38 -2.48
CA GLY C 1 5.05 16.42 -3.72
C GLY C 1 5.78 17.15 -4.84
N ALA C 2 6.12 16.41 -5.88
CA ALA C 2 6.84 16.97 -7.01
C ALA C 2 5.99 18.05 -7.71
N MET C 3 6.63 18.76 -8.63
CA MET C 3 5.90 19.77 -9.40
C MET C 3 4.74 19.10 -10.12
N GLY C 4 3.52 19.49 -9.78
CA GLY C 4 2.33 18.81 -10.25
C GLY C 4 1.60 18.17 -9.09
N SER C 5 2.33 17.47 -8.22
CA SER C 5 1.74 16.98 -6.99
C SER C 5 1.34 18.14 -6.08
N LYS C 6 2.30 19.02 -5.77
CA LYS C 6 1.99 20.20 -4.98
C LYS C 6 0.93 21.04 -5.66
N LEU C 7 1.09 21.32 -6.97
CA LEU C 7 0.09 22.10 -7.67
C LEU C 7 -1.29 21.48 -7.53
N LEU C 8 -1.39 20.17 -7.72
CA LEU C 8 -2.66 19.49 -7.50
C LEU C 8 -3.07 19.58 -6.04
N ASP C 9 -2.12 19.40 -5.13
CA ASP C 9 -2.41 19.51 -3.70
C ASP C 9 -3.05 20.85 -3.37
N GLU C 10 -2.44 21.95 -3.83
CA GLU C 10 -2.99 23.27 -3.55
C GLU C 10 -4.31 23.48 -4.28
N ALA C 11 -4.43 22.97 -5.51
CA ALA C 11 -5.69 23.07 -6.23
C ALA C 11 -6.79 22.33 -5.46
N ILE C 12 -6.51 21.11 -5.03
CA ILE C 12 -7.51 20.31 -4.32
C ILE C 12 -7.94 21.01 -3.03
N GLN C 13 -7.01 21.67 -2.36
CA GLN C 13 -7.35 22.31 -1.09
C GLN C 13 -8.25 23.53 -1.30
N ALA C 14 -8.11 24.20 -2.44
CA ALA C 14 -9.04 25.28 -2.77
C ALA C 14 -10.39 24.71 -3.17
N VAL C 15 -10.39 23.63 -3.96
CA VAL C 15 -11.64 22.96 -4.32
C VAL C 15 -12.38 22.53 -3.07
N LYS C 16 -11.66 21.98 -2.09
CA LYS C 16 -12.30 21.51 -0.86
C LYS C 16 -12.94 22.67 -0.11
N VAL C 17 -12.18 23.77 0.08
CA VAL C 17 -12.68 24.88 0.86
C VAL C 17 -13.83 25.58 0.14
N GLN C 18 -13.76 25.67 -1.19
CA GLN C 18 -14.80 26.37 -1.93
C GLN C 18 -16.07 25.55 -2.02
N SER C 19 -15.94 24.23 -2.17
CA SER C 19 -17.11 23.36 -2.19
C SER C 19 -17.81 23.36 -0.84
N PHE C 20 -17.04 23.41 0.24
CA PHE C 20 -17.64 23.51 1.57
C PHE C 20 -18.51 24.76 1.68
N GLN C 21 -18.02 25.88 1.17
CA GLN C 21 -18.81 27.12 1.21
C GLN C 21 -19.98 27.07 0.24
N MET C 22 -19.77 26.53 -0.96
CA MET C 22 -20.88 26.37 -1.90
C MET C 22 -22.03 25.62 -1.25
N LYS C 23 -21.70 24.60 -0.44
CA LYS C 23 -22.74 23.78 0.16
C LYS C 23 -23.43 24.47 1.34
N ARG C 24 -22.71 25.33 2.06
CA ARG C 24 -23.37 26.09 3.12
C ARG C 24 -24.25 27.20 2.57
N CYS C 25 -23.97 27.68 1.36
CA CYS C 25 -24.88 28.63 0.72
C CYS C 25 -26.12 27.93 0.20
N LEU C 26 -25.97 26.76 -0.43
CA LEU C 26 -27.13 25.99 -0.85
C LEU C 26 -27.97 25.60 0.35
N ASP C 27 -27.32 25.22 1.45
CA ASP C 27 -28.07 24.85 2.65
C ASP C 27 -28.90 26.02 3.17
N LYS C 28 -28.42 27.24 2.97
CA LYS C 28 -29.12 28.45 3.40
C LYS C 28 -29.94 29.08 2.29
N ASN C 29 -30.09 28.40 1.16
CA ASN C 29 -30.90 28.89 0.03
C ASN C 29 -30.39 30.23 -0.48
N LYS C 30 -29.07 30.42 -0.45
CA LYS C 30 -28.45 31.64 -0.94
C LYS C 30 -27.70 31.31 -2.23
N LEU C 31 -28.48 31.03 -3.29
CA LEU C 31 -27.97 30.41 -4.51
C LEU C 31 -27.07 31.32 -5.33
N MET C 32 -27.07 32.64 -5.09
CA MET C 32 -26.12 33.50 -5.79
C MET C 32 -24.72 33.35 -5.22
N ASP C 33 -24.62 33.20 -3.89
CA ASP C 33 -23.33 32.94 -3.27
C ASP C 33 -22.80 31.57 -3.67
N ALA C 34 -23.68 30.57 -3.72
CA ALA C 34 -23.27 29.24 -4.17
C ALA C 34 -22.65 29.31 -5.56
N LEU C 35 -23.37 29.88 -6.52
CA LEU C 35 -22.86 29.97 -7.89
C LEU C 35 -21.52 30.70 -7.95
N LYS C 36 -21.28 31.66 -7.06
CA LYS C 36 -20.00 32.34 -7.04
C LYS C 36 -18.89 31.40 -6.56
N HIS C 37 -19.18 30.60 -5.53
CA HIS C 37 -18.21 29.62 -5.07
C HIS C 37 -17.98 28.53 -6.11
N ALA C 38 -19.06 28.05 -6.74
CA ALA C 38 -18.91 27.09 -7.82
C ALA C 38 -18.05 27.65 -8.94
N SER C 39 -18.26 28.92 -9.28
CA SER C 39 -17.40 29.58 -10.27
C SER C 39 -15.97 29.70 -9.76
N ASN C 40 -15.80 29.94 -8.46
CA ASN C 40 -14.45 30.05 -7.91
C ASN C 40 -13.68 28.75 -8.08
N MET C 41 -14.16 27.66 -7.46
CA MET C 41 -13.44 26.40 -7.55
C MET C 41 -13.27 25.96 -8.99
N LEU C 42 -14.21 26.33 -9.87
CA LEU C 42 -14.05 26.02 -11.29
C LEU C 42 -12.86 26.75 -11.90
N GLY C 43 -12.42 27.84 -11.29
CA GLY C 43 -11.26 28.54 -11.81
C GLY C 43 -10.02 27.67 -11.86
N GLU C 44 -9.94 26.69 -10.96
CA GLU C 44 -8.76 25.83 -10.93
C GLU C 44 -8.59 25.04 -12.23
N LEU C 45 -9.68 24.80 -12.96
CA LEU C 45 -9.60 24.05 -14.19
C LEU C 45 -9.00 24.85 -15.34
N ARG C 46 -8.90 26.17 -15.19
CA ARG C 46 -8.28 26.99 -16.22
C ARG C 46 -6.80 26.73 -16.38
N THR C 47 -6.19 25.98 -15.44
CA THR C 47 -4.76 25.76 -15.47
C THR C 47 -4.35 24.98 -16.73
N SER C 48 -3.04 25.03 -17.02
CA SER C 48 -2.44 24.19 -18.05
C SER C 48 -1.15 23.54 -17.53
N MET C 49 -0.95 23.55 -16.21
CA MET C 49 0.27 23.04 -15.59
C MET C 49 0.12 21.61 -15.08
N LEU C 50 -1.02 20.98 -15.29
CA LEU C 50 -1.29 19.64 -14.78
C LEU C 50 -1.30 18.65 -15.93
N SER C 51 -0.60 17.53 -15.75
CA SER C 51 -0.63 16.43 -16.69
C SER C 51 -2.05 15.87 -16.78
N PRO C 52 -2.35 15.06 -17.80
CA PRO C 52 -3.69 14.46 -17.87
C PRO C 52 -4.04 13.65 -16.64
N LYS C 53 -3.08 13.00 -15.99
CA LYS C 53 -3.39 12.24 -14.78
C LYS C 53 -3.79 13.17 -13.64
N SER C 54 -2.98 14.20 -13.39
CA SER C 54 -3.31 15.17 -12.35
C SER C 54 -4.60 15.90 -12.70
N TYR C 55 -4.72 16.37 -13.94
CA TYR C 55 -5.92 17.12 -14.34
C TYR C 55 -7.17 16.28 -14.18
N TYR C 56 -7.09 14.99 -14.51
CA TYR C 56 -8.24 14.12 -14.35
C TYR C 56 -8.69 14.07 -12.88
N GLU C 57 -7.74 13.96 -11.96
CA GLU C 57 -8.07 13.93 -10.54
C GLU C 57 -8.75 15.23 -10.13
N LEU C 58 -8.16 16.36 -10.49
CA LEU C 58 -8.77 17.66 -10.20
C LEU C 58 -10.16 17.74 -10.82
N TYR C 59 -10.29 17.32 -12.08
CA TYR C 59 -11.58 17.35 -12.76
C TYR C 59 -12.63 16.56 -11.98
N MET C 60 -12.29 15.33 -11.58
CA MET C 60 -13.24 14.52 -10.84
C MET C 60 -13.58 15.13 -9.48
N ALA C 61 -12.64 15.89 -8.90
CA ALA C 61 -12.94 16.59 -7.65
C ALA C 61 -13.99 17.67 -7.88
N ILE C 62 -13.83 18.47 -8.93
CA ILE C 62 -14.81 19.51 -9.24
C ILE C 62 -16.14 18.90 -9.64
N SER C 63 -16.12 18.02 -10.65
CA SER C 63 -17.36 17.47 -11.18
C SER C 63 -18.17 16.74 -10.11
N ASP C 64 -17.51 16.23 -9.06
CA ASP C 64 -18.25 15.68 -7.94
C ASP C 64 -19.15 16.75 -7.31
N GLU C 65 -18.55 17.85 -6.86
CA GLU C 65 -19.33 18.94 -6.27
C GLU C 65 -20.28 19.55 -7.28
N LEU C 66 -19.87 19.61 -8.55
CA LEU C 66 -20.72 20.23 -9.57
C LEU C 66 -21.98 19.41 -9.80
N HIS C 67 -21.86 18.08 -9.80
CA HIS C 67 -23.04 17.23 -9.89
C HIS C 67 -23.93 17.44 -8.68
N TYR C 68 -23.33 17.65 -7.51
CA TYR C 68 -24.12 17.89 -6.30
C TYR C 68 -24.94 19.18 -6.44
N LEU C 69 -24.36 20.21 -7.06
CA LEU C 69 -25.10 21.45 -7.29
C LEU C 69 -26.26 21.20 -8.24
N GLU C 70 -26.01 20.50 -9.35
CA GLU C 70 -27.06 20.20 -10.32
C GLU C 70 -28.25 19.53 -9.64
N VAL C 71 -28.00 18.45 -8.91
CA VAL C 71 -29.09 17.72 -8.27
C VAL C 71 -29.73 18.59 -7.18
N TYR C 72 -28.96 19.47 -6.55
CA TYR C 72 -29.53 20.33 -5.54
C TYR C 72 -30.46 21.37 -6.16
N LEU C 73 -30.05 21.97 -7.29
CA LEU C 73 -30.90 22.94 -7.95
C LEU C 73 -32.12 22.28 -8.59
N THR C 74 -31.96 21.08 -9.12
CA THR C 74 -33.10 20.37 -9.69
C THR C 74 -34.12 20.02 -8.61
N ASP C 75 -33.65 19.57 -7.44
CA ASP C 75 -34.55 19.16 -6.37
C ASP C 75 -35.12 20.34 -5.58
N GLU C 76 -34.45 21.50 -5.60
CA GLU C 76 -34.89 22.59 -4.73
C GLU C 76 -36.13 23.28 -5.28
N PHE C 77 -36.22 23.44 -6.61
CA PHE C 77 -37.40 24.04 -7.22
C PHE C 77 -37.78 23.23 -8.45
N ALA C 78 -39.07 22.92 -8.58
CA ALA C 78 -39.60 22.16 -9.71
C ALA C 78 -40.40 23.11 -10.60
N LYS C 79 -40.01 23.18 -11.88
CA LYS C 79 -40.57 24.15 -12.81
C LYS C 79 -40.43 25.58 -12.28
N GLY C 80 -39.33 25.84 -11.58
CA GLY C 80 -39.15 27.13 -10.94
C GLY C 80 -38.78 28.23 -11.92
N ARG C 81 -39.17 29.45 -11.55
CA ARG C 81 -38.72 30.63 -12.29
C ARG C 81 -37.25 30.92 -12.01
N LYS C 82 -36.78 30.59 -10.81
CA LYS C 82 -35.38 30.78 -10.46
C LYS C 82 -34.45 30.13 -11.48
N VAL C 83 -34.81 28.92 -11.94
CA VAL C 83 -34.01 28.24 -12.96
C VAL C 83 -33.68 29.22 -14.07
N ALA C 84 -34.69 29.93 -14.56
CA ALA C 84 -34.50 30.81 -15.70
C ALA C 84 -33.60 31.98 -15.37
N ASP C 85 -33.65 32.48 -14.14
CA ASP C 85 -32.77 33.58 -13.77
C ASP C 85 -31.33 33.11 -13.62
N LEU C 86 -31.12 31.97 -12.95
CA LEU C 86 -29.77 31.43 -12.80
C LEU C 86 -29.12 31.18 -14.15
N TYR C 87 -29.91 30.80 -15.17
CA TYR C 87 -29.35 30.60 -16.50
C TYR C 87 -28.89 31.92 -17.13
N GLU C 88 -29.50 33.05 -16.72
CA GLU C 88 -29.10 34.34 -17.27
C GLU C 88 -27.80 34.84 -16.63
N LEU C 89 -27.68 34.72 -15.31
CA LEU C 89 -26.48 35.18 -14.64
C LEU C 89 -25.24 34.43 -15.11
N VAL C 90 -25.34 33.11 -15.23
CA VAL C 90 -24.18 32.26 -15.41
C VAL C 90 -23.37 32.62 -16.65
N GLN C 91 -24.00 33.23 -17.65
CA GLN C 91 -23.31 33.54 -18.90
C GLN C 91 -22.48 34.82 -18.82
N TYR C 92 -22.24 35.36 -17.61
CA TYR C 92 -21.60 36.66 -17.44
C TYR C 92 -20.24 36.57 -16.75
N ALA C 93 -19.61 35.39 -16.73
CA ALA C 93 -18.46 35.21 -15.86
C ALA C 93 -17.14 35.57 -16.53
N GLY C 94 -16.49 34.61 -17.16
CA GLY C 94 -15.13 34.79 -17.62
C GLY C 94 -14.14 34.18 -16.63
N ASN C 95 -13.18 33.38 -17.08
CA ASN C 95 -13.00 33.06 -18.50
C ASN C 95 -14.05 32.04 -18.96
N ILE C 96 -13.80 31.43 -20.12
CA ILE C 96 -14.84 30.66 -20.79
C ILE C 96 -15.17 29.39 -20.01
N ILE C 97 -14.19 28.84 -19.31
CA ILE C 97 -14.32 27.50 -18.73
C ILE C 97 -15.34 27.51 -17.59
N PRO C 98 -15.16 28.30 -16.53
CA PRO C 98 -16.19 28.34 -15.49
C PRO C 98 -17.57 28.70 -16.02
N ARG C 99 -17.65 29.51 -17.07
CA ARG C 99 -18.94 29.86 -17.66
C ARG C 99 -19.58 28.64 -18.33
N LEU C 100 -18.80 27.90 -19.12
CA LEU C 100 -19.37 26.78 -19.86
C LEU C 100 -19.73 25.62 -18.93
N TYR C 101 -18.91 25.36 -17.91
CA TYR C 101 -19.24 24.33 -16.93
C TYR C 101 -20.56 24.65 -16.23
N LEU C 102 -20.69 25.88 -15.73
CA LEU C 102 -21.94 26.30 -15.11
C LEU C 102 -23.06 26.37 -16.14
N LEU C 103 -22.74 26.81 -17.35
CA LEU C 103 -23.73 26.83 -18.43
C LEU C 103 -24.29 25.44 -18.67
N ILE C 104 -23.42 24.44 -18.78
CA ILE C 104 -23.87 23.07 -18.97
C ILE C 104 -24.60 22.56 -17.74
N THR C 105 -24.11 22.92 -16.54
CA THR C 105 -24.70 22.42 -15.32
C THR C 105 -26.09 23.01 -15.09
N VAL C 106 -26.21 24.33 -15.23
CA VAL C 106 -27.51 24.98 -15.05
C VAL C 106 -28.41 24.71 -16.24
N GLY C 107 -27.85 24.59 -17.44
CA GLY C 107 -28.67 24.31 -18.60
C GLY C 107 -29.46 23.02 -18.48
N VAL C 108 -28.85 22.00 -17.88
CA VAL C 108 -29.55 20.73 -17.67
C VAL C 108 -30.73 20.94 -16.73
N VAL C 109 -30.49 21.62 -15.60
CA VAL C 109 -31.58 21.92 -14.68
C VAL C 109 -32.67 22.71 -15.40
N TYR C 110 -32.28 23.52 -16.37
CA TYR C 110 -33.24 24.32 -17.14
C TYR C 110 -34.15 23.43 -17.98
N VAL C 111 -33.57 22.45 -18.66
CA VAL C 111 -34.36 21.57 -19.53
C VAL C 111 -35.38 20.80 -18.72
N LYS C 112 -35.04 20.41 -17.49
CA LYS C 112 -35.98 19.67 -16.66
C LYS C 112 -37.23 20.49 -16.35
N SER C 113 -37.07 21.81 -16.22
CA SER C 113 -38.15 22.69 -15.80
C SER C 113 -38.79 23.44 -16.96
N PHE C 114 -38.18 23.40 -18.14
CA PHE C 114 -38.75 24.03 -19.34
C PHE C 114 -38.49 23.09 -20.51
N PRO C 115 -39.21 21.96 -20.56
CA PRO C 115 -38.90 20.94 -21.58
C PRO C 115 -39.06 21.42 -23.01
N GLN C 116 -39.79 22.52 -23.23
CA GLN C 116 -39.93 23.05 -24.58
C GLN C 116 -38.61 23.57 -25.12
N SER C 117 -37.64 23.83 -24.25
CA SER C 117 -36.34 24.37 -24.64
C SER C 117 -35.27 23.30 -24.79
N ARG C 118 -35.64 22.03 -24.65
CA ARG C 118 -34.67 20.94 -24.69
C ARG C 118 -33.82 21.00 -25.95
N LYS C 119 -34.47 20.91 -27.11
CA LYS C 119 -33.74 20.80 -28.37
C LYS C 119 -32.78 21.96 -28.58
N ASP C 120 -33.16 23.16 -28.13
CA ASP C 120 -32.32 24.33 -28.35
C ASP C 120 -31.22 24.46 -27.30
N ILE C 121 -31.52 24.11 -26.05
CA ILE C 121 -30.47 24.08 -25.03
C ILE C 121 -29.34 23.16 -25.46
N LEU C 122 -29.69 21.93 -25.83
CA LEU C 122 -28.66 20.97 -26.24
C LEU C 122 -27.93 21.45 -27.48
N LYS C 123 -28.68 21.89 -28.50
CA LYS C 123 -28.04 22.43 -29.69
C LYS C 123 -27.09 23.57 -29.34
N ASP C 124 -27.40 24.34 -28.30
CA ASP C 124 -26.57 25.49 -27.94
C ASP C 124 -25.30 25.06 -27.22
N LEU C 125 -25.41 24.10 -26.30
CA LEU C 125 -24.25 23.71 -25.49
C LEU C 125 -23.16 23.08 -26.33
N VAL C 126 -23.52 22.27 -27.33
CA VAL C 126 -22.50 21.61 -28.16
C VAL C 126 -21.66 22.65 -28.88
N GLU C 127 -22.30 23.73 -29.34
CA GLU C 127 -21.60 24.76 -30.11
C GLU C 127 -20.92 25.78 -29.20
N MET C 128 -21.37 25.91 -27.95
CA MET C 128 -20.66 26.77 -27.00
C MET C 128 -19.28 26.21 -26.68
N CYS C 129 -19.15 24.89 -26.58
CA CYS C 129 -17.86 24.27 -26.31
C CYS C 129 -16.82 24.58 -27.37
N ARG C 130 -17.23 25.09 -28.53
CA ARG C 130 -16.27 25.52 -29.54
C ARG C 130 -15.45 26.72 -29.08
N GLY C 131 -15.84 27.38 -27.99
CA GLY C 131 -15.13 28.53 -27.47
C GLY C 131 -13.87 28.21 -26.71
N VAL C 132 -13.61 26.93 -26.43
CA VAL C 132 -12.39 26.48 -25.80
C VAL C 132 -11.70 25.55 -26.79
N GLN C 133 -10.52 25.94 -27.24
CA GLN C 133 -9.76 25.16 -28.22
C GLN C 133 -8.56 24.46 -27.59
N HIS C 134 -8.27 24.70 -26.32
CA HIS C 134 -7.16 24.00 -25.69
C HIS C 134 -7.43 22.50 -25.71
N PRO C 135 -6.48 21.67 -26.14
CA PRO C 135 -6.78 20.23 -26.26
C PRO C 135 -7.23 19.59 -24.96
N LEU C 136 -6.41 19.71 -23.90
CA LEU C 136 -6.72 19.03 -22.65
C LEU C 136 -7.98 19.59 -22.00
N ARG C 137 -8.06 20.91 -21.88
CA ARG C 137 -9.23 21.53 -21.23
C ARG C 137 -10.48 21.37 -22.08
N GLY C 138 -10.34 21.34 -23.40
CA GLY C 138 -11.50 21.14 -24.25
C GLY C 138 -12.11 19.75 -24.08
N LEU C 139 -11.27 18.71 -24.02
CA LEU C 139 -11.76 17.36 -23.84
C LEU C 139 -12.58 17.24 -22.56
N PHE C 140 -11.94 17.49 -21.41
CA PHE C 140 -12.62 17.31 -20.14
C PHE C 140 -13.90 18.10 -20.06
N LEU C 141 -13.95 19.29 -20.66
CA LEU C 141 -15.21 20.01 -20.75
C LEU C 141 -16.21 19.24 -21.58
N ARG C 142 -15.80 18.79 -22.76
CA ARG C 142 -16.69 18.04 -23.64
C ARG C 142 -17.11 16.73 -23.00
N ASN C 143 -16.21 16.10 -22.23
CA ASN C 143 -16.62 14.93 -21.45
C ASN C 143 -17.73 15.30 -20.48
N TYR C 144 -17.58 16.43 -19.78
CA TYR C 144 -18.62 16.85 -18.85
C TYR C 144 -19.92 17.14 -19.59
N LEU C 145 -19.84 17.56 -20.86
CA LEU C 145 -21.04 17.76 -21.65
C LEU C 145 -21.80 16.45 -21.85
N LEU C 146 -21.09 15.40 -22.27
CA LEU C 146 -21.73 14.10 -22.45
C LEU C 146 -22.32 13.59 -21.14
N GLN C 147 -21.54 13.63 -20.07
CA GLN C 147 -21.97 13.04 -18.82
C GLN C 147 -23.14 13.82 -18.20
N CYS C 148 -23.10 15.14 -18.32
CA CYS C 148 -24.09 15.97 -17.62
C CYS C 148 -25.45 15.94 -18.32
N THR C 149 -25.47 15.70 -19.63
CA THR C 149 -26.71 15.75 -20.41
C THR C 149 -27.20 14.38 -20.84
N ARG C 150 -26.59 13.31 -20.33
CA ARG C 150 -26.94 11.96 -20.78
C ARG C 150 -28.37 11.61 -20.43
N ASN C 151 -28.87 12.09 -19.29
CA ASN C 151 -30.19 11.71 -18.80
C ASN C 151 -31.32 12.58 -19.37
N ILE C 152 -31.00 13.54 -20.24
CA ILE C 152 -32.04 14.39 -20.84
C ILE C 152 -31.86 14.44 -22.35
N LEU C 153 -31.06 13.52 -22.91
CA LEU C 153 -30.99 13.42 -24.36
C LEU C 153 -32.25 12.72 -24.87
N PRO C 154 -32.96 13.30 -25.84
CA PRO C 154 -34.18 12.66 -26.34
C PRO C 154 -33.89 11.26 -26.88
N ASP C 155 -34.86 10.37 -26.71
CA ASP C 155 -34.70 8.97 -27.07
C ASP C 155 -36.09 8.39 -27.38
N GLU C 156 -36.12 7.09 -27.65
CA GLU C 156 -37.40 6.42 -27.95
C GLU C 156 -38.08 5.88 -26.71
N GLY C 157 -37.33 5.32 -25.76
CA GLY C 157 -37.91 4.85 -24.52
C GLY C 157 -38.36 6.01 -23.65
N GLU C 158 -39.08 6.95 -24.26
CA GLU C 158 -39.29 8.25 -23.68
C GLU C 158 -40.79 8.49 -23.54
N PRO C 159 -41.28 8.99 -22.39
CA PRO C 159 -42.67 9.47 -22.35
C PRO C 159 -42.75 10.93 -22.78
N THR C 160 -43.40 11.19 -23.91
CA THR C 160 -43.35 12.51 -24.56
C THR C 160 -44.57 13.33 -24.14
N ASP C 161 -44.38 14.19 -23.14
CA ASP C 161 -45.36 15.22 -22.79
C ASP C 161 -44.60 16.55 -22.76
N GLU C 162 -44.70 17.30 -23.85
CA GLU C 162 -44.12 18.64 -24.00
C GLU C 162 -42.61 18.64 -24.16
N GLU C 163 -41.97 17.50 -24.26
CA GLU C 163 -40.51 17.51 -24.46
C GLU C 163 -40.13 18.06 -25.84
N THR C 164 -41.12 18.54 -26.59
CA THR C 164 -40.89 19.10 -27.91
C THR C 164 -39.81 20.19 -27.96
N THR C 165 -38.98 20.25 -29.00
CA THR C 165 -38.76 19.15 -29.94
C THR C 165 -37.56 18.45 -29.34
N GLY C 166 -37.01 17.48 -30.04
CA GLY C 166 -36.09 16.55 -29.41
C GLY C 166 -36.54 15.14 -29.70
N ASP C 167 -36.04 14.61 -30.80
CA ASP C 167 -36.24 13.22 -31.18
C ASP C 167 -34.89 12.53 -31.18
N ILE C 168 -34.91 11.22 -31.40
CA ILE C 168 -33.68 10.45 -31.39
C ILE C 168 -32.67 10.98 -32.41
N SER C 169 -33.13 11.75 -33.40
CA SER C 169 -32.22 12.24 -34.43
C SER C 169 -31.32 13.35 -33.90
N ASP C 170 -31.83 14.21 -33.04
CA ASP C 170 -31.02 15.31 -32.50
C ASP C 170 -29.91 14.78 -31.60
N SER C 171 -30.22 13.79 -30.76
CA SER C 171 -29.20 13.21 -29.89
C SER C 171 -28.04 12.65 -30.71
N MET C 172 -28.32 12.13 -31.90
CA MET C 172 -27.25 11.64 -32.77
C MET C 172 -26.35 12.78 -33.22
N ASP C 173 -26.95 13.88 -33.69
CA ASP C 173 -26.17 15.05 -34.05
C ASP C 173 -25.36 15.54 -32.85
N PHE C 174 -26.03 15.66 -31.69
CA PHE C 174 -25.36 16.06 -30.46
C PHE C 174 -24.04 15.31 -30.26
N VAL C 175 -24.11 13.98 -30.23
CA VAL C 175 -22.93 13.18 -29.92
C VAL C 175 -21.94 13.22 -31.09
N LEU C 176 -22.43 13.02 -32.31
CA LEU C 176 -21.53 12.95 -33.46
C LEU C 176 -20.81 14.26 -33.69
N LEU C 177 -21.51 15.39 -33.54
CA LEU C 177 -20.84 16.67 -33.56
C LEU C 177 -19.90 16.81 -32.36
N ASN C 178 -20.35 16.33 -31.20
CA ASN C 178 -19.49 16.30 -30.03
C ASN C 178 -18.31 15.36 -30.25
N PHE C 179 -18.55 14.22 -30.91
CA PHE C 179 -17.48 13.27 -31.18
C PHE C 179 -16.49 13.80 -32.19
N ALA C 180 -16.95 14.62 -33.14
CA ALA C 180 -16.05 15.22 -34.12
C ALA C 180 -15.07 16.18 -33.46
N GLU C 181 -15.60 17.14 -32.70
CA GLU C 181 -14.74 18.14 -32.08
C GLU C 181 -13.79 17.50 -31.07
N MET C 182 -14.32 16.62 -30.22
CA MET C 182 -13.49 15.94 -29.24
C MET C 182 -12.38 15.15 -29.92
N ASN C 183 -12.63 14.63 -31.12
CA ASN C 183 -11.60 13.92 -31.85
C ASN C 183 -10.51 14.86 -32.31
N LYS C 184 -10.89 16.00 -32.88
CA LYS C 184 -9.90 16.99 -33.30
C LYS C 184 -9.02 17.41 -32.14
N LEU C 185 -9.64 17.74 -31.00
CA LEU C 185 -8.86 18.17 -29.84
C LEU C 185 -7.90 17.09 -29.38
N TRP C 186 -8.35 15.84 -29.36
CA TRP C 186 -7.46 14.75 -28.97
C TRP C 186 -6.28 14.65 -29.94
N VAL C 187 -6.52 14.90 -31.22
CA VAL C 187 -5.44 14.83 -32.20
C VAL C 187 -4.53 16.06 -32.09
N ARG C 188 -5.10 17.23 -31.82
CA ARG C 188 -4.27 18.42 -31.64
C ARG C 188 -3.33 18.24 -30.46
N MET C 189 -3.74 17.47 -29.47
CA MET C 189 -2.94 17.21 -28.28
C MET C 189 -1.74 16.33 -28.62
N SER C 195 4.50 18.37 -22.38
CA SER C 195 5.40 17.53 -21.59
C SER C 195 6.86 17.85 -21.89
N ARG C 196 7.71 16.83 -21.71
CA ARG C 196 9.13 16.96 -21.97
C ARG C 196 9.44 16.74 -23.45
N ASP C 197 8.77 15.77 -24.08
CA ASP C 197 8.87 15.55 -25.52
C ASP C 197 7.56 14.96 -25.99
N ARG C 198 7.52 14.52 -27.25
CA ARG C 198 6.34 13.84 -27.81
C ARG C 198 6.51 12.32 -27.84
N GLU C 199 7.68 11.84 -28.31
CA GLU C 199 7.88 10.41 -28.46
C GLU C 199 7.44 9.63 -27.23
N LYS C 200 7.59 10.22 -26.05
CA LYS C 200 7.10 9.65 -24.80
C LYS C 200 6.10 10.57 -24.12
N ARG C 201 5.30 11.28 -24.92
CA ARG C 201 4.11 11.97 -24.42
C ARG C 201 2.85 11.61 -25.22
N GLU C 202 2.98 10.84 -26.30
CA GLU C 202 1.82 10.18 -26.91
C GLU C 202 1.32 9.19 -25.87
N ARG C 203 2.06 9.06 -24.75
CA ARG C 203 1.54 8.31 -23.61
C ARG C 203 0.63 9.13 -22.72
N GLU C 204 0.71 10.47 -22.78
CA GLU C 204 -0.34 11.30 -22.21
C GLU C 204 -1.63 11.19 -23.02
N ARG C 205 -1.50 11.24 -24.35
CA ARG C 205 -2.66 11.19 -25.22
C ARG C 205 -3.46 9.90 -25.07
N GLN C 206 -2.81 8.82 -24.63
CA GLN C 206 -3.40 7.49 -24.71
C GLN C 206 -4.26 7.12 -23.51
N GLU C 207 -4.55 8.07 -22.61
CA GLU C 207 -5.58 7.87 -21.61
C GLU C 207 -6.82 8.73 -21.85
N LEU C 208 -6.63 9.92 -22.40
CA LEU C 208 -7.76 10.71 -22.87
C LEU C 208 -8.41 10.09 -24.09
N ARG C 209 -7.85 8.99 -24.61
CA ARG C 209 -8.57 8.16 -25.57
C ARG C 209 -9.94 7.79 -25.04
N ILE C 210 -10.01 7.47 -23.75
CA ILE C 210 -11.28 7.05 -23.16
C ILE C 210 -12.28 8.19 -23.14
N LEU C 211 -11.80 9.43 -23.24
CA LEU C 211 -12.70 10.58 -23.22
C LEU C 211 -13.52 10.68 -24.51
N VAL C 212 -12.87 10.48 -25.67
CA VAL C 212 -13.60 10.58 -26.92
C VAL C 212 -14.40 9.31 -27.17
N GLY C 213 -13.84 8.15 -26.87
CA GLY C 213 -14.59 6.91 -26.98
C GLY C 213 -15.87 6.91 -26.17
N THR C 214 -15.99 7.82 -25.19
CA THR C 214 -17.22 7.91 -24.42
C THR C 214 -18.37 8.43 -25.27
N ASN C 215 -18.08 9.17 -26.34
CA ASN C 215 -19.11 9.47 -27.32
C ASN C 215 -19.74 8.20 -27.85
N LEU C 216 -18.91 7.26 -28.29
CA LEU C 216 -19.41 5.99 -28.82
C LEU C 216 -20.22 5.24 -27.76
N VAL C 217 -19.78 5.29 -26.50
CA VAL C 217 -20.53 4.64 -25.44
C VAL C 217 -21.89 5.31 -25.27
N ARG C 218 -21.94 6.64 -25.35
CA ARG C 218 -23.20 7.35 -25.18
C ARG C 218 -24.19 6.97 -26.27
N LEU C 219 -23.72 6.85 -27.52
CA LEU C 219 -24.59 6.40 -28.59
C LEU C 219 -25.15 5.02 -28.30
N SER C 220 -24.29 4.08 -27.93
CA SER C 220 -24.74 2.73 -27.64
C SER C 220 -25.82 2.72 -26.56
N GLN C 221 -25.73 3.64 -25.59
CA GLN C 221 -26.69 3.63 -24.48
C GLN C 221 -28.08 4.09 -24.92
N LEU C 222 -28.19 4.84 -26.01
CA LEU C 222 -29.48 5.29 -26.49
C LEU C 222 -30.31 4.10 -26.95
N GLU C 223 -31.53 3.97 -26.42
CA GLU C 223 -32.44 2.92 -26.88
C GLU C 223 -32.88 3.13 -28.32
N GLY C 224 -32.67 4.32 -28.88
CA GLY C 224 -33.17 4.61 -30.21
C GLY C 224 -32.27 4.12 -31.33
N VAL C 225 -30.96 4.09 -31.10
CA VAL C 225 -30.02 3.67 -32.14
C VAL C 225 -30.15 2.19 -32.42
N ASN C 226 -31.28 1.78 -33.01
CA ASN C 226 -31.43 0.39 -33.42
C ASN C 226 -30.52 0.12 -34.63
N VAL C 227 -30.52 -1.14 -35.09
CA VAL C 227 -29.66 -1.53 -36.19
C VAL C 227 -29.97 -0.75 -37.45
N GLU C 228 -31.19 -0.23 -37.57
CA GLU C 228 -31.57 0.54 -38.75
C GLU C 228 -30.83 1.87 -38.77
N ARG C 229 -30.89 2.60 -37.66
CA ARG C 229 -30.25 3.91 -37.58
C ARG C 229 -28.74 3.80 -37.45
N TYR C 230 -28.25 2.73 -36.81
CA TYR C 230 -26.80 2.51 -36.77
C TYR C 230 -26.25 2.29 -38.17
N LYS C 231 -27.02 1.62 -39.03
CA LYS C 231 -26.53 1.24 -40.34
C LYS C 231 -26.39 2.46 -41.26
N GLN C 232 -27.25 3.46 -41.10
CA GLN C 232 -27.31 4.58 -42.03
C GLN C 232 -26.68 5.85 -41.49
N ILE C 233 -26.96 6.21 -40.24
CA ILE C 233 -26.52 7.50 -39.68
C ILE C 233 -25.31 7.33 -38.78
N VAL C 234 -25.39 6.45 -37.79
CA VAL C 234 -24.34 6.38 -36.77
C VAL C 234 -23.03 5.92 -37.37
N LEU C 235 -22.99 4.68 -37.87
CA LEU C 235 -21.72 4.12 -38.30
C LEU C 235 -21.11 4.89 -39.45
N THR C 236 -21.94 5.50 -40.29
CA THR C 236 -21.41 6.32 -41.38
C THR C 236 -20.78 7.60 -40.84
N GLY C 237 -21.37 8.16 -39.77
CA GLY C 237 -20.78 9.34 -39.16
C GLY C 237 -19.46 9.05 -38.47
N ILE C 238 -19.40 7.95 -37.72
CA ILE C 238 -18.19 7.59 -37.00
C ILE C 238 -17.08 7.23 -37.99
N LEU C 239 -17.37 6.31 -38.92
CA LEU C 239 -16.36 5.89 -39.88
C LEU C 239 -15.83 7.07 -40.68
N GLU C 240 -16.68 8.06 -40.97
CA GLU C 240 -16.22 9.24 -41.68
C GLU C 240 -15.13 9.96 -40.89
N GLN C 241 -15.33 10.12 -39.58
CA GLN C 241 -14.33 10.79 -38.75
C GLN C 241 -13.05 9.98 -38.62
N VAL C 242 -13.16 8.66 -38.59
CA VAL C 242 -11.99 7.81 -38.37
C VAL C 242 -11.06 7.86 -39.58
N VAL C 243 -11.61 7.61 -40.77
CA VAL C 243 -10.77 7.50 -41.95
C VAL C 243 -10.26 8.86 -42.42
N ASN C 244 -11.05 9.91 -42.23
CA ASN C 244 -10.66 11.22 -42.76
C ASN C 244 -9.66 11.93 -41.85
N CYS C 245 -9.87 11.87 -40.54
CA CYS C 245 -8.86 12.32 -39.59
C CYS C 245 -7.74 11.29 -39.58
N ARG C 246 -6.62 11.63 -40.22
CA ARG C 246 -5.56 10.66 -40.47
C ARG C 246 -4.60 10.64 -39.29
N ASP C 247 -4.98 9.87 -38.27
CA ASP C 247 -4.12 9.65 -37.10
C ASP C 247 -4.17 8.17 -36.75
N ALA C 248 -3.01 7.51 -36.75
CA ALA C 248 -2.97 6.06 -36.58
C ALA C 248 -3.57 5.65 -35.25
N LEU C 249 -3.19 6.34 -34.17
CA LEU C 249 -3.65 5.92 -32.85
C LEU C 249 -5.14 6.20 -32.67
N ALA C 250 -5.62 7.33 -33.18
CA ALA C 250 -7.05 7.61 -33.15
C ALA C 250 -7.82 6.61 -33.99
N GLN C 251 -7.26 6.21 -35.13
CA GLN C 251 -7.95 5.25 -35.98
C GLN C 251 -7.99 3.87 -35.34
N GLU C 252 -6.86 3.42 -34.80
CA GLU C 252 -6.83 2.10 -34.19
C GLU C 252 -7.77 2.04 -32.98
N TYR C 253 -7.64 3.00 -32.06
CA TYR C 253 -8.50 2.97 -30.88
C TYR C 253 -9.98 3.02 -31.24
N LEU C 254 -10.35 3.88 -32.19
CA LEU C 254 -11.76 4.08 -32.48
C LEU C 254 -12.37 2.85 -33.15
N MET C 255 -11.70 2.31 -34.16
CA MET C 255 -12.21 1.11 -34.83
C MET C 255 -12.39 -0.03 -33.85
N GLU C 256 -11.37 -0.29 -33.02
CA GLU C 256 -11.50 -1.31 -31.99
C GLU C 256 -12.63 -0.97 -31.03
N CYS C 257 -12.83 0.32 -30.77
CA CYS C 257 -13.90 0.73 -29.85
C CYS C 257 -15.28 0.52 -30.48
N ILE C 258 -15.40 0.66 -31.80
CA ILE C 258 -16.67 0.40 -32.47
C ILE C 258 -17.05 -1.07 -32.32
N ILE C 259 -16.09 -1.97 -32.59
CA ILE C 259 -16.33 -3.40 -32.42
C ILE C 259 -16.78 -3.69 -30.99
N GLN C 260 -16.13 -3.05 -30.03
CA GLN C 260 -16.30 -3.39 -28.62
C GLN C 260 -17.56 -2.77 -28.02
N VAL C 261 -17.91 -1.55 -28.45
CA VAL C 261 -19.02 -0.84 -27.83
C VAL C 261 -20.36 -1.29 -28.41
N PHE C 262 -20.40 -1.56 -29.72
CA PHE C 262 -21.68 -1.91 -30.32
C PHE C 262 -21.91 -3.41 -30.31
N PRO C 263 -23.16 -3.85 -30.26
CA PRO C 263 -23.44 -5.29 -30.20
C PRO C 263 -23.08 -6.00 -31.49
N ASP C 264 -23.07 -7.34 -31.42
CA ASP C 264 -22.74 -8.14 -32.59
C ASP C 264 -23.89 -8.14 -33.61
N GLU C 265 -25.12 -7.93 -33.15
CA GLU C 265 -26.24 -7.82 -34.09
C GLU C 265 -25.99 -6.71 -35.10
N PHE C 266 -25.34 -5.62 -34.66
CA PHE C 266 -25.08 -4.50 -35.55
C PHE C 266 -23.95 -4.80 -36.52
N HIS C 267 -22.94 -5.54 -36.07
CA HIS C 267 -21.79 -5.84 -36.92
C HIS C 267 -22.16 -6.81 -38.04
N LEU C 268 -23.19 -7.63 -37.84
CA LEU C 268 -23.63 -8.54 -38.89
C LEU C 268 -24.34 -7.83 -40.03
N GLN C 269 -24.80 -6.60 -39.80
CA GLN C 269 -25.50 -5.83 -40.83
C GLN C 269 -24.65 -4.68 -41.37
N THR C 270 -23.38 -4.59 -40.96
CA THR C 270 -22.48 -3.56 -41.45
C THR C 270 -21.09 -4.12 -41.71
N LEU C 271 -21.00 -5.42 -41.97
CA LEU C 271 -19.69 -6.06 -42.04
C LEU C 271 -18.85 -5.57 -43.21
N ASN C 272 -19.46 -4.97 -44.22
CA ASN C 272 -18.73 -4.52 -45.40
C ASN C 272 -18.22 -3.10 -45.24
N PRO C 273 -19.06 -2.11 -44.93
CA PRO C 273 -18.54 -0.74 -44.80
C PRO C 273 -17.54 -0.59 -43.67
N PHE C 274 -17.64 -1.42 -42.62
CA PHE C 274 -16.58 -1.49 -41.64
C PHE C 274 -15.29 -2.00 -42.27
N LEU C 275 -15.30 -3.25 -42.75
CA LEU C 275 -14.13 -3.82 -43.41
C LEU C 275 -13.67 -2.99 -44.59
N ARG C 276 -14.56 -2.21 -45.20
CA ARG C 276 -14.13 -1.32 -46.28
C ARG C 276 -13.44 -0.08 -45.73
N ALA C 277 -13.88 0.41 -44.57
CA ALA C 277 -13.16 1.49 -43.90
C ALA C 277 -11.76 1.04 -43.50
N CYS C 278 -11.61 -0.21 -43.08
CA CYS C 278 -10.29 -0.74 -42.71
C CYS C 278 -9.31 -0.63 -43.88
N ALA C 279 -9.79 -0.80 -45.11
CA ALA C 279 -8.92 -0.66 -46.27
C ALA C 279 -8.50 0.80 -46.48
N GLU C 280 -9.35 1.74 -46.10
CA GLU C 280 -9.05 3.16 -46.22
C GLU C 280 -8.20 3.70 -45.08
N LEU C 281 -7.88 2.90 -44.08
CA LEU C 281 -7.26 3.42 -42.87
C LEU C 281 -5.81 3.80 -43.12
N HIS C 282 -5.25 4.52 -42.15
CA HIS C 282 -3.85 4.91 -42.18
C HIS C 282 -2.96 3.67 -42.19
N GLN C 283 -1.71 3.85 -42.63
CA GLN C 283 -0.85 2.70 -42.89
C GLN C 283 -0.36 2.06 -41.59
N ASN C 284 -0.04 2.86 -40.58
CA ASN C 284 0.48 2.33 -39.32
C ASN C 284 -0.58 1.62 -38.49
N VAL C 285 -1.85 1.62 -38.91
CA VAL C 285 -2.89 0.92 -38.17
C VAL C 285 -2.59 -0.58 -38.19
N ASN C 286 -2.63 -1.19 -37.01
CA ASN C 286 -2.51 -2.66 -36.91
C ASN C 286 -3.87 -3.25 -37.28
N VAL C 287 -4.14 -3.28 -38.59
CA VAL C 287 -5.44 -3.74 -39.06
C VAL C 287 -5.64 -5.20 -38.72
N LYS C 288 -4.55 -5.96 -38.60
CA LYS C 288 -4.64 -7.34 -38.12
C LYS C 288 -5.46 -7.42 -36.85
N ASN C 289 -5.14 -6.58 -35.87
CA ASN C 289 -5.85 -6.64 -34.58
C ASN C 289 -7.32 -6.27 -34.74
N ILE C 290 -7.62 -5.31 -35.62
CA ILE C 290 -9.01 -4.85 -35.77
C ILE C 290 -9.88 -5.95 -36.38
N ILE C 291 -9.38 -6.62 -37.41
CA ILE C 291 -10.18 -7.63 -38.10
C ILE C 291 -10.33 -8.86 -37.21
N ILE C 292 -9.23 -9.34 -36.63
CA ILE C 292 -9.30 -10.51 -35.77
C ILE C 292 -10.21 -10.26 -34.57
N ALA C 293 -10.23 -9.02 -34.07
CA ALA C 293 -11.11 -8.69 -32.95
C ALA C 293 -12.58 -8.71 -33.35
N LEU C 294 -12.86 -8.48 -34.64
CA LEU C 294 -14.24 -8.55 -35.11
C LEU C 294 -14.63 -9.98 -35.48
N ILE C 295 -13.72 -10.72 -36.10
CA ILE C 295 -14.01 -12.10 -36.47
C ILE C 295 -14.20 -12.95 -35.22
N ASP C 296 -13.29 -12.83 -34.25
CA ASP C 296 -13.44 -13.55 -32.99
C ASP C 296 -14.71 -13.13 -32.27
N ARG C 297 -15.12 -11.87 -32.42
CA ARG C 297 -16.35 -11.42 -31.78
C ARG C 297 -17.57 -12.09 -32.40
N LEU C 298 -17.59 -12.22 -33.73
CA LEU C 298 -18.72 -12.87 -34.40
C LEU C 298 -18.65 -14.38 -34.28
N ALA C 299 -17.45 -14.95 -34.19
CA ALA C 299 -17.32 -16.40 -34.10
C ALA C 299 -17.98 -16.93 -32.83
N LEU C 300 -17.81 -16.22 -31.71
CA LEU C 300 -18.45 -16.65 -30.47
C LEU C 300 -19.93 -16.28 -30.45
N PHE C 301 -20.33 -15.25 -31.20
CA PHE C 301 -21.74 -14.94 -31.32
C PHE C 301 -22.50 -16.02 -32.08
N ALA C 302 -21.81 -16.74 -32.97
CA ALA C 302 -22.46 -17.80 -33.72
C ALA C 302 -22.69 -19.04 -32.85
N HIS C 303 -21.75 -19.32 -31.95
CA HIS C 303 -21.85 -20.50 -31.09
C HIS C 303 -22.74 -20.27 -29.88
N ARG C 304 -23.34 -19.10 -29.73
CA ARG C 304 -24.22 -18.84 -28.61
C ARG C 304 -25.66 -19.13 -29.02
N GLU C 305 -26.35 -19.94 -28.21
CA GLU C 305 -27.75 -20.27 -28.45
C GLU C 305 -28.67 -19.12 -28.07
N ASP C 306 -28.24 -18.27 -27.12
CA ASP C 306 -29.08 -17.22 -26.58
C ASP C 306 -29.07 -16.03 -27.53
N GLY C 307 -29.95 -16.07 -28.52
CA GLY C 307 -30.03 -15.03 -29.52
C GLY C 307 -30.17 -15.61 -30.91
N PRO C 308 -30.46 -14.76 -31.90
CA PRO C 308 -30.55 -15.25 -33.28
C PRO C 308 -29.17 -15.54 -33.85
N GLY C 309 -29.01 -16.74 -34.40
CA GLY C 309 -27.76 -17.13 -35.01
C GLY C 309 -27.42 -16.25 -36.20
N ILE C 310 -26.26 -16.47 -36.82
CA ILE C 310 -25.89 -15.67 -37.98
C ILE C 310 -26.97 -15.84 -39.06
N PRO C 311 -27.51 -14.76 -39.64
CA PRO C 311 -28.62 -14.92 -40.57
C PRO C 311 -28.24 -15.73 -41.80
N ALA C 312 -29.25 -16.34 -42.41
CA ALA C 312 -29.03 -17.17 -43.59
C ALA C 312 -28.46 -16.40 -44.76
N ASP C 313 -28.68 -15.09 -44.82
CA ASP C 313 -28.23 -14.27 -45.94
C ASP C 313 -26.95 -13.50 -45.66
N ILE C 314 -26.33 -13.71 -44.51
CA ILE C 314 -25.02 -13.12 -44.20
C ILE C 314 -24.02 -14.26 -44.17
N LYS C 315 -23.21 -14.37 -45.21
CA LYS C 315 -22.19 -15.41 -45.32
C LYS C 315 -20.89 -14.86 -44.73
N LEU C 316 -20.62 -15.22 -43.47
CA LEU C 316 -19.49 -14.62 -42.77
C LEU C 316 -18.16 -14.99 -43.42
N PHE C 317 -18.02 -16.23 -43.88
CA PHE C 317 -16.76 -16.62 -44.52
C PHE C 317 -16.61 -15.95 -45.88
N ASP C 318 -17.70 -15.86 -46.65
CA ASP C 318 -17.62 -15.21 -47.95
C ASP C 318 -17.24 -13.73 -47.80
N ILE C 319 -17.87 -13.04 -46.84
CA ILE C 319 -17.57 -11.62 -46.63
C ILE C 319 -16.15 -11.45 -46.13
N PHE C 320 -15.74 -12.24 -45.15
CA PHE C 320 -14.43 -12.07 -44.55
C PHE C 320 -13.31 -12.50 -45.50
N SER C 321 -13.52 -13.61 -46.21
CA SER C 321 -12.50 -14.06 -47.15
C SER C 321 -12.21 -13.00 -48.21
N GLN C 322 -13.27 -12.40 -48.76
CA GLN C 322 -13.11 -11.41 -49.81
C GLN C 322 -12.56 -10.11 -49.26
N GLN C 323 -13.05 -9.67 -48.09
CA GLN C 323 -12.62 -8.39 -47.55
C GLN C 323 -11.20 -8.45 -47.01
N VAL C 324 -10.85 -9.51 -46.28
CA VAL C 324 -9.48 -9.66 -45.80
C VAL C 324 -8.52 -9.61 -46.97
N ALA C 325 -8.86 -10.29 -48.07
CA ALA C 325 -8.02 -10.20 -49.27
C ALA C 325 -7.86 -8.75 -49.71
N THR C 326 -8.96 -7.99 -49.70
CA THR C 326 -8.90 -6.60 -50.12
C THR C 326 -8.05 -5.76 -49.15
N VAL C 327 -8.15 -6.05 -47.86
CA VAL C 327 -7.43 -5.25 -46.87
C VAL C 327 -5.95 -5.58 -46.89
N ILE C 328 -5.60 -6.85 -47.08
CA ILE C 328 -4.19 -7.24 -47.13
C ILE C 328 -3.48 -6.55 -48.28
N GLN C 329 -4.20 -6.27 -49.37
CA GLN C 329 -3.58 -5.72 -50.56
C GLN C 329 -3.15 -4.27 -50.38
N SER C 330 -3.73 -3.56 -49.41
CA SER C 330 -3.49 -2.12 -49.29
C SER C 330 -2.30 -1.76 -48.42
N ARG C 331 -1.98 -2.54 -47.39
CA ARG C 331 -0.91 -2.15 -46.50
C ARG C 331 0.43 -2.38 -47.21
N GLN C 332 1.15 -1.29 -47.46
CA GLN C 332 2.43 -1.38 -48.14
C GLN C 332 3.39 -2.32 -47.42
N ASP C 333 3.24 -2.48 -46.12
CA ASP C 333 4.22 -3.22 -45.32
C ASP C 333 3.53 -4.06 -44.25
N MET C 334 2.40 -4.67 -44.57
CA MET C 334 1.83 -5.63 -43.64
C MET C 334 2.84 -6.76 -43.46
N PRO C 335 3.31 -7.03 -42.25
CA PRO C 335 4.34 -8.07 -42.10
C PRO C 335 3.81 -9.45 -42.44
N SER C 336 4.68 -10.26 -43.03
CA SER C 336 4.32 -11.66 -43.29
C SER C 336 3.82 -12.33 -42.02
N GLU C 337 4.31 -11.87 -40.86
CA GLU C 337 3.87 -12.43 -39.58
C GLU C 337 2.38 -12.20 -39.36
N ASP C 338 1.89 -11.04 -39.80
CA ASP C 338 0.48 -10.68 -39.61
C ASP C 338 -0.42 -11.39 -40.62
N VAL C 339 0.05 -11.55 -41.85
CA VAL C 339 -0.81 -12.11 -42.90
C VAL C 339 -1.21 -13.53 -42.53
N VAL C 340 -0.24 -14.37 -42.20
CA VAL C 340 -0.56 -15.72 -41.74
C VAL C 340 -1.41 -15.68 -40.48
N SER C 341 -1.27 -14.61 -39.67
CA SER C 341 -2.11 -14.49 -38.49
C SER C 341 -3.55 -14.15 -38.85
N LEU C 342 -3.77 -13.51 -40.00
CA LEU C 342 -5.13 -13.33 -40.51
C LEU C 342 -5.68 -14.63 -41.09
N GLN C 343 -4.83 -15.47 -41.65
CA GLN C 343 -5.30 -16.72 -42.24
C GLN C 343 -5.67 -17.73 -41.16
N VAL C 344 -4.92 -17.74 -40.05
CA VAL C 344 -5.26 -18.66 -38.96
C VAL C 344 -6.58 -18.25 -38.33
N SER C 345 -6.93 -16.96 -38.42
CA SER C 345 -8.23 -16.51 -37.94
C SER C 345 -9.35 -16.84 -38.92
N LEU C 346 -9.03 -17.04 -40.19
CA LEU C 346 -10.04 -17.38 -41.19
C LEU C 346 -10.36 -18.88 -41.16
N ILE C 347 -9.36 -19.72 -40.91
CA ILE C 347 -9.58 -21.16 -40.96
C ILE C 347 -10.57 -21.57 -39.86
N ASN C 348 -10.26 -21.23 -38.61
CA ASN C 348 -11.16 -21.61 -37.52
C ASN C 348 -12.55 -21.02 -37.75
N LEU C 349 -12.63 -19.83 -38.35
CA LEU C 349 -13.93 -19.32 -38.77
C LEU C 349 -14.61 -20.31 -39.72
N ALA C 350 -13.86 -20.88 -40.66
CA ALA C 350 -14.40 -21.92 -41.52
C ALA C 350 -14.63 -23.20 -40.72
N MET C 351 -13.71 -23.55 -39.83
CA MET C 351 -13.86 -24.76 -39.02
C MET C 351 -15.07 -24.66 -38.11
N LYS C 352 -15.15 -23.57 -37.36
CA LYS C 352 -16.10 -23.50 -36.25
C LYS C 352 -17.54 -23.34 -36.73
N CYS C 353 -17.73 -22.64 -37.85
CA CYS C 353 -19.07 -22.43 -38.39
C CYS C 353 -19.40 -23.42 -39.51
N TYR C 354 -18.45 -23.71 -40.40
CA TYR C 354 -18.68 -24.62 -41.52
C TYR C 354 -17.73 -25.81 -41.40
N PRO C 355 -18.03 -26.75 -40.51
CA PRO C 355 -17.08 -27.86 -40.30
C PRO C 355 -16.88 -28.70 -41.54
N ASP C 356 -17.96 -29.12 -42.20
CA ASP C 356 -17.85 -30.04 -43.31
C ASP C 356 -17.04 -29.43 -44.46
N ARG C 357 -17.20 -28.14 -44.70
CA ARG C 357 -16.60 -27.55 -45.90
C ARG C 357 -15.09 -27.63 -45.74
N VAL C 358 -14.58 -28.87 -45.78
CA VAL C 358 -13.14 -29.12 -45.83
C VAL C 358 -12.53 -28.42 -47.03
N ASP C 359 -13.26 -28.37 -48.14
CA ASP C 359 -12.80 -27.66 -49.32
C ASP C 359 -12.37 -26.24 -48.99
N TYR C 360 -13.14 -25.54 -48.14
CA TYR C 360 -12.71 -24.23 -47.67
C TYR C 360 -11.27 -24.26 -47.19
N VAL C 361 -10.99 -25.15 -46.25
CA VAL C 361 -9.73 -25.11 -45.50
C VAL C 361 -8.55 -25.08 -46.46
N ASP C 362 -8.58 -25.90 -47.49
CA ASP C 362 -7.53 -25.83 -48.52
C ASP C 362 -7.60 -24.51 -49.27
N LYS C 363 -8.79 -23.95 -49.43
CA LYS C 363 -8.92 -22.65 -50.09
C LYS C 363 -8.17 -21.57 -49.31
N VAL C 364 -8.28 -21.59 -47.98
CA VAL C 364 -7.50 -20.69 -47.16
C VAL C 364 -6.01 -21.00 -47.29
N LEU C 365 -5.66 -22.29 -47.16
CA LEU C 365 -4.27 -22.70 -47.34
C LEU C 365 -3.76 -22.28 -48.72
N GLU C 366 -4.57 -22.47 -49.76
CA GLU C 366 -4.18 -22.01 -51.08
C GLU C 366 -3.96 -20.51 -51.08
N THR C 367 -4.92 -19.76 -50.54
CA THR C 367 -4.77 -18.31 -50.48
C THR C 367 -3.57 -17.92 -49.63
N THR C 368 -3.22 -18.75 -48.65
CA THR C 368 -2.03 -18.48 -47.83
C THR C 368 -0.76 -18.66 -48.63
N VAL C 369 -0.65 -19.77 -49.37
CA VAL C 369 0.56 -19.99 -50.17
C VAL C 369 0.64 -19.00 -51.32
N GLU C 370 -0.51 -18.58 -51.86
CA GLU C 370 -0.49 -17.70 -53.03
C GLU C 370 -0.07 -16.29 -52.65
N ILE C 371 -0.31 -15.87 -51.40
CA ILE C 371 0.25 -14.60 -50.94
C ILE C 371 1.69 -14.75 -50.48
N PHE C 372 2.10 -15.98 -50.13
CA PHE C 372 3.49 -16.22 -49.74
C PHE C 372 4.42 -16.17 -50.93
N ASN C 373 4.18 -17.02 -51.94
CA ASN C 373 5.05 -17.02 -53.11
C ASN C 373 5.03 -15.67 -53.81
N LYS C 374 3.88 -14.99 -53.81
CA LYS C 374 3.83 -13.63 -54.35
C LYS C 374 4.71 -12.68 -53.54
N LEU C 375 4.85 -12.95 -52.24
CA LEU C 375 5.71 -12.14 -51.38
C LEU C 375 7.17 -12.30 -51.79
N ASN C 376 7.60 -13.55 -51.99
CA ASN C 376 8.85 -13.87 -52.68
C ASN C 376 10.14 -13.50 -51.95
N LEU C 377 10.06 -12.81 -50.81
CA LEU C 377 11.27 -12.57 -50.03
C LEU C 377 12.00 -13.87 -49.74
N GLU C 378 11.26 -14.91 -49.34
CA GLU C 378 11.84 -16.19 -48.94
C GLU C 378 12.85 -16.04 -47.80
N HIS C 379 12.91 -14.87 -47.16
CA HIS C 379 13.84 -14.70 -46.06
C HIS C 379 13.44 -15.56 -44.87
N ILE C 380 12.14 -15.79 -44.70
CA ILE C 380 11.58 -16.79 -43.78
C ILE C 380 12.54 -17.20 -42.67
N SER C 384 13.05 -15.65 -37.95
CA SER C 384 11.75 -16.08 -38.45
C SER C 384 10.72 -16.14 -37.33
N ALA C 385 10.03 -15.03 -37.09
CA ALA C 385 8.92 -14.99 -36.16
C ALA C 385 7.61 -15.42 -36.80
N VAL C 386 7.60 -15.67 -38.11
CA VAL C 386 6.40 -16.18 -38.77
C VAL C 386 6.26 -17.69 -38.57
N SER C 387 7.35 -18.38 -38.26
CA SER C 387 7.29 -19.84 -38.18
C SER C 387 6.32 -20.29 -37.10
N LYS C 388 6.32 -19.61 -35.95
CA LYS C 388 5.41 -20.00 -34.87
C LYS C 388 3.96 -19.90 -35.30
N GLU C 389 3.61 -18.84 -36.05
CA GLU C 389 2.23 -18.64 -36.46
C GLU C 389 1.85 -19.49 -37.66
N LEU C 390 2.79 -19.65 -38.61
CA LEU C 390 2.58 -20.61 -39.68
C LEU C 390 2.36 -22.01 -39.12
N THR C 391 3.11 -22.37 -38.09
CA THR C 391 2.88 -23.64 -37.42
C THR C 391 1.51 -23.66 -36.75
N ARG C 392 1.16 -22.58 -36.05
CA ARG C 392 -0.19 -22.44 -35.51
C ARG C 392 -1.24 -22.70 -36.58
N LEU C 393 -1.02 -22.18 -37.79
CA LEU C 393 -1.97 -22.36 -38.87
C LEU C 393 -2.15 -23.84 -39.21
N LEU C 394 -1.04 -24.56 -39.43
CA LEU C 394 -1.16 -25.96 -39.81
C LEU C 394 -1.52 -26.86 -38.63
N LYS C 395 -1.40 -26.37 -37.41
CA LYS C 395 -1.77 -27.18 -36.26
C LYS C 395 -3.26 -27.18 -35.98
N ILE C 396 -4.05 -26.34 -36.64
CA ILE C 396 -5.48 -26.28 -36.36
C ILE C 396 -6.29 -27.18 -37.29
N PRO C 397 -5.88 -27.42 -38.57
CA PRO C 397 -6.64 -28.40 -39.37
C PRO C 397 -6.32 -29.83 -38.98
N VAL C 398 -5.07 -30.09 -38.61
CA VAL C 398 -4.70 -31.42 -38.11
C VAL C 398 -5.42 -31.71 -36.80
N ASP C 399 -5.35 -30.77 -35.85
CA ASP C 399 -5.95 -30.99 -34.54
C ASP C 399 -7.46 -31.20 -34.62
N THR C 400 -8.12 -30.59 -35.61
CA THR C 400 -9.57 -30.58 -35.62
C THR C 400 -10.15 -31.87 -36.20
N TYR C 401 -9.54 -32.42 -37.26
CA TYR C 401 -10.04 -33.62 -37.92
C TYR C 401 -9.05 -34.77 -37.78
N ASN C 402 -8.62 -35.05 -36.54
CA ASN C 402 -7.53 -36.01 -36.35
C ASN C 402 -7.99 -37.45 -36.42
N ASN C 403 -9.13 -37.77 -35.79
CA ASN C 403 -9.53 -39.17 -35.65
C ASN C 403 -9.49 -39.90 -36.99
N ILE C 404 -10.10 -39.29 -38.00
CA ILE C 404 -9.88 -39.70 -39.39
C ILE C 404 -8.71 -38.87 -39.91
N LEU C 405 -8.00 -39.40 -40.89
CA LEU C 405 -6.98 -38.63 -41.60
C LEU C 405 -7.61 -38.12 -42.89
N THR C 406 -8.02 -36.86 -42.88
CA THR C 406 -8.66 -36.22 -44.02
C THR C 406 -7.79 -35.14 -44.66
N VAL C 407 -6.57 -34.94 -44.16
CA VAL C 407 -5.66 -33.98 -44.77
C VAL C 407 -5.43 -34.27 -46.23
N LEU C 408 -5.67 -35.51 -46.67
CA LEU C 408 -5.21 -35.95 -47.97
C LEU C 408 -5.94 -35.22 -49.09
N LYS C 409 -7.13 -34.71 -48.80
CA LYS C 409 -7.83 -33.88 -49.76
C LYS C 409 -7.26 -32.48 -49.82
N LEU C 410 -6.60 -32.03 -48.74
CA LEU C 410 -5.98 -30.71 -48.71
C LEU C 410 -4.77 -30.71 -49.64
N LYS C 411 -4.90 -30.06 -50.80
CA LYS C 411 -3.85 -30.04 -51.80
C LYS C 411 -2.72 -29.09 -51.45
N HIS C 412 -2.95 -28.11 -50.57
CA HIS C 412 -1.95 -27.10 -50.24
C HIS C 412 -1.44 -27.21 -48.81
N PHE C 413 -1.88 -28.22 -48.05
CA PHE C 413 -1.33 -28.43 -46.71
C PHE C 413 0.18 -28.64 -46.78
N HIS C 414 0.63 -29.54 -47.65
CA HIS C 414 2.04 -29.90 -47.70
C HIS C 414 2.85 -28.87 -48.48
N PRO C 415 2.34 -28.33 -49.59
CA PRO C 415 3.07 -27.27 -50.30
C PRO C 415 3.42 -26.08 -49.41
N LEU C 416 2.75 -25.99 -48.26
CA LEU C 416 2.93 -24.82 -47.40
C LEU C 416 4.19 -24.89 -46.55
N PHE C 417 4.87 -26.04 -46.51
CA PHE C 417 6.07 -26.18 -45.69
C PHE C 417 7.23 -25.45 -46.36
N GLU C 418 7.54 -24.26 -45.85
CA GLU C 418 8.63 -23.46 -46.38
C GLU C 418 9.66 -23.19 -45.29
N GLU C 423 13.95 -29.78 -39.14
CA GLU C 423 13.79 -28.36 -38.83
C GLU C 423 12.37 -28.09 -38.30
N SER C 424 11.77 -26.96 -38.69
CA SER C 424 10.37 -26.73 -38.36
C SER C 424 9.49 -27.79 -39.00
N ARG C 425 9.91 -28.31 -40.16
CA ARG C 425 9.15 -29.35 -40.84
C ARG C 425 9.21 -30.65 -40.05
N LYS C 426 10.41 -31.02 -39.61
CA LYS C 426 10.56 -32.28 -38.86
C LYS C 426 9.73 -32.27 -37.59
N SER C 427 9.58 -31.11 -36.96
CA SER C 427 8.80 -31.03 -35.72
C SER C 427 7.30 -31.14 -36.01
N MET C 428 6.84 -30.48 -37.07
CA MET C 428 5.44 -30.63 -37.48
C MET C 428 5.21 -32.01 -38.10
N SER C 429 6.21 -32.54 -38.79
CA SER C 429 6.12 -33.91 -39.31
C SER C 429 5.86 -34.90 -38.18
N CYS C 430 6.72 -34.88 -37.17
CA CYS C 430 6.48 -35.69 -35.97
C CYS C 430 5.08 -35.44 -35.43
N TYR C 431 4.57 -34.21 -35.57
CA TYR C 431 3.23 -33.90 -35.09
C TYR C 431 2.16 -34.58 -35.95
N VAL C 432 2.31 -34.53 -37.28
CA VAL C 432 1.33 -35.20 -38.13
C VAL C 432 1.51 -36.71 -38.07
N LEU C 433 2.71 -37.19 -37.74
CA LEU C 433 2.89 -38.63 -37.59
C LEU C 433 2.36 -39.13 -36.26
N SER C 434 2.43 -38.32 -35.22
CA SER C 434 1.90 -38.73 -33.92
C SER C 434 0.39 -38.90 -33.96
N ASN C 435 -0.30 -38.23 -34.90
CA ASN C 435 -1.73 -38.42 -35.03
C ASN C 435 -2.04 -39.74 -35.73
N VAL C 436 -1.23 -40.13 -36.70
CA VAL C 436 -1.34 -41.45 -37.31
C VAL C 436 -0.36 -42.40 -36.63
N ASP C 447 -2.97 -45.87 -52.01
CA ASP C 447 -1.57 -45.57 -51.74
C ASP C 447 -1.37 -44.09 -51.46
N GLN C 448 -2.48 -43.35 -51.35
CA GLN C 448 -2.38 -41.94 -50.93
C GLN C 448 -1.64 -41.84 -49.61
N VAL C 449 -2.08 -42.59 -48.60
CA VAL C 449 -1.49 -42.50 -47.26
C VAL C 449 0.02 -42.72 -47.33
N ASP C 450 0.46 -43.74 -48.07
CA ASP C 450 1.87 -44.10 -48.07
C ASP C 450 2.70 -43.15 -48.92
N SER C 451 2.10 -42.54 -49.94
CA SER C 451 2.78 -41.45 -50.64
C SER C 451 3.01 -40.26 -49.71
N ILE C 452 2.01 -39.89 -48.90
CA ILE C 452 2.21 -38.83 -47.90
C ILE C 452 3.45 -39.14 -47.09
N MET C 453 3.46 -40.32 -46.49
CA MET C 453 4.54 -40.72 -45.61
C MET C 453 5.89 -40.59 -46.30
N ASN C 454 5.99 -41.10 -47.53
CA ASN C 454 7.16 -40.82 -48.36
C ASN C 454 7.51 -39.34 -48.31
N LEU C 455 6.54 -38.48 -48.57
CA LEU C 455 6.79 -37.03 -48.60
C LEU C 455 7.17 -36.54 -47.21
N VAL C 456 6.53 -37.07 -46.16
CA VAL C 456 6.87 -36.62 -44.82
C VAL C 456 8.24 -37.15 -44.42
N SER C 457 8.56 -38.40 -44.81
CA SER C 457 9.91 -38.91 -44.57
C SER C 457 10.95 -37.99 -45.19
N THR C 458 10.71 -37.54 -46.43
CA THR C 458 11.67 -36.66 -47.11
C THR C 458 11.88 -35.37 -46.31
N LEU C 459 10.87 -34.89 -45.59
CA LEU C 459 11.05 -33.68 -44.78
C LEU C 459 12.09 -33.91 -43.70
N ILE C 460 11.88 -34.95 -42.88
CA ILE C 460 12.79 -35.20 -41.76
C ILE C 460 14.21 -35.38 -42.27
N GLN C 461 14.37 -35.94 -43.47
CA GLN C 461 15.69 -36.04 -44.09
C GLN C 461 16.26 -34.65 -44.37
N MET D 3 -6.71 6.58 -14.70
CA MET D 3 -7.81 7.11 -15.49
C MET D 3 -8.53 6.04 -16.29
N GLY D 4 -8.08 4.78 -16.13
CA GLY D 4 -8.68 3.69 -16.87
C GLY D 4 -10.05 3.26 -16.37
N SER D 5 -10.34 3.53 -15.11
CA SER D 5 -11.65 3.24 -14.51
C SER D 5 -12.60 4.42 -14.58
N LYS D 6 -12.55 5.18 -15.69
CA LYS D 6 -13.33 6.41 -15.79
C LYS D 6 -14.82 6.14 -15.71
N LEU D 7 -15.31 5.20 -16.52
CA LEU D 7 -16.75 4.91 -16.51
C LEU D 7 -17.21 4.49 -15.12
N LEU D 8 -16.39 3.72 -14.41
CA LEU D 8 -16.73 3.37 -13.03
C LEU D 8 -16.77 4.62 -12.16
N ASP D 9 -15.74 5.46 -12.26
CA ASP D 9 -15.66 6.65 -11.40
C ASP D 9 -16.89 7.54 -11.60
N GLU D 10 -17.35 7.69 -12.84
CA GLU D 10 -18.52 8.52 -13.08
C GLU D 10 -19.79 7.85 -12.55
N ALA D 11 -19.85 6.52 -12.62
CA ALA D 11 -20.99 5.82 -12.04
C ALA D 11 -21.05 6.02 -10.53
N ILE D 12 -19.92 5.81 -9.85
CA ILE D 12 -19.88 5.98 -8.40
C ILE D 12 -20.17 7.43 -8.02
N GLN D 13 -19.67 8.37 -8.83
CA GLN D 13 -19.95 9.77 -8.58
C GLN D 13 -21.44 10.06 -8.64
N ALA D 14 -22.17 9.33 -9.48
CA ALA D 14 -23.61 9.54 -9.60
C ALA D 14 -24.36 8.91 -8.42
N VAL D 15 -23.92 7.74 -7.96
CA VAL D 15 -24.60 7.10 -6.83
C VAL D 15 -24.30 7.82 -5.53
N LYS D 16 -23.17 8.56 -5.46
CA LYS D 16 -22.86 9.29 -4.24
C LYS D 16 -23.83 10.44 -4.02
N VAL D 17 -24.11 11.21 -5.07
CA VAL D 17 -25.01 12.35 -4.90
C VAL D 17 -26.46 11.89 -4.84
N GLN D 18 -26.80 10.79 -5.53
CA GLN D 18 -28.17 10.28 -5.47
C GLN D 18 -28.48 9.67 -4.11
N SER D 19 -27.49 9.03 -3.48
CA SER D 19 -27.72 8.45 -2.16
C SER D 19 -27.75 9.52 -1.08
N PHE D 20 -27.00 10.62 -1.26
CA PHE D 20 -27.08 11.70 -0.31
C PHE D 20 -28.47 12.33 -0.31
N GLN D 21 -29.04 12.52 -1.50
CA GLN D 21 -30.41 13.04 -1.58
C GLN D 21 -31.42 12.02 -1.09
N MET D 22 -31.28 10.75 -1.50
CA MET D 22 -32.18 9.71 -1.00
C MET D 22 -32.23 9.72 0.52
N LYS D 23 -31.06 9.72 1.16
CA LYS D 23 -31.02 9.77 2.61
C LYS D 23 -31.60 11.08 3.13
N ARG D 24 -31.42 12.17 2.38
CA ARG D 24 -31.94 13.47 2.83
C ARG D 24 -33.45 13.48 2.82
N CYS D 25 -34.08 12.86 1.82
CA CYS D 25 -35.54 12.77 1.79
C CYS D 25 -36.06 11.82 2.86
N LEU D 26 -35.31 10.75 3.16
CA LEU D 26 -35.77 9.80 4.17
C LEU D 26 -35.85 10.45 5.53
N ASP D 27 -34.87 11.30 5.88
CA ASP D 27 -34.94 12.02 7.15
C ASP D 27 -36.10 13.01 7.15
N LYS D 28 -36.28 13.74 6.04
CA LYS D 28 -37.44 14.61 5.89
C LYS D 28 -38.74 13.84 5.66
N ASN D 29 -38.69 12.50 5.68
CA ASN D 29 -39.88 11.65 5.61
C ASN D 29 -40.61 11.78 4.28
N LYS D 30 -39.92 12.28 3.24
CA LYS D 30 -40.46 12.27 1.88
C LYS D 30 -40.05 10.95 1.23
N LEU D 31 -40.83 9.91 1.50
CA LEU D 31 -40.46 8.56 1.08
C LEU D 31 -40.47 8.42 -0.44
N MET D 32 -41.59 8.78 -1.08
CA MET D 32 -41.67 8.66 -2.53
C MET D 32 -40.55 9.42 -3.22
N ASP D 33 -40.13 10.55 -2.64
CA ASP D 33 -38.97 11.26 -3.19
C ASP D 33 -37.71 10.42 -3.08
N ALA D 34 -37.56 9.68 -1.96
CA ALA D 34 -36.37 8.86 -1.78
C ALA D 34 -36.31 7.76 -2.82
N LEU D 35 -37.44 7.11 -3.13
CA LEU D 35 -37.43 6.03 -4.10
C LEU D 35 -37.15 6.54 -5.50
N LYS D 36 -37.52 7.78 -5.80
CA LYS D 36 -37.15 8.35 -7.11
C LYS D 36 -35.64 8.43 -7.25
N HIS D 37 -34.94 8.86 -6.18
CA HIS D 37 -33.48 8.88 -6.21
C HIS D 37 -32.89 7.49 -6.16
N ALA D 38 -33.62 6.50 -5.63
CA ALA D 38 -33.12 5.14 -5.63
C ALA D 38 -33.16 4.54 -7.03
N SER D 39 -34.19 4.88 -7.82
CA SER D 39 -34.21 4.47 -9.21
C SER D 39 -33.10 5.15 -10.00
N ASN D 40 -32.79 6.40 -9.66
CA ASN D 40 -31.74 7.12 -10.37
C ASN D 40 -30.40 6.40 -10.25
N MET D 41 -30.00 6.05 -9.01
CA MET D 41 -28.74 5.35 -8.85
C MET D 41 -28.81 3.95 -9.42
N LEU D 42 -29.97 3.29 -9.31
CA LEU D 42 -30.10 1.94 -9.85
C LEU D 42 -29.91 1.92 -11.35
N GLY D 43 -30.37 2.97 -12.04
CA GLY D 43 -30.15 3.07 -13.47
C GLY D 43 -28.69 2.96 -13.86
N GLU D 44 -27.78 3.19 -12.90
CA GLU D 44 -26.36 3.03 -13.17
C GLU D 44 -25.97 1.57 -13.37
N LEU D 45 -26.76 0.63 -12.83
CA LEU D 45 -26.51 -0.79 -13.04
C LEU D 45 -26.94 -1.27 -14.41
N ARG D 46 -27.65 -0.45 -15.19
CA ARG D 46 -28.08 -0.87 -16.51
C ARG D 46 -26.92 -0.94 -17.51
N THR D 47 -25.77 -0.38 -17.17
CA THR D 47 -24.64 -0.35 -18.10
C THR D 47 -24.19 -1.76 -18.45
N SER D 48 -23.50 -1.86 -19.60
CA SER D 48 -22.84 -3.09 -20.01
C SER D 48 -21.42 -2.80 -20.49
N MET D 49 -20.84 -1.72 -20.00
CA MET D 49 -19.49 -1.32 -20.38
C MET D 49 -18.47 -1.63 -19.30
N LEU D 50 -18.88 -2.21 -18.18
CA LEU D 50 -18.00 -2.45 -17.06
C LEU D 50 -17.65 -3.92 -16.94
N SER D 51 -16.42 -4.19 -16.51
CA SER D 51 -15.98 -5.54 -16.25
C SER D 51 -16.59 -6.04 -14.94
N PRO D 52 -16.56 -7.35 -14.71
CA PRO D 52 -17.07 -7.87 -13.43
C PRO D 52 -16.43 -7.21 -12.22
N LYS D 53 -15.11 -6.99 -12.25
CA LYS D 53 -14.44 -6.36 -11.12
C LYS D 53 -14.97 -4.95 -10.90
N SER D 54 -15.09 -4.17 -11.97
CA SER D 54 -15.64 -2.82 -11.85
C SER D 54 -17.12 -2.86 -11.49
N TYR D 55 -17.88 -3.73 -12.16
CA TYR D 55 -19.31 -3.82 -11.89
C TYR D 55 -19.58 -4.25 -10.44
N TYR D 56 -18.74 -5.15 -9.91
CA TYR D 56 -18.90 -5.57 -8.52
C TYR D 56 -18.74 -4.39 -7.57
N GLU D 57 -17.78 -3.50 -7.85
CA GLU D 57 -17.58 -2.33 -7.01
C GLU D 57 -18.80 -1.40 -7.07
N LEU D 58 -19.26 -1.09 -8.27
CA LEU D 58 -20.46 -0.27 -8.44
C LEU D 58 -21.66 -0.92 -7.75
N TYR D 59 -21.84 -2.22 -7.97
CA TYR D 59 -22.95 -2.94 -7.35
C TYR D 59 -22.93 -2.78 -5.83
N MET D 60 -21.76 -2.97 -5.22
CA MET D 60 -21.68 -2.92 -3.77
C MET D 60 -21.95 -1.51 -3.23
N ALA D 61 -21.56 -0.48 -3.98
CA ALA D 61 -21.93 0.88 -3.60
C ALA D 61 -23.44 1.04 -3.55
N ILE D 62 -24.13 0.57 -4.59
CA ILE D 62 -25.58 0.72 -4.67
C ILE D 62 -26.26 -0.19 -3.64
N SER D 63 -25.75 -1.40 -3.47
CA SER D 63 -26.37 -2.32 -2.53
C SER D 63 -26.21 -1.81 -1.10
N ASP D 64 -25.13 -1.09 -0.80
CA ASP D 64 -25.02 -0.42 0.50
C ASP D 64 -26.21 0.51 0.73
N GLU D 65 -26.49 1.39 -0.24
CA GLU D 65 -27.55 2.37 -0.08
C GLU D 65 -28.92 1.70 -0.05
N LEU D 66 -29.13 0.69 -0.90
CA LEU D 66 -30.38 -0.05 -0.87
C LEU D 66 -30.61 -0.66 0.50
N HIS D 67 -29.59 -1.30 1.06
CA HIS D 67 -29.75 -1.91 2.37
C HIS D 67 -30.09 -0.87 3.42
N TYR D 68 -29.46 0.31 3.34
CA TYR D 68 -29.84 1.40 4.23
C TYR D 68 -31.30 1.81 4.00
N LEU D 69 -31.71 1.92 2.74
CA LEU D 69 -33.11 2.23 2.45
C LEU D 69 -34.04 1.19 3.06
N GLU D 70 -33.74 -0.09 2.85
CA GLU D 70 -34.60 -1.15 3.37
C GLU D 70 -34.75 -1.04 4.87
N VAL D 71 -33.63 -0.87 5.58
CA VAL D 71 -33.68 -0.82 7.03
C VAL D 71 -34.48 0.40 7.48
N TYR D 72 -34.36 1.52 6.76
CA TYR D 72 -35.17 2.69 7.06
C TYR D 72 -36.65 2.35 6.92
N LEU D 73 -37.05 1.82 5.75
CA LEU D 73 -38.47 1.56 5.49
C LEU D 73 -39.06 0.59 6.52
N THR D 74 -38.28 -0.42 6.94
CA THR D 74 -38.80 -1.38 7.91
C THR D 74 -39.11 -0.70 9.24
N ASP D 75 -38.13 0.03 9.79
CA ASP D 75 -38.30 0.65 11.09
C ASP D 75 -39.16 1.92 11.02
N GLU D 76 -39.08 2.68 9.91
CA GLU D 76 -39.79 3.95 9.86
C GLU D 76 -41.30 3.75 9.84
N PHE D 77 -41.78 2.76 9.07
CA PHE D 77 -43.22 2.53 8.93
C PHE D 77 -43.48 1.04 9.17
N ALA D 78 -43.53 0.66 10.45
CA ALA D 78 -43.79 -0.71 10.84
C ALA D 78 -45.23 -1.11 10.53
N LYS D 79 -46.17 -0.21 10.77
CA LYS D 79 -47.58 -0.50 10.54
C LYS D 79 -47.89 -0.51 9.03
N GLY D 80 -48.88 -1.31 8.66
CA GLY D 80 -49.40 -1.25 7.31
C GLY D 80 -50.19 0.04 7.15
N ARG D 81 -50.50 0.44 5.92
CA ARG D 81 -50.18 -0.28 4.70
C ARG D 81 -49.40 0.61 3.75
N LYS D 82 -48.73 1.62 4.33
CA LYS D 82 -47.90 2.49 3.50
C LYS D 82 -46.91 1.69 2.69
N VAL D 83 -46.32 0.65 3.29
CA VAL D 83 -45.47 -0.26 2.54
C VAL D 83 -46.25 -0.90 1.38
N ALA D 84 -47.52 -1.22 1.61
CA ALA D 84 -48.35 -1.74 0.53
C ALA D 84 -48.49 -0.72 -0.59
N ASP D 85 -48.65 0.56 -0.24
CA ASP D 85 -48.60 1.61 -1.24
C ASP D 85 -47.27 1.63 -1.97
N LEU D 86 -46.17 1.43 -1.23
CA LEU D 86 -44.84 1.45 -1.84
C LEU D 86 -44.66 0.30 -2.82
N TYR D 87 -45.10 -0.90 -2.44
CA TYR D 87 -44.91 -2.06 -3.30
C TYR D 87 -45.67 -1.88 -4.62
N GLU D 88 -46.83 -1.24 -4.59
CA GLU D 88 -47.58 -0.99 -5.81
C GLU D 88 -46.94 0.14 -6.63
N LEU D 89 -46.68 1.27 -5.98
CA LEU D 89 -46.05 2.39 -6.69
C LEU D 89 -44.77 1.94 -7.37
N VAL D 90 -43.96 1.13 -6.69
CA VAL D 90 -42.66 0.76 -7.21
C VAL D 90 -42.77 -0.27 -8.34
N GLN D 91 -43.91 -0.93 -8.46
CA GLN D 91 -44.17 -1.77 -9.62
C GLN D 91 -44.13 -0.96 -10.91
N TYR D 92 -44.39 0.35 -10.82
CA TYR D 92 -44.58 1.21 -11.98
C TYR D 92 -43.29 1.83 -12.49
N ALA D 93 -42.14 1.43 -11.98
CA ALA D 93 -40.88 2.01 -12.44
C ALA D 93 -40.64 1.64 -13.90
N GLY D 94 -40.04 2.57 -14.63
CA GLY D 94 -39.86 2.42 -16.06
C GLY D 94 -38.96 1.26 -16.45
N ASN D 95 -37.67 1.38 -16.15
CA ASN D 95 -36.69 0.39 -16.58
C ASN D 95 -36.84 -0.90 -15.78
N ILE D 96 -36.37 -2.00 -16.37
CA ILE D 96 -36.57 -3.31 -15.78
C ILE D 96 -35.66 -3.50 -14.57
N ILE D 97 -34.38 -3.15 -14.70
CA ILE D 97 -33.39 -3.40 -13.64
C ILE D 97 -33.79 -2.63 -12.39
N PRO D 98 -33.92 -1.30 -12.42
CA PRO D 98 -34.29 -0.60 -11.18
C PRO D 98 -35.60 -1.09 -10.57
N ARG D 99 -36.60 -1.39 -11.40
CA ARG D 99 -37.86 -1.91 -10.89
C ARG D 99 -37.64 -3.19 -10.09
N LEU D 100 -36.82 -4.10 -10.62
CA LEU D 100 -36.63 -5.39 -9.97
C LEU D 100 -35.87 -5.26 -8.67
N TYR D 101 -34.81 -4.45 -8.64
CA TYR D 101 -34.07 -4.23 -7.39
C TYR D 101 -34.99 -3.67 -6.32
N LEU D 102 -35.77 -2.64 -6.66
CA LEU D 102 -36.64 -2.03 -5.67
C LEU D 102 -37.76 -2.97 -5.23
N LEU D 103 -38.35 -3.71 -6.17
CA LEU D 103 -39.37 -4.68 -5.80
C LEU D 103 -38.83 -5.68 -4.80
N ILE D 104 -37.59 -6.14 -4.98
CA ILE D 104 -36.95 -7.00 -4.00
C ILE D 104 -36.79 -6.25 -2.69
N THR D 105 -36.30 -5.02 -2.75
CA THR D 105 -36.05 -4.25 -1.54
C THR D 105 -37.36 -4.00 -0.79
N VAL D 106 -38.35 -3.41 -1.47
CA VAL D 106 -39.63 -3.17 -0.83
C VAL D 106 -40.36 -4.48 -0.57
N GLY D 107 -40.03 -5.53 -1.32
CA GLY D 107 -40.70 -6.80 -1.12
C GLY D 107 -40.46 -7.39 0.26
N VAL D 108 -39.21 -7.39 0.70
CA VAL D 108 -38.89 -8.02 1.98
C VAL D 108 -39.42 -7.20 3.14
N VAL D 109 -39.44 -5.87 3.01
CA VAL D 109 -40.04 -5.04 4.05
C VAL D 109 -41.55 -5.13 4.03
N TYR D 110 -42.13 -5.48 2.88
CA TYR D 110 -43.55 -5.79 2.82
C TYR D 110 -43.88 -7.08 3.58
N VAL D 111 -42.96 -8.04 3.55
CA VAL D 111 -43.18 -9.32 4.21
C VAL D 111 -43.13 -9.17 5.74
N LYS D 112 -42.31 -8.25 6.24
CA LYS D 112 -42.21 -8.05 7.68
C LYS D 112 -43.41 -7.30 8.24
N SER D 113 -44.14 -6.56 7.39
CA SER D 113 -45.40 -5.96 7.80
C SER D 113 -46.60 -6.86 7.52
N PHE D 114 -46.48 -7.79 6.57
CA PHE D 114 -47.54 -8.72 6.22
C PHE D 114 -46.97 -10.14 6.27
N PRO D 115 -46.94 -10.75 7.46
CA PRO D 115 -46.47 -12.14 7.53
C PRO D 115 -47.21 -13.08 6.58
N GLN D 116 -48.52 -12.89 6.44
CA GLN D 116 -49.32 -13.80 5.61
C GLN D 116 -48.76 -13.94 4.21
N SER D 117 -48.03 -12.93 3.72
CA SER D 117 -47.63 -12.88 2.31
C SER D 117 -46.17 -13.26 2.10
N ARG D 118 -45.54 -13.92 3.07
CA ARG D 118 -44.15 -14.32 2.87
C ARG D 118 -44.03 -15.31 1.72
N LYS D 119 -44.73 -16.44 1.81
CA LYS D 119 -44.64 -17.45 0.77
C LYS D 119 -45.03 -16.88 -0.59
N ASP D 120 -45.98 -15.95 -0.63
CA ASP D 120 -46.41 -15.38 -1.90
C ASP D 120 -45.36 -14.43 -2.47
N ILE D 121 -44.80 -13.55 -1.63
CA ILE D 121 -43.82 -12.57 -2.11
C ILE D 121 -42.55 -13.27 -2.58
N LEU D 122 -42.02 -14.20 -1.77
CA LEU D 122 -40.77 -14.86 -2.13
C LEU D 122 -40.90 -15.61 -3.44
N LYS D 123 -42.08 -16.14 -3.73
CA LYS D 123 -42.29 -16.85 -4.99
C LYS D 123 -42.37 -15.87 -6.16
N ASP D 124 -42.87 -14.66 -5.92
CA ASP D 124 -42.89 -13.65 -6.96
C ASP D 124 -41.49 -13.10 -7.21
N LEU D 125 -40.71 -12.89 -6.15
CA LEU D 125 -39.40 -12.27 -6.30
C LEU D 125 -38.46 -13.14 -7.12
N VAL D 126 -38.45 -14.46 -6.86
CA VAL D 126 -37.54 -15.34 -7.59
C VAL D 126 -37.93 -15.43 -9.05
N GLU D 127 -39.23 -15.38 -9.36
CA GLU D 127 -39.69 -15.54 -10.73
C GLU D 127 -39.53 -14.26 -11.54
N MET D 128 -39.69 -13.10 -10.90
CA MET D 128 -39.47 -11.83 -11.58
C MET D 128 -38.10 -11.78 -12.25
N CYS D 129 -37.06 -12.19 -11.52
CA CYS D 129 -35.70 -12.06 -12.01
C CYS D 129 -35.50 -12.74 -13.36
N ARG D 130 -36.40 -13.64 -13.74
CA ARG D 130 -36.37 -14.20 -15.09
C ARG D 130 -36.53 -13.14 -16.17
N GLY D 131 -36.93 -11.92 -15.80
CA GLY D 131 -37.13 -10.84 -16.74
C GLY D 131 -35.87 -10.20 -17.29
N VAL D 132 -34.72 -10.44 -16.66
CA VAL D 132 -33.44 -9.98 -17.16
C VAL D 132 -32.64 -11.20 -17.63
N GLN D 133 -31.99 -11.06 -18.78
CA GLN D 133 -31.24 -12.16 -19.37
C GLN D 133 -29.78 -11.84 -19.61
N HIS D 134 -29.35 -10.60 -19.42
CA HIS D 134 -27.92 -10.30 -19.50
C HIS D 134 -27.24 -11.05 -18.37
N PRO D 135 -26.27 -11.93 -18.65
CA PRO D 135 -25.68 -12.72 -17.57
C PRO D 135 -25.13 -11.89 -16.41
N LEU D 136 -24.32 -10.86 -16.71
CA LEU D 136 -23.72 -10.08 -15.64
C LEU D 136 -24.78 -9.39 -14.80
N ARG D 137 -25.68 -8.63 -15.44
CA ARG D 137 -26.70 -7.92 -14.69
C ARG D 137 -27.64 -8.88 -13.98
N GLY D 138 -28.02 -9.96 -14.66
CA GLY D 138 -28.88 -10.95 -14.02
C GLY D 138 -28.21 -11.62 -12.83
N LEU D 139 -26.90 -11.86 -12.93
CA LEU D 139 -26.19 -12.50 -11.83
C LEU D 139 -26.25 -11.63 -10.57
N PHE D 140 -25.76 -10.39 -10.66
CA PHE D 140 -25.78 -9.51 -9.50
C PHE D 140 -27.20 -9.22 -9.04
N LEU D 141 -28.16 -9.19 -9.96
CA LEU D 141 -29.55 -9.02 -9.56
C LEU D 141 -30.02 -10.20 -8.71
N ARG D 142 -29.64 -11.41 -9.10
CA ARG D 142 -29.99 -12.58 -8.29
C ARG D 142 -29.12 -12.68 -7.05
N ASN D 143 -27.89 -12.17 -7.11
CA ASN D 143 -27.07 -12.10 -5.91
C ASN D 143 -27.73 -11.24 -4.85
N TYR D 144 -28.30 -10.09 -5.27
CA TYR D 144 -29.04 -9.24 -4.34
C TYR D 144 -30.27 -9.97 -3.82
N LEU D 145 -31.02 -10.61 -4.71
CA LEU D 145 -32.18 -11.38 -4.29
C LEU D 145 -31.82 -12.38 -3.21
N LEU D 146 -30.70 -13.08 -3.37
CA LEU D 146 -30.26 -14.03 -2.35
C LEU D 146 -29.95 -13.33 -1.04
N GLN D 147 -29.22 -12.22 -1.12
CA GLN D 147 -28.77 -11.53 0.09
C GLN D 147 -29.89 -10.75 0.75
N CYS D 148 -30.85 -10.25 -0.03
CA CYS D 148 -31.89 -9.40 0.54
C CYS D 148 -32.91 -10.23 1.32
N THR D 149 -33.20 -11.45 0.87
CA THR D 149 -34.23 -12.28 1.46
C THR D 149 -33.68 -13.32 2.42
N ARG D 150 -32.38 -13.28 2.71
CA ARG D 150 -31.76 -14.35 3.48
C ARG D 150 -32.40 -14.53 4.85
N ASN D 151 -32.95 -13.46 5.43
CA ASN D 151 -33.46 -13.51 6.79
C ASN D 151 -34.96 -13.71 6.88
N ILE D 152 -35.70 -13.62 5.76
CA ILE D 152 -37.13 -13.88 5.76
C ILE D 152 -37.48 -15.21 5.11
N LEU D 153 -36.49 -16.01 4.75
CA LEU D 153 -36.78 -17.31 4.15
C LEU D 153 -37.42 -18.23 5.18
N PRO D 154 -38.42 -19.03 4.78
CA PRO D 154 -38.98 -20.00 5.73
C PRO D 154 -37.93 -21.00 6.17
N ASP D 155 -37.95 -21.35 7.46
CA ASP D 155 -36.93 -22.19 8.03
C ASP D 155 -37.50 -22.92 9.23
N GLU D 156 -36.91 -24.06 9.56
CA GLU D 156 -37.31 -24.78 10.75
C GLU D 156 -36.82 -24.05 12.00
N GLY D 157 -37.55 -24.25 13.10
CA GLY D 157 -37.24 -23.55 14.33
C GLY D 157 -37.55 -22.07 14.29
N GLU D 158 -38.42 -21.64 13.38
CA GLU D 158 -38.78 -20.24 13.28
C GLU D 158 -39.41 -19.75 14.59
N PRO D 159 -39.43 -18.44 14.80
CA PRO D 159 -40.25 -17.89 15.89
C PRO D 159 -41.72 -18.04 15.54
N THR D 160 -42.43 -18.86 16.32
CA THR D 160 -43.79 -19.21 15.96
C THR D 160 -44.73 -18.91 17.13
N ASP D 161 -45.99 -18.55 16.88
CA ASP D 161 -46.61 -18.46 15.55
C ASP D 161 -47.04 -17.02 15.28
N GLU D 162 -46.71 -16.52 14.09
CA GLU D 162 -47.01 -15.15 13.70
C GLU D 162 -47.86 -15.09 12.43
N GLU D 163 -48.62 -16.15 12.16
CA GLU D 163 -49.38 -16.27 10.93
C GLU D 163 -48.46 -16.22 9.71
N THR D 164 -47.23 -16.69 9.89
CA THR D 164 -46.28 -16.76 8.79
C THR D 164 -46.71 -17.82 7.78
N THR D 165 -46.45 -17.55 6.50
CA THR D 165 -46.73 -18.49 5.43
C THR D 165 -45.43 -18.99 4.85
N GLY D 166 -45.36 -20.29 4.59
CA GLY D 166 -44.18 -20.87 4.00
C GLY D 166 -43.47 -21.79 4.96
N ASP D 167 -42.81 -22.81 4.41
CA ASP D 167 -42.05 -23.78 5.18
C ASP D 167 -40.72 -24.01 4.46
N ILE D 168 -39.85 -24.80 5.11
CA ILE D 168 -38.56 -25.13 4.51
C ILE D 168 -38.73 -25.63 3.08
N SER D 169 -39.86 -26.26 2.79
CA SER D 169 -40.10 -26.79 1.45
C SER D 169 -40.01 -25.70 0.39
N ASP D 170 -40.48 -24.50 0.73
CA ASP D 170 -40.47 -23.40 -0.23
C ASP D 170 -39.10 -22.74 -0.32
N SER D 171 -38.34 -22.70 0.78
CA SER D 171 -37.00 -22.11 0.74
C SER D 171 -36.11 -22.83 -0.26
N MET D 172 -36.05 -24.16 -0.17
CA MET D 172 -35.23 -24.93 -1.10
C MET D 172 -35.60 -24.61 -2.54
N ASP D 173 -36.90 -24.64 -2.85
CA ASP D 173 -37.36 -24.28 -4.19
C ASP D 173 -36.86 -22.89 -4.57
N PHE D 174 -36.95 -21.94 -3.64
CA PHE D 174 -36.48 -20.59 -3.91
C PHE D 174 -35.01 -20.58 -4.28
N VAL D 175 -34.16 -21.17 -3.43
CA VAL D 175 -32.72 -21.16 -3.69
C VAL D 175 -32.40 -22.01 -4.91
N LEU D 176 -32.95 -23.23 -4.98
CA LEU D 176 -32.60 -24.14 -6.05
C LEU D 176 -33.00 -23.60 -7.41
N LEU D 177 -34.20 -23.02 -7.51
CA LEU D 177 -34.58 -22.35 -8.75
C LEU D 177 -33.64 -21.19 -9.05
N ASN D 178 -33.27 -20.44 -8.01
CA ASN D 178 -32.33 -19.33 -8.21
C ASN D 178 -30.96 -19.86 -8.63
N PHE D 179 -30.52 -20.97 -8.04
CA PHE D 179 -29.23 -21.55 -8.41
C PHE D 179 -29.23 -22.02 -9.85
N ALA D 180 -30.27 -22.76 -10.26
CA ALA D 180 -30.35 -23.23 -11.64
C ALA D 180 -30.27 -22.06 -12.61
N GLU D 181 -31.00 -20.97 -12.32
CA GLU D 181 -30.98 -19.83 -13.22
C GLU D 181 -29.65 -19.09 -13.18
N MET D 182 -29.09 -18.90 -11.98
CA MET D 182 -27.81 -18.21 -11.88
C MET D 182 -26.71 -18.97 -12.63
N ASN D 183 -26.76 -20.30 -12.61
CA ASN D 183 -25.77 -21.08 -13.31
C ASN D 183 -25.94 -20.96 -14.82
N LYS D 184 -27.19 -20.96 -15.29
CA LYS D 184 -27.45 -20.73 -16.71
C LYS D 184 -26.81 -19.42 -17.17
N LEU D 185 -27.01 -18.35 -16.39
CA LEU D 185 -26.41 -17.06 -16.74
C LEU D 185 -24.89 -17.12 -16.67
N TRP D 186 -24.35 -17.74 -15.62
CA TRP D 186 -22.89 -17.76 -15.45
C TRP D 186 -22.21 -18.46 -16.62
N VAL D 187 -22.66 -19.66 -16.97
CA VAL D 187 -22.02 -20.39 -18.07
C VAL D 187 -22.27 -19.68 -19.39
N ARG D 188 -23.38 -18.96 -19.51
CA ARG D 188 -23.66 -18.20 -20.72
C ARG D 188 -22.67 -17.07 -20.95
N MET D 189 -21.99 -16.61 -19.89
CA MET D 189 -20.96 -15.59 -20.02
C MET D 189 -19.74 -16.08 -20.76
N GLN D 190 -19.68 -17.36 -21.14
CA GLN D 190 -18.56 -17.86 -21.93
C GLN D 190 -18.34 -17.04 -23.18
N HIS D 191 -19.36 -16.31 -23.63
CA HIS D 191 -19.26 -15.48 -24.84
C HIS D 191 -19.22 -14.00 -24.46
N GLU D 199 -8.48 -14.53 -22.93
CA GLU D 199 -7.91 -15.30 -21.83
C GLU D 199 -8.31 -14.72 -20.48
N LYS D 200 -8.98 -13.57 -20.50
CA LYS D 200 -9.60 -13.01 -19.30
C LYS D 200 -11.10 -13.29 -19.25
N ARG D 201 -11.73 -13.58 -20.39
CA ARG D 201 -13.15 -13.90 -20.38
C ARG D 201 -13.44 -15.14 -19.54
N GLU D 202 -12.64 -16.20 -19.70
CA GLU D 202 -12.74 -17.36 -18.82
C GLU D 202 -12.15 -17.10 -17.45
N ARG D 203 -11.40 -16.01 -17.28
CA ARG D 203 -10.83 -15.64 -15.99
C ARG D 203 -11.64 -14.58 -15.26
N GLU D 204 -12.54 -13.88 -15.96
CA GLU D 204 -13.43 -12.92 -15.32
C GLU D 204 -14.74 -13.55 -14.89
N ARG D 205 -15.23 -14.56 -15.61
CA ARG D 205 -16.35 -15.35 -15.11
C ARG D 205 -15.91 -16.29 -13.99
N GLN D 206 -14.61 -16.59 -13.90
CA GLN D 206 -14.11 -17.39 -12.79
C GLN D 206 -14.28 -16.65 -11.47
N GLU D 207 -13.95 -15.34 -11.45
CA GLU D 207 -14.05 -14.56 -10.23
C GLU D 207 -15.49 -14.25 -9.84
N LEU D 208 -16.43 -14.38 -10.76
CA LEU D 208 -17.84 -14.27 -10.43
C LEU D 208 -18.44 -15.61 -9.98
N ARG D 209 -17.65 -16.67 -9.95
CA ARG D 209 -18.12 -17.95 -9.42
C ARG D 209 -18.67 -17.80 -8.01
N ILE D 210 -18.23 -16.78 -7.28
CA ILE D 210 -18.67 -16.60 -5.90
C ILE D 210 -20.17 -16.34 -5.85
N LEU D 211 -20.70 -15.59 -6.82
CA LEU D 211 -22.12 -15.26 -6.79
C LEU D 211 -22.99 -16.51 -6.87
N VAL D 212 -22.60 -17.47 -7.72
CA VAL D 212 -23.35 -18.71 -7.83
C VAL D 212 -23.22 -19.53 -6.55
N GLY D 213 -21.99 -19.70 -6.06
CA GLY D 213 -21.76 -20.48 -4.87
C GLY D 213 -22.55 -20.02 -3.66
N THR D 214 -22.97 -18.75 -3.62
CA THR D 214 -23.74 -18.26 -2.49
C THR D 214 -25.07 -18.98 -2.35
N ASN D 215 -25.57 -19.59 -3.43
CA ASN D 215 -26.75 -20.45 -3.32
C ASN D 215 -26.47 -21.65 -2.44
N LEU D 216 -25.31 -22.29 -2.64
CA LEU D 216 -24.91 -23.40 -1.78
C LEU D 216 -24.75 -22.94 -0.34
N VAL D 217 -24.23 -21.71 -0.16
CA VAL D 217 -24.09 -21.17 1.18
C VAL D 217 -25.45 -20.93 1.82
N ARG D 218 -26.45 -20.54 1.02
CA ARG D 218 -27.78 -20.32 1.58
C ARG D 218 -28.41 -21.62 2.07
N LEU D 219 -28.24 -22.70 1.31
CA LEU D 219 -28.85 -23.96 1.69
C LEU D 219 -28.20 -24.56 2.93
N SER D 220 -26.88 -24.42 3.06
CA SER D 220 -26.20 -24.90 4.26
C SER D 220 -26.47 -24.02 5.47
N GLN D 221 -27.07 -22.85 5.29
CA GLN D 221 -27.44 -21.98 6.40
C GLN D 221 -28.92 -22.07 6.75
N LEU D 222 -29.69 -22.86 6.02
CA LEU D 222 -31.07 -23.16 6.39
C LEU D 222 -31.08 -24.31 7.38
N GLU D 223 -31.61 -24.06 8.58
CA GLU D 223 -31.69 -25.10 9.60
C GLU D 223 -32.51 -26.28 9.11
N GLY D 224 -33.52 -26.03 8.26
CA GLY D 224 -34.38 -27.11 7.84
C GLY D 224 -33.68 -28.14 6.98
N VAL D 225 -32.60 -27.75 6.31
CA VAL D 225 -31.86 -28.67 5.44
C VAL D 225 -31.10 -29.67 6.29
N ASN D 226 -31.73 -30.79 6.63
CA ASN D 226 -31.10 -31.84 7.41
C ASN D 226 -30.61 -32.94 6.45
N VAL D 227 -30.18 -34.07 7.03
CA VAL D 227 -29.57 -35.12 6.22
C VAL D 227 -30.58 -35.70 5.25
N GLU D 228 -31.82 -35.92 5.71
CA GLU D 228 -32.79 -36.60 4.87
C GLU D 228 -33.28 -35.71 3.74
N ARG D 229 -33.54 -34.43 4.04
CA ARG D 229 -33.93 -33.50 2.98
C ARG D 229 -32.78 -33.24 2.01
N TYR D 230 -31.54 -33.36 2.49
CA TYR D 230 -30.39 -33.16 1.62
C TYR D 230 -30.27 -34.28 0.59
N LYS D 231 -30.46 -35.52 1.03
CA LYS D 231 -30.35 -36.66 0.11
C LYS D 231 -31.45 -36.64 -0.94
N GLN D 232 -32.67 -36.30 -0.53
CA GLN D 232 -33.83 -36.47 -1.40
C GLN D 232 -34.01 -35.30 -2.36
N ILE D 233 -33.80 -34.07 -1.90
CA ILE D 233 -34.15 -32.87 -2.64
C ILE D 233 -32.92 -32.04 -2.99
N VAL D 234 -32.12 -31.69 -1.99
CA VAL D 234 -31.08 -30.68 -2.20
C VAL D 234 -30.01 -31.19 -3.15
N LEU D 235 -29.27 -32.23 -2.74
CA LEU D 235 -28.14 -32.66 -3.55
C LEU D 235 -28.58 -33.14 -4.91
N THR D 236 -29.69 -33.90 -4.97
CA THR D 236 -30.22 -34.34 -6.26
C THR D 236 -30.42 -33.15 -7.18
N GLY D 237 -31.05 -32.09 -6.66
CA GLY D 237 -31.25 -30.90 -7.46
C GLY D 237 -29.95 -30.22 -7.83
N ILE D 238 -29.02 -30.12 -6.88
CA ILE D 238 -27.75 -29.46 -7.14
C ILE D 238 -26.96 -30.21 -8.21
N LEU D 239 -26.78 -31.52 -8.02
CA LEU D 239 -25.94 -32.29 -8.93
C LEU D 239 -26.49 -32.27 -10.35
N GLU D 240 -27.82 -32.31 -10.49
CA GLU D 240 -28.42 -32.29 -11.82
C GLU D 240 -27.94 -31.09 -12.63
N GLN D 241 -27.92 -29.91 -12.01
CA GLN D 241 -27.43 -28.72 -12.68
C GLN D 241 -25.95 -28.84 -13.04
N VAL D 242 -25.17 -29.53 -12.20
CA VAL D 242 -23.73 -29.57 -12.39
C VAL D 242 -23.37 -30.45 -13.58
N VAL D 243 -23.81 -31.72 -13.56
CA VAL D 243 -23.40 -32.64 -14.61
C VAL D 243 -23.97 -32.23 -15.96
N ASN D 244 -25.10 -31.52 -15.97
CA ASN D 244 -25.76 -31.18 -17.22
C ASN D 244 -25.33 -29.85 -17.81
N CYS D 245 -24.80 -28.93 -16.99
CA CYS D 245 -24.38 -27.64 -17.54
C CYS D 245 -23.19 -27.79 -18.49
N ARG D 246 -22.40 -28.86 -18.35
CA ARG D 246 -21.37 -29.22 -19.31
C ARG D 246 -20.29 -28.16 -19.43
N ASP D 247 -20.00 -27.45 -18.35
CA ASP D 247 -18.89 -26.50 -18.30
C ASP D 247 -17.88 -26.99 -17.28
N ALA D 248 -16.66 -27.24 -17.74
CA ALA D 248 -15.62 -27.71 -16.83
C ALA D 248 -15.37 -26.72 -15.71
N LEU D 249 -15.38 -25.42 -16.02
CA LEU D 249 -15.10 -24.42 -15.00
C LEU D 249 -16.17 -24.44 -13.91
N ALA D 250 -17.43 -24.47 -14.30
CA ALA D 250 -18.51 -24.50 -13.32
C ALA D 250 -18.46 -25.78 -12.49
N GLN D 251 -18.34 -26.92 -13.17
CA GLN D 251 -18.43 -28.21 -12.47
C GLN D 251 -17.30 -28.39 -11.47
N GLU D 252 -16.09 -27.96 -11.82
CA GLU D 252 -14.97 -28.11 -10.90
C GLU D 252 -15.16 -27.25 -9.66
N TYR D 253 -15.67 -26.02 -9.83
CA TYR D 253 -15.92 -25.16 -8.68
C TYR D 253 -17.08 -25.69 -7.85
N LEU D 254 -18.24 -25.86 -8.48
CA LEU D 254 -19.44 -26.26 -7.75
C LEU D 254 -19.20 -27.54 -6.96
N MET D 255 -18.54 -28.53 -7.57
CA MET D 255 -18.32 -29.80 -6.87
C MET D 255 -17.46 -29.62 -5.64
N GLU D 256 -16.33 -28.91 -5.77
CA GLU D 256 -15.52 -28.61 -4.60
C GLU D 256 -16.29 -27.76 -3.60
N CYS D 257 -17.23 -26.95 -4.08
CA CYS D 257 -18.03 -26.12 -3.18
C CYS D 257 -19.00 -26.96 -2.37
N ILE D 258 -19.54 -28.03 -2.96
CA ILE D 258 -20.41 -28.94 -2.23
C ILE D 258 -19.65 -29.56 -1.05
N ILE D 259 -18.44 -30.06 -1.31
CA ILE D 259 -17.65 -30.70 -0.26
C ILE D 259 -17.38 -29.73 0.87
N GLN D 260 -17.00 -28.50 0.54
CA GLN D 260 -16.59 -27.53 1.55
C GLN D 260 -17.78 -27.04 2.38
N VAL D 261 -18.92 -26.82 1.73
CA VAL D 261 -20.00 -26.08 2.36
C VAL D 261 -20.82 -26.97 3.29
N PHE D 262 -21.19 -28.16 2.82
CA PHE D 262 -22.08 -28.98 3.62
C PHE D 262 -21.28 -29.84 4.60
N PRO D 263 -21.89 -30.23 5.72
CA PRO D 263 -21.14 -30.98 6.74
C PRO D 263 -20.76 -32.37 6.26
N ASP D 264 -19.80 -32.97 6.97
CA ASP D 264 -19.34 -34.30 6.62
C ASP D 264 -20.42 -35.35 6.87
N GLU D 265 -21.35 -35.07 7.80
CA GLU D 265 -22.45 -36.00 8.03
C GLU D 265 -23.29 -36.19 6.78
N PHE D 266 -23.34 -35.17 5.91
CA PHE D 266 -24.13 -35.27 4.68
C PHE D 266 -23.41 -36.10 3.62
N HIS D 267 -22.08 -35.99 3.56
CA HIS D 267 -21.32 -36.70 2.54
C HIS D 267 -21.31 -38.20 2.80
N LEU D 268 -21.30 -38.61 4.06
CA LEU D 268 -21.37 -40.04 4.39
C LEU D 268 -22.57 -40.69 3.70
N GLN D 269 -23.74 -40.07 3.80
CA GLN D 269 -24.97 -40.62 3.26
C GLN D 269 -25.18 -40.30 1.78
N THR D 270 -24.23 -39.63 1.14
CA THR D 270 -24.37 -39.23 -0.26
C THR D 270 -23.11 -39.54 -1.05
N LEU D 271 -22.34 -40.54 -0.62
CA LEU D 271 -21.14 -40.93 -1.35
C LEU D 271 -21.50 -41.43 -2.75
N ASN D 272 -22.45 -42.35 -2.84
CA ASN D 272 -22.77 -42.98 -4.11
C ASN D 272 -23.23 -41.97 -5.16
N PRO D 273 -24.20 -41.09 -4.89
CA PRO D 273 -24.63 -40.15 -5.94
C PRO D 273 -23.58 -39.10 -6.26
N PHE D 274 -22.88 -38.58 -5.25
CA PHE D 274 -21.86 -37.58 -5.49
C PHE D 274 -20.71 -38.16 -6.31
N LEU D 275 -20.13 -39.28 -5.85
CA LEU D 275 -19.01 -39.88 -6.55
C LEU D 275 -19.43 -40.34 -7.94
N ARG D 276 -20.66 -40.81 -8.11
CA ARG D 276 -21.17 -41.10 -9.45
C ARG D 276 -21.10 -39.85 -10.32
N ALA D 277 -21.54 -38.71 -9.78
CA ALA D 277 -21.50 -37.46 -10.54
C ALA D 277 -20.09 -37.12 -10.95
N CYS D 278 -19.09 -37.49 -10.15
CA CYS D 278 -17.70 -37.17 -10.49
C CYS D 278 -17.27 -37.88 -11.77
N ALA D 279 -17.90 -39.02 -12.09
CA ALA D 279 -17.56 -39.73 -13.33
C ALA D 279 -18.22 -39.09 -14.54
N GLU D 280 -19.40 -38.50 -14.37
CA GLU D 280 -20.14 -37.89 -15.48
C GLU D 280 -19.63 -36.49 -15.82
N LEU D 281 -18.78 -35.90 -14.99
CA LEU D 281 -18.35 -34.52 -15.20
C LEU D 281 -17.63 -34.38 -16.54
N HIS D 282 -17.37 -33.12 -16.90
CA HIS D 282 -16.68 -32.80 -18.13
C HIS D 282 -15.24 -33.29 -18.07
N GLN D 283 -14.66 -33.50 -19.26
CA GLN D 283 -13.37 -34.18 -19.35
C GLN D 283 -12.22 -33.33 -18.83
N ASN D 284 -12.35 -32.01 -18.85
CA ASN D 284 -11.29 -31.12 -18.37
C ASN D 284 -11.39 -30.83 -16.88
N VAL D 285 -12.43 -31.32 -16.20
CA VAL D 285 -12.52 -31.19 -14.76
C VAL D 285 -11.39 -31.99 -14.11
N ASN D 286 -10.77 -31.41 -13.08
CA ASN D 286 -9.78 -32.14 -12.30
C ASN D 286 -10.53 -32.96 -11.26
N VAL D 287 -10.89 -34.18 -11.64
CA VAL D 287 -11.63 -35.06 -10.74
C VAL D 287 -10.73 -35.53 -9.60
N LYS D 288 -9.41 -35.52 -9.81
CA LYS D 288 -8.48 -35.85 -8.74
C LYS D 288 -8.72 -34.97 -7.51
N ASN D 289 -8.68 -33.65 -7.70
CA ASN D 289 -8.79 -32.73 -6.58
C ASN D 289 -10.15 -32.86 -5.89
N ILE D 290 -11.21 -33.05 -6.66
CA ILE D 290 -12.53 -33.23 -6.06
C ILE D 290 -12.52 -34.45 -5.14
N ILE D 291 -12.01 -35.57 -5.64
CA ILE D 291 -12.10 -36.83 -4.90
C ILE D 291 -11.21 -36.78 -3.67
N ILE D 292 -9.94 -36.42 -3.85
CA ILE D 292 -9.04 -36.36 -2.70
C ILE D 292 -9.59 -35.42 -1.65
N ALA D 293 -10.09 -34.26 -2.08
CA ALA D 293 -10.73 -33.34 -1.14
C ALA D 293 -11.75 -34.07 -0.28
N LEU D 294 -12.71 -34.74 -0.93
CA LEU D 294 -13.71 -35.50 -0.18
C LEU D 294 -13.05 -36.55 0.72
N ILE D 295 -12.02 -37.23 0.22
CA ILE D 295 -11.35 -38.23 1.03
C ILE D 295 -10.61 -37.58 2.20
N ASP D 296 -9.99 -36.42 1.96
CA ASP D 296 -9.29 -35.73 3.05
C ASP D 296 -10.26 -35.34 4.16
N ARG D 297 -11.41 -34.76 3.79
CA ARG D 297 -12.39 -34.39 4.81
C ARG D 297 -12.87 -35.62 5.57
N LEU D 298 -13.24 -36.67 4.85
CA LEU D 298 -13.84 -37.83 5.48
C LEU D 298 -12.83 -38.62 6.30
N ALA D 299 -11.54 -38.55 5.92
CA ALA D 299 -10.53 -39.34 6.62
C ALA D 299 -10.25 -38.79 8.01
N LEU D 300 -10.42 -37.48 8.21
CA LEU D 300 -10.26 -36.88 9.52
C LEU D 300 -11.57 -36.79 10.30
N PHE D 301 -12.68 -37.25 9.73
CA PHE D 301 -13.93 -37.23 10.45
C PHE D 301 -13.98 -38.30 11.53
N ALA D 302 -13.21 -39.39 11.36
CA ALA D 302 -12.99 -40.32 12.45
C ALA D 302 -11.94 -39.82 13.43
N HIS D 303 -11.04 -38.93 12.97
CA HIS D 303 -10.06 -38.30 13.83
C HIS D 303 -10.70 -37.35 14.84
N ARG D 304 -12.00 -37.07 14.71
CA ARG D 304 -12.70 -36.19 15.64
C ARG D 304 -13.13 -37.00 16.85
N GLU D 305 -12.48 -36.75 18.00
CA GLU D 305 -12.86 -37.44 19.22
C GLU D 305 -14.30 -37.13 19.61
N ASP D 306 -14.71 -35.87 19.48
CA ASP D 306 -16.05 -35.46 19.89
C ASP D 306 -17.13 -36.02 18.96
N GLY D 307 -16.80 -36.23 17.69
CA GLY D 307 -17.78 -36.63 16.72
C GLY D 307 -18.26 -38.06 16.89
N PRO D 308 -19.28 -38.45 16.12
CA PRO D 308 -19.82 -39.81 16.25
C PRO D 308 -18.93 -40.88 15.65
N GLY D 309 -18.16 -40.57 14.62
CA GLY D 309 -17.37 -41.56 13.93
C GLY D 309 -18.15 -42.26 12.83
N ILE D 310 -17.42 -42.94 11.96
CA ILE D 310 -18.04 -43.55 10.77
C ILE D 310 -18.76 -44.82 11.20
N PRO D 311 -20.01 -45.03 10.80
CA PRO D 311 -20.72 -46.26 11.19
C PRO D 311 -20.08 -47.50 10.58
N ALA D 312 -20.48 -48.65 11.09
CA ALA D 312 -19.99 -49.92 10.57
C ALA D 312 -20.63 -50.25 9.23
N ASP D 313 -21.90 -49.91 9.06
CA ASP D 313 -22.61 -50.22 7.80
C ASP D 313 -22.18 -49.31 6.63
N ILE D 314 -21.18 -48.47 6.80
CA ILE D 314 -20.68 -47.60 5.73
C ILE D 314 -19.22 -47.98 5.51
N LYS D 315 -18.98 -48.86 4.53
CA LYS D 315 -17.64 -49.34 4.23
C LYS D 315 -16.94 -48.28 3.39
N LEU D 316 -16.17 -47.41 4.04
CA LEU D 316 -15.54 -46.31 3.34
C LEU D 316 -14.59 -46.79 2.24
N PHE D 317 -13.70 -47.74 2.58
CA PHE D 317 -12.69 -48.15 1.62
C PHE D 317 -13.30 -48.88 0.43
N ASP D 318 -14.35 -49.68 0.67
CA ASP D 318 -15.03 -50.36 -0.42
C ASP D 318 -15.68 -49.34 -1.36
N ILE D 319 -16.44 -48.40 -0.79
CA ILE D 319 -17.11 -47.39 -1.61
C ILE D 319 -16.09 -46.62 -2.46
N PHE D 320 -15.04 -46.11 -1.81
CA PHE D 320 -14.11 -45.22 -2.51
C PHE D 320 -13.30 -45.98 -3.56
N SER D 321 -12.71 -47.11 -3.17
CA SER D 321 -11.80 -47.81 -4.09
C SER D 321 -12.51 -48.19 -5.38
N GLN D 322 -13.76 -48.62 -5.29
CA GLN D 322 -14.52 -48.93 -6.50
C GLN D 322 -14.90 -47.67 -7.25
N GLN D 323 -15.53 -46.72 -6.57
CA GLN D 323 -15.96 -45.48 -7.22
C GLN D 323 -14.77 -44.76 -7.87
N VAL D 324 -13.61 -44.80 -7.22
CA VAL D 324 -12.41 -44.22 -7.82
C VAL D 324 -12.04 -44.99 -9.08
N ALA D 325 -12.06 -46.32 -9.01
CA ALA D 325 -11.81 -47.12 -10.21
C ALA D 325 -12.79 -46.75 -11.32
N THR D 326 -14.08 -46.67 -10.98
CA THR D 326 -15.08 -46.27 -11.97
C THR D 326 -14.74 -44.90 -12.56
N VAL D 327 -14.37 -43.94 -11.71
CA VAL D 327 -14.13 -42.59 -12.18
C VAL D 327 -12.91 -42.53 -13.08
N ILE D 328 -11.81 -43.19 -12.68
CA ILE D 328 -10.61 -43.20 -13.50
C ILE D 328 -10.89 -43.84 -14.84
N GLN D 329 -11.83 -44.79 -14.89
CA GLN D 329 -12.20 -45.41 -16.16
C GLN D 329 -12.86 -44.41 -17.09
N SER D 330 -13.81 -43.62 -16.56
CA SER D 330 -14.52 -42.62 -17.35
C SER D 330 -13.69 -41.38 -17.64
N ARG D 331 -12.36 -41.48 -17.60
CA ARG D 331 -11.46 -40.38 -17.89
C ARG D 331 -10.73 -40.68 -19.20
N GLN D 332 -10.82 -39.76 -20.16
CA GLN D 332 -10.24 -39.98 -21.47
C GLN D 332 -8.71 -40.06 -21.39
N ASP D 333 -8.08 -39.08 -20.74
CA ASP D 333 -6.63 -39.02 -20.68
C ASP D 333 -6.22 -38.40 -19.33
N MET D 334 -6.51 -39.12 -18.25
CA MET D 334 -6.11 -38.66 -16.93
C MET D 334 -4.60 -38.76 -16.80
N PRO D 335 -3.89 -37.69 -16.46
CA PRO D 335 -2.43 -37.79 -16.28
C PRO D 335 -2.08 -38.86 -15.25
N SER D 336 -1.06 -39.65 -15.57
CA SER D 336 -0.67 -40.73 -14.67
C SER D 336 -0.27 -40.22 -13.29
N GLU D 337 0.07 -38.94 -13.18
CA GLU D 337 0.47 -38.39 -11.89
C GLU D 337 -0.72 -38.27 -10.95
N ASP D 338 -1.87 -37.85 -11.50
CA ASP D 338 -3.08 -37.73 -10.69
C ASP D 338 -3.60 -39.09 -10.25
N VAL D 339 -3.45 -40.11 -11.08
CA VAL D 339 -3.96 -41.41 -10.70
C VAL D 339 -3.11 -42.00 -9.58
N VAL D 340 -1.79 -41.79 -9.60
CA VAL D 340 -0.98 -42.22 -8.46
C VAL D 340 -1.43 -41.49 -7.20
N SER D 341 -1.75 -40.20 -7.33
CA SER D 341 -2.23 -39.44 -6.17
C SER D 341 -3.54 -40.01 -5.65
N LEU D 342 -4.47 -40.33 -6.56
CA LEU D 342 -5.70 -41.00 -6.14
C LEU D 342 -5.38 -42.32 -5.44
N GLN D 343 -4.38 -43.05 -5.94
CA GLN D 343 -3.99 -44.30 -5.29
C GLN D 343 -3.36 -44.05 -3.92
N VAL D 344 -2.73 -42.88 -3.74
CA VAL D 344 -2.19 -42.54 -2.43
C VAL D 344 -3.32 -42.35 -1.42
N SER D 345 -4.37 -41.63 -1.81
CA SER D 345 -5.49 -41.43 -0.91
C SER D 345 -6.07 -42.76 -0.44
N LEU D 346 -6.17 -43.72 -1.37
CA LEU D 346 -6.72 -45.03 -1.01
C LEU D 346 -5.77 -45.79 -0.09
N ILE D 347 -4.45 -45.67 -0.33
CA ILE D 347 -3.49 -46.32 0.55
C ILE D 347 -3.47 -45.62 1.91
N ASN D 348 -3.58 -44.30 1.91
CA ASN D 348 -3.76 -43.57 3.17
C ASN D 348 -5.03 -44.03 3.88
N LEU D 349 -6.16 -44.02 3.17
CA LEU D 349 -7.43 -44.38 3.77
C LEU D 349 -7.44 -45.83 4.25
N ALA D 350 -6.85 -46.73 3.46
CA ALA D 350 -6.89 -48.16 3.81
C ALA D 350 -6.13 -48.46 5.10
N MET D 351 -5.17 -47.62 5.47
CA MET D 351 -4.42 -47.82 6.72
C MET D 351 -4.76 -46.80 7.78
N LYS D 352 -5.25 -45.62 7.40
CA LYS D 352 -5.58 -44.59 8.38
C LYS D 352 -6.84 -44.97 9.16
N CYS D 353 -7.95 -45.19 8.46
CA CYS D 353 -9.17 -45.65 9.10
C CYS D 353 -9.16 -47.15 9.36
N TYR D 354 -8.20 -47.89 8.81
CA TYR D 354 -8.14 -49.34 8.96
C TYR D 354 -6.68 -49.78 9.01
N PRO D 355 -5.97 -49.48 10.11
CA PRO D 355 -4.56 -49.87 10.16
C PRO D 355 -4.34 -51.37 10.13
N ASP D 356 -5.21 -52.13 10.81
CA ASP D 356 -5.02 -53.58 10.90
C ASP D 356 -5.15 -54.24 9.54
N ARG D 357 -6.05 -53.71 8.70
CA ARG D 357 -6.32 -54.33 7.41
C ARG D 357 -5.13 -54.17 6.47
N VAL D 358 -4.07 -54.95 6.72
CA VAL D 358 -2.88 -54.88 5.87
C VAL D 358 -3.09 -55.51 4.50
N ASP D 359 -4.14 -56.33 4.35
CA ASP D 359 -4.38 -56.92 3.04
C ASP D 359 -4.80 -55.86 2.02
N TYR D 360 -5.48 -54.81 2.46
CA TYR D 360 -5.84 -53.72 1.56
C TYR D 360 -4.60 -53.09 0.93
N VAL D 361 -3.65 -52.66 1.77
CA VAL D 361 -2.56 -51.81 1.31
C VAL D 361 -1.79 -52.43 0.15
N ASP D 362 -1.87 -53.75 -0.02
CA ASP D 362 -1.29 -54.37 -1.21
C ASP D 362 -2.20 -54.23 -2.41
N LYS D 363 -3.51 -54.45 -2.22
CA LYS D 363 -4.44 -54.36 -3.35
C LYS D 363 -4.37 -52.98 -4.01
N VAL D 364 -4.17 -51.93 -3.21
CA VAL D 364 -3.99 -50.60 -3.80
C VAL D 364 -2.74 -50.58 -4.67
N LEU D 365 -1.70 -51.30 -4.25
CA LEU D 365 -0.50 -51.40 -5.07
C LEU D 365 -0.75 -52.21 -6.34
N GLU D 366 -1.45 -53.34 -6.20
CA GLU D 366 -1.81 -54.12 -7.38
C GLU D 366 -2.62 -53.28 -8.37
N THR D 367 -3.59 -52.51 -7.85
CA THR D 367 -4.32 -51.59 -8.72
C THR D 367 -3.37 -50.63 -9.40
N THR D 368 -2.30 -50.24 -8.71
CA THR D 368 -1.33 -49.30 -9.29
C THR D 368 -0.48 -49.97 -10.36
N VAL D 369 -0.27 -51.28 -10.25
CA VAL D 369 0.52 -51.99 -11.26
C VAL D 369 -0.26 -52.10 -12.56
N GLU D 370 -1.54 -52.50 -12.48
CA GLU D 370 -2.31 -52.71 -13.70
C GLU D 370 -2.48 -51.42 -14.49
N ILE D 371 -2.73 -50.31 -13.80
CA ILE D 371 -2.79 -49.02 -14.51
C ILE D 371 -1.42 -48.66 -15.05
N PHE D 372 -0.35 -49.05 -14.34
CA PHE D 372 0.99 -48.66 -14.75
C PHE D 372 1.47 -49.42 -15.97
N ASN D 373 0.86 -50.56 -16.30
CA ASN D 373 1.19 -51.27 -17.53
C ASN D 373 0.02 -51.31 -18.50
N LYS D 374 -1.05 -50.54 -18.24
CA LYS D 374 -2.00 -50.21 -19.30
C LYS D 374 -1.30 -49.38 -20.36
N LEU D 375 -0.68 -48.28 -19.94
CA LEU D 375 0.34 -47.59 -20.72
C LEU D 375 1.70 -47.84 -20.07
N ASN D 376 2.74 -47.94 -20.90
CA ASN D 376 4.06 -48.32 -20.42
C ASN D 376 5.07 -47.22 -20.67
N LEU D 377 6.16 -47.26 -19.91
CA LEU D 377 7.28 -46.34 -20.10
C LEU D 377 8.49 -46.85 -19.32
N SER D 384 9.84 -35.82 -14.46
CA SER D 384 8.58 -36.54 -14.32
C SER D 384 8.15 -36.55 -12.86
N ALA D 385 6.92 -36.09 -12.60
CA ALA D 385 6.35 -36.14 -11.26
C ALA D 385 5.70 -37.48 -10.97
N VAL D 386 5.52 -38.33 -11.98
CA VAL D 386 5.00 -39.67 -11.74
C VAL D 386 5.88 -40.40 -10.75
N SER D 387 7.18 -40.13 -10.77
CA SER D 387 8.12 -40.78 -9.85
C SER D 387 8.07 -40.17 -8.46
N LYS D 388 7.72 -38.89 -8.33
CA LYS D 388 7.59 -38.29 -7.02
C LYS D 388 6.36 -38.83 -6.29
N GLU D 389 5.20 -38.79 -6.95
CA GLU D 389 3.99 -39.34 -6.35
C GLU D 389 4.13 -40.84 -6.12
N LEU D 390 4.74 -41.55 -7.07
CA LEU D 390 5.00 -42.97 -6.89
C LEU D 390 5.96 -43.20 -5.73
N THR D 391 6.94 -42.31 -5.56
CA THR D 391 7.79 -42.34 -4.36
C THR D 391 6.93 -42.20 -3.10
N ARG D 392 6.02 -41.22 -3.10
CA ARG D 392 5.15 -41.03 -1.93
C ARG D 392 4.34 -42.29 -1.64
N LEU D 393 3.86 -42.98 -2.68
CA LEU D 393 2.97 -44.11 -2.49
C LEU D 393 3.66 -45.23 -1.69
N LEU D 394 4.88 -45.58 -2.08
CA LEU D 394 5.55 -46.73 -1.50
C LEU D 394 6.14 -46.48 -0.12
N LYS D 395 6.22 -45.22 0.32
CA LYS D 395 6.75 -44.91 1.63
C LYS D 395 5.70 -44.93 2.73
N ILE D 396 4.42 -44.95 2.38
CA ILE D 396 3.34 -44.90 3.36
C ILE D 396 3.25 -46.25 4.06
N PRO D 397 3.38 -47.38 3.35
CA PRO D 397 3.46 -48.66 4.07
C PRO D 397 4.62 -48.73 5.05
N VAL D 398 5.76 -48.12 4.69
CA VAL D 398 6.97 -48.19 5.50
C VAL D 398 7.14 -46.90 6.27
N ASP D 399 6.25 -46.64 7.24
CA ASP D 399 6.26 -45.40 7.99
C ASP D 399 5.34 -45.50 9.20
N ASN D 403 9.38 -51.12 12.06
CA ASN D 403 8.89 -52.48 11.89
C ASN D 403 8.32 -52.70 10.49
N ILE D 404 8.83 -53.71 9.78
CA ILE D 404 8.40 -53.94 8.41
C ILE D 404 7.02 -54.59 8.38
N LEU D 405 6.69 -55.41 9.37
CA LEU D 405 5.41 -56.10 9.45
C LEU D 405 4.90 -56.42 8.04
N THR D 406 5.71 -57.20 7.34
CA THR D 406 5.64 -57.46 5.91
C THR D 406 5.29 -56.20 5.08
N VAL D 407 6.19 -55.19 5.14
CA VAL D 407 6.32 -54.28 4.00
C VAL D 407 7.27 -54.89 2.99
N LEU D 408 8.38 -55.47 3.45
CA LEU D 408 9.05 -56.50 2.67
C LEU D 408 8.15 -57.70 2.61
N LYS D 409 8.29 -58.50 1.56
CA LYS D 409 7.41 -59.64 1.37
C LYS D 409 5.95 -59.18 1.24
N LEU D 410 5.78 -57.98 0.68
CA LEU D 410 4.48 -57.44 0.31
C LEU D 410 4.25 -57.78 -1.16
N LYS D 411 3.05 -58.26 -1.47
CA LYS D 411 2.83 -58.94 -2.76
C LYS D 411 3.19 -58.04 -3.94
N HIS D 412 3.06 -56.71 -3.79
CA HIS D 412 3.30 -55.81 -4.92
C HIS D 412 4.12 -54.59 -4.55
N PHE D 413 4.94 -54.66 -3.49
CA PHE D 413 5.78 -53.51 -3.14
C PHE D 413 6.91 -53.34 -4.15
N HIS D 414 7.53 -54.44 -4.57
CA HIS D 414 8.69 -54.34 -5.44
C HIS D 414 8.31 -54.23 -6.91
N PRO D 415 7.32 -55.00 -7.41
CA PRO D 415 6.96 -54.89 -8.84
C PRO D 415 6.69 -53.46 -9.29
N LEU D 416 6.30 -52.58 -8.37
CA LEU D 416 6.13 -51.17 -8.70
C LEU D 416 7.46 -50.48 -8.97
N PHE D 417 8.58 -51.09 -8.56
CA PHE D 417 9.89 -50.51 -8.86
C PHE D 417 10.24 -50.61 -10.34
N GLU D 418 9.63 -51.54 -11.07
CA GLU D 418 9.87 -51.62 -12.51
C GLU D 418 9.53 -50.30 -13.19
N TYR D 419 8.40 -49.71 -12.82
CA TYR D 419 7.93 -48.45 -13.41
C TYR D 419 8.56 -47.23 -12.75
N PHE D 420 9.84 -47.30 -12.42
CA PHE D 420 10.60 -46.19 -11.86
C PHE D 420 11.61 -45.69 -12.89
N ASP D 421 12.11 -44.49 -12.65
CA ASP D 421 13.28 -44.01 -13.39
C ASP D 421 14.54 -44.66 -12.83
N TYR D 422 15.65 -44.46 -13.55
CA TYR D 422 16.89 -45.13 -13.17
C TYR D 422 17.38 -44.70 -11.79
N GLU D 423 17.10 -43.46 -11.40
CA GLU D 423 17.68 -42.94 -10.17
C GLU D 423 16.84 -43.31 -8.95
N SER D 424 15.54 -42.98 -8.99
CA SER D 424 14.69 -43.20 -7.82
C SER D 424 14.61 -44.67 -7.43
N ARG D 425 14.86 -45.58 -8.37
CA ARG D 425 15.04 -46.99 -8.01
C ARG D 425 16.03 -47.12 -6.86
N LYS D 426 17.24 -46.60 -7.08
CA LYS D 426 18.32 -46.76 -6.10
C LYS D 426 18.01 -46.02 -4.80
N SER D 427 17.31 -44.89 -4.88
CA SER D 427 17.02 -44.11 -3.69
C SER D 427 15.98 -44.81 -2.82
N MET D 428 14.86 -45.25 -3.43
CA MET D 428 13.84 -45.95 -2.68
C MET D 428 14.38 -47.26 -2.10
N SER D 429 15.24 -47.94 -2.87
CA SER D 429 15.83 -49.19 -2.38
C SER D 429 16.75 -48.93 -1.20
N CYS D 430 17.58 -47.88 -1.29
CA CYS D 430 18.37 -47.47 -0.14
C CYS D 430 17.47 -47.12 1.05
N TYR D 431 16.37 -46.42 0.79
CA TYR D 431 15.46 -46.02 1.86
C TYR D 431 14.96 -47.22 2.63
N VAL D 432 14.42 -48.22 1.92
CA VAL D 432 13.81 -49.37 2.58
C VAL D 432 14.88 -50.26 3.20
N LEU D 433 16.07 -50.32 2.60
CA LEU D 433 17.14 -51.10 3.20
C LEU D 433 17.67 -50.43 4.46
N SER D 434 17.70 -49.09 4.48
CA SER D 434 18.08 -48.38 5.69
C SER D 434 17.10 -48.65 6.82
N ASN D 435 15.81 -48.74 6.49
CA ASN D 435 14.78 -48.87 7.53
C ASN D 435 14.72 -50.28 8.11
N VAL D 436 14.93 -51.30 7.28
CA VAL D 436 14.95 -52.67 7.81
C VAL D 436 16.14 -52.86 8.74
N LEU D 437 17.30 -52.34 8.35
CA LEU D 437 18.54 -52.45 9.13
C LEU D 437 18.57 -53.65 10.07
N ASP D 447 11.77 -65.95 1.57
CA ASP D 447 10.97 -64.93 0.90
C ASP D 447 11.41 -63.54 1.35
N GLN D 448 11.70 -63.43 2.65
CA GLN D 448 12.25 -62.19 3.19
C GLN D 448 13.61 -61.91 2.59
N VAL D 449 14.40 -62.97 2.39
CA VAL D 449 15.71 -62.82 1.76
C VAL D 449 15.54 -62.47 0.29
N ASP D 450 14.50 -63.01 -0.35
CA ASP D 450 14.24 -62.70 -1.75
C ASP D 450 13.97 -61.21 -1.94
N SER D 451 13.13 -60.64 -1.08
CA SER D 451 12.83 -59.21 -1.20
C SER D 451 14.08 -58.36 -0.99
N ILE D 452 14.87 -58.68 0.04
CA ILE D 452 16.09 -57.89 0.28
C ILE D 452 17.02 -57.97 -0.92
N MET D 453 17.30 -59.20 -1.37
CA MET D 453 18.19 -59.37 -2.52
C MET D 453 17.68 -58.60 -3.73
N ASN D 454 16.36 -58.56 -3.90
CA ASN D 454 15.78 -57.74 -4.98
C ASN D 454 16.19 -56.29 -4.83
N LEU D 455 15.95 -55.70 -3.65
CA LEU D 455 16.25 -54.29 -3.43
C LEU D 455 17.73 -54.01 -3.62
N VAL D 456 18.58 -54.92 -3.16
CA VAL D 456 20.01 -54.77 -3.41
C VAL D 456 20.27 -54.75 -4.90
N SER D 457 19.66 -55.68 -5.64
CA SER D 457 19.93 -55.81 -7.07
C SER D 457 19.54 -54.54 -7.82
N THR D 458 18.38 -53.96 -7.50
CA THR D 458 17.98 -52.73 -8.18
C THR D 458 18.94 -51.59 -7.86
N LEU D 459 19.54 -51.60 -6.66
CA LEU D 459 20.52 -50.59 -6.32
C LEU D 459 21.77 -50.73 -7.20
N ILE D 460 22.15 -51.95 -7.53
CA ILE D 460 23.32 -52.18 -8.37
C ILE D 460 23.03 -51.65 -9.76
N GLY E 4 12.31 11.23 14.32
CA GLY E 4 11.84 12.60 14.39
C GLY E 4 10.48 12.81 13.75
N SER E 5 9.78 11.71 13.46
CA SER E 5 8.41 11.79 12.97
C SER E 5 7.39 11.85 14.10
N LYS E 6 7.80 11.54 15.33
CA LYS E 6 6.92 11.83 16.47
C LYS E 6 6.81 13.34 16.68
N LEU E 7 7.84 14.10 16.31
CA LEU E 7 7.74 15.55 16.38
C LEU E 7 6.66 16.06 15.43
N LEU E 8 6.63 15.55 14.20
CA LEU E 8 5.57 15.93 13.28
C LEU E 8 4.22 15.43 13.77
N ASP E 9 4.16 14.21 14.31
CA ASP E 9 2.91 13.68 14.80
C ASP E 9 2.33 14.58 15.89
N GLU E 10 3.16 15.01 16.83
CA GLU E 10 2.69 15.90 17.89
C GLU E 10 2.26 17.24 17.33
N ALA E 11 3.01 17.77 16.37
CA ALA E 11 2.65 19.04 15.76
C ALA E 11 1.27 18.95 15.10
N ILE E 12 1.06 17.90 14.30
CA ILE E 12 -0.23 17.74 13.62
C ILE E 12 -1.34 17.53 14.64
N GLN E 13 -1.05 16.79 15.71
CA GLN E 13 -2.00 16.64 16.80
C GLN E 13 -2.41 18.00 17.36
N ALA E 14 -1.45 18.91 17.51
CA ALA E 14 -1.75 20.26 18.00
C ALA E 14 -2.53 21.04 16.95
N VAL E 15 -2.15 20.94 15.68
CA VAL E 15 -2.85 21.65 14.63
C VAL E 15 -4.30 21.19 14.55
N LYS E 16 -4.53 19.89 14.72
CA LYS E 16 -5.89 19.37 14.69
C LYS E 16 -6.76 20.01 15.78
N VAL E 17 -6.22 20.14 16.99
CA VAL E 17 -6.99 20.62 18.13
C VAL E 17 -7.23 22.11 18.03
N GLN E 18 -6.20 22.89 17.69
CA GLN E 18 -6.38 24.32 17.48
C GLN E 18 -7.33 24.59 16.34
N SER E 19 -7.22 23.81 15.26
CA SER E 19 -8.12 23.98 14.12
C SER E 19 -9.56 23.69 14.50
N PHE E 20 -9.77 22.75 15.44
CA PHE E 20 -11.13 22.46 15.88
C PHE E 20 -11.71 23.66 16.63
N GLN E 21 -10.92 24.29 17.49
CA GLN E 21 -11.42 25.43 18.26
C GLN E 21 -11.56 26.66 17.38
N MET E 22 -10.63 26.88 16.46
CA MET E 22 -10.76 28.01 15.54
C MET E 22 -12.07 27.94 14.79
N LYS E 23 -12.36 26.79 14.17
CA LYS E 23 -13.60 26.65 13.42
C LYS E 23 -14.82 26.63 14.34
N ARG E 24 -14.65 26.20 15.59
CA ARG E 24 -15.75 26.27 16.55
C ARG E 24 -16.02 27.72 16.95
N CYS E 25 -14.97 28.49 17.22
CA CYS E 25 -15.15 29.90 17.54
C CYS E 25 -15.64 30.68 16.34
N LEU E 26 -15.26 30.28 15.12
CA LEU E 26 -15.72 30.99 13.93
C LEU E 26 -17.23 30.87 13.77
N ASP E 27 -17.80 29.72 14.12
CA ASP E 27 -19.23 29.53 13.92
C ASP E 27 -20.04 30.37 14.90
N LYS E 28 -19.49 30.69 16.07
CA LYS E 28 -20.13 31.56 17.03
C LYS E 28 -19.79 33.03 16.81
N ASN E 29 -19.18 33.36 15.67
CA ASN E 29 -18.86 34.74 15.32
C ASN E 29 -18.01 35.41 16.41
N LYS E 30 -17.09 34.65 16.99
CA LYS E 30 -16.15 35.17 17.98
C LYS E 30 -14.77 35.20 17.35
N LEU E 31 -14.57 36.16 16.45
CA LEU E 31 -13.35 36.23 15.66
C LEU E 31 -12.11 36.44 16.52
N MET E 32 -12.26 37.05 17.70
CA MET E 32 -11.11 37.26 18.58
C MET E 32 -10.40 35.94 18.86
N ASP E 33 -11.11 35.01 19.50
CA ASP E 33 -10.50 33.75 19.87
C ASP E 33 -10.09 32.94 18.64
N ALA E 34 -10.91 33.00 17.58
CA ALA E 34 -10.57 32.30 16.35
C ALA E 34 -9.17 32.69 15.87
N LEU E 35 -8.84 33.98 15.93
CA LEU E 35 -7.52 34.42 15.51
C LEU E 35 -6.44 33.96 16.48
N LYS E 36 -6.77 33.78 17.76
CA LYS E 36 -5.77 33.30 18.71
C LYS E 36 -5.52 31.81 18.58
N HIS E 37 -6.55 31.03 18.23
CA HIS E 37 -6.31 29.63 17.92
C HIS E 37 -5.51 29.50 16.63
N ALA E 38 -5.89 30.25 15.59
CA ALA E 38 -5.08 30.30 14.38
C ALA E 38 -3.65 30.69 14.68
N SER E 39 -3.45 31.61 15.62
CA SER E 39 -2.09 32.02 15.97
C SER E 39 -1.35 30.92 16.73
N ASN E 40 -2.06 30.14 17.55
CA ASN E 40 -1.43 29.00 18.22
C ASN E 40 -1.07 27.91 17.20
N MET E 41 -2.05 27.53 16.38
CA MET E 41 -1.81 26.58 15.30
C MET E 41 -0.58 26.99 14.49
N LEU E 42 -0.48 28.27 14.15
CA LEU E 42 0.66 28.76 13.37
C LEU E 42 1.97 28.73 14.15
N GLY E 43 1.91 28.58 15.48
CA GLY E 43 3.13 28.50 16.27
C GLY E 43 3.93 27.23 16.01
N GLU E 44 3.30 26.20 15.48
CA GLU E 44 4.00 24.95 15.19
C GLU E 44 4.96 25.08 14.02
N LEU E 45 4.73 26.06 13.14
CA LEU E 45 5.61 26.27 11.99
C LEU E 45 6.93 26.90 12.35
N ARG E 46 7.16 27.22 13.62
CA ARG E 46 8.42 27.84 14.03
C ARG E 46 9.52 26.82 14.28
N THR E 47 9.21 25.53 14.19
CA THR E 47 10.20 24.49 14.47
C THR E 47 11.30 24.48 13.41
N SER E 48 12.52 24.14 13.86
CA SER E 48 13.64 23.87 12.97
C SER E 48 14.00 22.39 12.95
N MET E 49 13.18 21.53 13.55
CA MET E 49 13.51 20.13 13.72
C MET E 49 12.90 19.23 12.64
N LEU E 50 12.18 19.79 11.68
CA LEU E 50 11.47 18.99 10.69
C LEU E 50 12.18 19.08 9.35
N SER E 51 12.35 17.92 8.72
CA SER E 51 12.86 17.87 7.36
C SER E 51 11.90 18.59 6.42
N PRO E 52 12.35 18.94 5.21
CA PRO E 52 11.44 19.57 4.26
C PRO E 52 10.21 18.73 3.99
N LYS E 53 10.38 17.42 3.91
CA LYS E 53 9.25 16.51 3.70
C LYS E 53 8.24 16.62 4.84
N SER E 54 8.72 16.47 6.07
CA SER E 54 7.83 16.57 7.23
C SER E 54 7.22 17.96 7.34
N TYR E 55 8.02 19.01 7.13
CA TYR E 55 7.51 20.37 7.22
C TYR E 55 6.42 20.62 6.19
N TYR E 56 6.62 20.11 4.97
CA TYR E 56 5.61 20.27 3.92
C TYR E 56 4.28 19.67 4.34
N GLU E 57 4.32 18.56 5.09
CA GLU E 57 3.09 17.95 5.58
C GLU E 57 2.45 18.82 6.66
N LEU E 58 3.27 19.35 7.57
CA LEU E 58 2.75 20.27 8.58
C LEU E 58 2.22 21.54 7.93
N TYR E 59 2.94 22.07 6.93
CA TYR E 59 2.51 23.29 6.27
C TYR E 59 1.16 23.10 5.59
N MET E 60 1.01 22.03 4.81
CA MET E 60 -0.24 21.81 4.09
C MET E 60 -1.40 21.59 5.05
N ALA E 61 -1.15 20.94 6.18
CA ALA E 61 -2.19 20.80 7.19
C ALA E 61 -2.65 22.17 7.71
N ILE E 62 -1.69 23.05 8.01
CA ILE E 62 -2.02 24.35 8.57
C ILE E 62 -2.59 25.27 7.49
N SER E 63 -2.05 25.21 6.28
CA SER E 63 -2.57 26.05 5.20
C SER E 63 -4.00 25.67 4.85
N ASP E 64 -4.38 24.40 5.04
CA ASP E 64 -5.76 23.99 4.81
C ASP E 64 -6.72 24.81 5.65
N GLU E 65 -6.33 25.13 6.90
CA GLU E 65 -7.21 25.85 7.78
C GLU E 65 -7.12 27.36 7.56
N LEU E 66 -5.93 27.86 7.25
CA LEU E 66 -5.81 29.28 6.94
C LEU E 66 -6.64 29.66 5.73
N HIS E 67 -6.64 28.82 4.70
CA HIS E 67 -7.48 29.10 3.55
C HIS E 67 -8.95 29.02 3.92
N TYR E 68 -9.30 28.09 4.81
CA TYR E 68 -10.67 28.09 5.34
C TYR E 68 -10.95 29.40 6.05
N LEU E 69 -10.03 29.85 6.91
CA LEU E 69 -10.21 31.11 7.62
C LEU E 69 -10.40 32.27 6.64
N GLU E 70 -9.48 32.40 5.69
CA GLU E 70 -9.58 33.44 4.67
C GLU E 70 -10.98 33.45 4.05
N VAL E 71 -11.37 32.33 3.45
CA VAL E 71 -12.66 32.24 2.77
C VAL E 71 -13.80 32.53 3.74
N TYR E 72 -13.60 32.32 5.05
CA TYR E 72 -14.66 32.58 6.01
C TYR E 72 -14.75 34.06 6.36
N LEU E 73 -13.62 34.73 6.57
CA LEU E 73 -13.65 36.16 6.85
C LEU E 73 -14.12 36.96 5.65
N THR E 74 -13.84 36.48 4.43
CA THR E 74 -14.32 37.16 3.23
C THR E 74 -15.85 37.14 3.17
N ASP E 75 -16.44 35.96 3.27
CA ASP E 75 -17.87 35.81 3.03
C ASP E 75 -18.72 36.18 4.24
N GLU E 76 -18.22 35.96 5.46
CA GLU E 76 -19.05 36.18 6.64
C GLU E 76 -19.32 37.67 6.87
N PHE E 77 -18.26 38.51 6.86
CA PHE E 77 -18.45 39.97 6.94
C PHE E 77 -17.78 40.63 5.74
N ALA E 78 -18.58 41.39 4.99
CA ALA E 78 -18.15 42.22 3.88
C ALA E 78 -18.47 43.67 4.19
N LYS E 79 -17.83 44.58 3.45
CA LYS E 79 -18.07 46.02 3.52
C LYS E 79 -17.12 46.69 4.52
N GLY E 80 -15.98 46.06 4.80
CA GLY E 80 -15.03 46.66 5.71
C GLY E 80 -15.45 46.64 7.16
N ARG E 81 -16.59 46.05 7.49
CA ARG E 81 -17.02 45.90 8.88
C ARG E 81 -16.12 44.85 9.52
N LYS E 82 -15.17 45.32 10.33
CA LYS E 82 -14.30 44.50 11.17
C LYS E 82 -13.03 44.02 10.47
N VAL E 83 -12.96 44.04 9.14
CA VAL E 83 -11.68 43.70 8.50
C VAL E 83 -10.59 44.61 9.05
N ALA E 84 -10.83 45.92 9.00
CA ALA E 84 -9.82 46.89 9.41
C ALA E 84 -9.39 46.66 10.86
N ASP E 85 -10.35 46.31 11.72
CA ASP E 85 -10.01 45.99 13.11
C ASP E 85 -9.04 44.82 13.17
N LEU E 86 -9.32 43.75 12.42
CA LEU E 86 -8.48 42.56 12.48
C LEU E 86 -7.09 42.84 11.92
N TYR E 87 -7.01 43.56 10.80
CA TYR E 87 -5.70 43.86 10.22
C TYR E 87 -4.84 44.65 11.19
N GLU E 88 -5.43 45.62 11.88
CA GLU E 88 -4.72 46.32 12.95
C GLU E 88 -4.31 45.36 14.05
N LEU E 89 -5.19 44.41 14.39
CA LEU E 89 -4.96 43.53 15.53
C LEU E 89 -3.83 42.53 15.24
N VAL E 90 -3.91 41.81 14.11
CA VAL E 90 -2.91 40.81 13.79
C VAL E 90 -1.52 41.42 13.61
N GLN E 91 -1.44 42.75 13.48
CA GLN E 91 -0.16 43.42 13.31
C GLN E 91 0.75 43.29 14.53
N TYR E 92 0.23 42.80 15.65
CA TYR E 92 0.97 42.76 16.91
C TYR E 92 1.11 41.34 17.46
N ALA E 93 1.11 40.33 16.60
CA ALA E 93 1.31 38.97 17.07
C ALA E 93 2.71 38.81 17.63
N GLY E 94 2.84 38.02 18.69
CA GLY E 94 4.10 37.88 19.40
C GLY E 94 5.25 37.48 18.50
N ASN E 95 5.11 36.36 17.80
CA ASN E 95 6.17 35.81 16.96
C ASN E 95 5.95 36.20 15.51
N ILE E 96 7.06 36.40 14.80
CA ILE E 96 6.98 36.93 13.44
C ILE E 96 6.33 35.93 12.49
N ILE E 97 6.56 34.63 12.69
CA ILE E 97 6.04 33.62 11.77
C ILE E 97 4.52 33.63 11.81
N PRO E 98 3.87 33.45 12.97
CA PRO E 98 2.42 33.61 13.00
C PRO E 98 1.95 34.99 12.56
N ARG E 99 2.73 36.04 12.84
CA ARG E 99 2.33 37.38 12.45
C ARG E 99 2.27 37.53 10.95
N LEU E 100 3.28 37.03 10.24
CA LEU E 100 3.31 37.18 8.78
C LEU E 100 2.31 36.26 8.10
N TYR E 101 2.01 35.10 8.68
CA TYR E 101 0.99 34.23 8.10
C TYR E 101 -0.39 34.85 8.24
N LEU E 102 -0.67 35.49 9.38
CA LEU E 102 -1.98 36.11 9.58
C LEU E 102 -2.11 37.43 8.83
N LEU E 103 -1.01 38.17 8.66
CA LEU E 103 -1.09 39.41 7.90
C LEU E 103 -1.30 39.14 6.43
N ILE E 104 -0.71 38.08 5.89
CA ILE E 104 -0.98 37.69 4.51
C ILE E 104 -2.44 37.24 4.39
N THR E 105 -2.90 36.40 5.32
CA THR E 105 -4.25 35.87 5.23
C THR E 105 -5.29 36.98 5.40
N VAL E 106 -5.18 37.76 6.47
CA VAL E 106 -6.12 38.86 6.67
C VAL E 106 -5.96 39.91 5.59
N GLY E 107 -4.73 40.21 5.20
CA GLY E 107 -4.50 41.24 4.19
C GLY E 107 -5.25 41.00 2.91
N VAL E 108 -5.40 39.73 2.51
CA VAL E 108 -6.15 39.41 1.30
C VAL E 108 -7.63 39.71 1.50
N VAL E 109 -8.16 39.37 2.67
CA VAL E 109 -9.54 39.73 2.98
C VAL E 109 -9.69 41.24 3.00
N TYR E 110 -8.65 41.94 3.44
CA TYR E 110 -8.65 43.40 3.44
C TYR E 110 -8.80 43.97 2.04
N VAL E 111 -8.03 43.43 1.10
CA VAL E 111 -8.05 43.95 -0.27
C VAL E 111 -9.44 43.83 -0.87
N LYS E 112 -10.16 42.75 -0.56
CA LYS E 112 -11.49 42.56 -1.10
C LYS E 112 -12.51 43.51 -0.50
N SER E 113 -12.14 44.28 0.52
CA SER E 113 -13.01 45.29 1.10
C SER E 113 -12.54 46.71 0.82
N PHE E 114 -11.26 46.92 0.52
CA PHE E 114 -10.71 48.25 0.28
C PHE E 114 -9.87 48.17 -0.99
N PRO E 115 -10.52 48.14 -2.16
CA PRO E 115 -9.76 47.97 -3.41
C PRO E 115 -8.72 49.05 -3.66
N GLN E 116 -8.82 50.20 -3.00
CA GLN E 116 -7.83 51.25 -3.19
C GLN E 116 -6.50 50.89 -2.52
N SER E 117 -6.53 50.05 -1.50
CA SER E 117 -5.32 49.66 -0.78
C SER E 117 -4.63 48.44 -1.39
N ARG E 118 -5.16 47.91 -2.50
CA ARG E 118 -4.56 46.72 -3.11
C ARG E 118 -3.06 46.91 -3.36
N LYS E 119 -2.70 47.98 -4.08
CA LYS E 119 -1.30 48.17 -4.46
C LYS E 119 -0.40 48.29 -3.24
N ASP E 120 -0.87 48.97 -2.18
CA ASP E 120 -0.05 49.17 -1.00
C ASP E 120 0.10 47.88 -0.20
N ILE E 121 -1.01 47.17 0.03
CA ILE E 121 -0.96 45.94 0.79
C ILE E 121 0.01 44.95 0.15
N LEU E 122 -0.11 44.77 -1.17
CA LEU E 122 0.66 43.72 -1.84
C LEU E 122 2.16 43.95 -1.71
N LYS E 123 2.61 45.18 -1.94
CA LYS E 123 4.04 45.46 -1.81
C LYS E 123 4.48 45.54 -0.35
N ASP E 124 3.55 45.73 0.58
CA ASP E 124 3.89 45.66 1.99
C ASP E 124 4.08 44.22 2.43
N LEU E 125 3.25 43.31 1.93
CA LEU E 125 3.37 41.90 2.31
C LEU E 125 4.68 41.31 1.82
N VAL E 126 4.99 41.49 0.53
CA VAL E 126 6.20 40.90 -0.02
C VAL E 126 7.43 41.39 0.74
N GLU E 127 7.42 42.66 1.17
CA GLU E 127 8.55 43.21 1.91
C GLU E 127 8.54 42.76 3.36
N MET E 128 7.35 42.53 3.93
CA MET E 128 7.26 42.00 5.28
C MET E 128 7.99 40.67 5.40
N CYS E 129 7.91 39.83 4.36
CA CYS E 129 8.53 38.52 4.39
C CYS E 129 10.06 38.59 4.48
N ARG E 130 10.65 39.77 4.26
CA ARG E 130 12.09 39.92 4.46
C ARG E 130 12.51 39.64 5.89
N GLY E 131 11.56 39.69 6.83
CA GLY E 131 11.89 39.49 8.24
C GLY E 131 12.23 38.06 8.60
N VAL E 132 11.80 37.09 7.79
CA VAL E 132 12.11 35.70 8.01
C VAL E 132 13.28 35.33 7.11
N GLN E 133 14.40 34.95 7.71
CA GLN E 133 15.62 34.62 6.99
C GLN E 133 15.97 33.15 7.08
N HIS E 134 15.21 32.34 7.82
CA HIS E 134 15.48 30.92 7.85
C HIS E 134 15.13 30.32 6.49
N PRO E 135 16.03 29.56 5.87
CA PRO E 135 15.74 29.05 4.53
C PRO E 135 14.43 28.27 4.45
N LEU E 136 14.32 27.18 5.20
CA LEU E 136 13.13 26.33 5.10
C LEU E 136 11.89 27.08 5.54
N ARG E 137 11.97 27.78 6.67
CA ARG E 137 10.81 28.50 7.20
C ARG E 137 10.41 29.65 6.27
N GLY E 138 11.39 30.36 5.73
CA GLY E 138 11.09 31.46 4.83
C GLY E 138 10.50 31.00 3.52
N LEU E 139 10.99 29.89 2.97
CA LEU E 139 10.49 29.40 1.69
C LEU E 139 9.00 29.12 1.75
N PHE E 140 8.57 28.34 2.75
CA PHE E 140 7.16 27.98 2.83
C PHE E 140 6.27 29.19 3.07
N LEU E 141 6.74 30.16 3.85
CA LEU E 141 5.97 31.39 4.06
C LEU E 141 5.72 32.09 2.73
N ARG E 142 6.77 32.30 1.93
CA ARG E 142 6.62 32.97 0.66
C ARG E 142 5.81 32.12 -0.32
N ASN E 143 5.93 30.80 -0.23
CA ASN E 143 5.05 29.94 -1.02
C ASN E 143 3.59 30.17 -0.64
N TYR E 144 3.33 30.45 0.64
CA TYR E 144 1.98 30.82 1.04
C TYR E 144 1.62 32.21 0.54
N LEU E 145 2.59 33.13 0.53
CA LEU E 145 2.37 34.46 -0.01
C LEU E 145 1.93 34.38 -1.47
N LEU E 146 2.58 33.53 -2.26
CA LEU E 146 2.17 33.35 -3.65
C LEU E 146 0.76 32.80 -3.75
N GLN E 147 0.49 31.70 -3.04
CA GLN E 147 -0.79 31.02 -3.17
C GLN E 147 -1.94 31.86 -2.61
N CYS E 148 -1.72 32.48 -1.45
CA CYS E 148 -2.81 33.20 -0.79
C CYS E 148 -3.28 34.40 -1.60
N THR E 149 -2.35 35.08 -2.28
CA THR E 149 -2.64 36.33 -2.97
C THR E 149 -2.83 36.16 -4.48
N ARG E 150 -2.82 34.93 -4.98
CA ARG E 150 -2.77 34.73 -6.43
C ARG E 150 -3.98 35.33 -7.13
N ASN E 151 -5.14 35.34 -6.48
CA ASN E 151 -6.37 35.75 -7.14
C ASN E 151 -6.70 37.23 -6.94
N ILE E 152 -5.95 37.95 -6.12
CA ILE E 152 -6.11 39.39 -5.98
C ILE E 152 -5.05 40.18 -6.73
N LEU E 153 -4.01 39.52 -7.22
CA LEU E 153 -2.95 40.23 -7.93
C LEU E 153 -3.54 41.07 -9.06
N PRO E 154 -3.05 42.30 -9.26
CA PRO E 154 -3.46 43.05 -10.46
C PRO E 154 -3.12 42.28 -11.71
N ASP E 155 -4.08 42.18 -12.62
CA ASP E 155 -3.88 41.48 -13.88
C ASP E 155 -4.29 42.42 -15.01
N GLU E 156 -4.63 41.85 -16.17
CA GLU E 156 -4.97 42.62 -17.35
C GLU E 156 -6.45 42.56 -17.67
N GLY E 157 -7.03 41.36 -17.82
CA GLY E 157 -8.44 41.24 -18.10
C GLY E 157 -9.35 41.62 -16.94
N GLU E 158 -8.79 41.96 -15.78
CA GLU E 158 -9.59 42.12 -14.58
C GLU E 158 -10.55 43.30 -14.72
N PRO E 159 -11.71 43.26 -14.05
CA PRO E 159 -12.58 44.44 -14.02
C PRO E 159 -11.88 45.65 -13.41
N THR E 160 -11.93 46.76 -14.14
CA THR E 160 -11.32 48.02 -13.70
C THR E 160 -12.43 48.97 -13.30
N ASP E 161 -12.72 49.02 -12.00
CA ASP E 161 -13.59 50.03 -11.42
C ASP E 161 -12.76 51.28 -11.11
N GLU E 162 -13.46 52.35 -10.72
CA GLU E 162 -12.75 53.57 -10.33
C GLU E 162 -11.98 53.42 -9.03
N GLU E 163 -12.23 52.34 -8.28
CA GLU E 163 -11.52 52.10 -7.03
C GLU E 163 -10.20 51.40 -7.24
N THR E 164 -9.99 50.76 -8.38
CA THR E 164 -8.89 49.81 -8.55
C THR E 164 -7.55 50.51 -8.38
N THR E 165 -6.56 49.72 -7.95
CA THR E 165 -5.19 50.19 -7.77
C THR E 165 -4.25 49.05 -8.14
N GLY E 166 -3.08 49.42 -8.65
CA GLY E 166 -2.11 48.45 -9.12
C GLY E 166 -2.49 47.89 -10.48
N ASP E 167 -1.49 47.70 -11.34
CA ASP E 167 -1.72 47.13 -12.66
C ASP E 167 -0.79 45.94 -12.87
N ILE E 168 -0.77 45.40 -14.09
CA ILE E 168 0.07 44.24 -14.39
C ILE E 168 1.52 44.53 -14.03
N SER E 169 1.94 45.80 -14.08
CA SER E 169 3.32 46.13 -13.74
C SER E 169 3.61 45.79 -12.28
N ASP E 170 2.64 46.01 -11.39
CA ASP E 170 2.87 45.80 -9.96
C ASP E 170 2.92 44.31 -9.62
N SER E 171 2.10 43.50 -10.29
CA SER E 171 2.13 42.07 -10.06
C SER E 171 3.48 41.48 -10.46
N MET E 172 3.97 41.83 -11.64
CA MET E 172 5.20 41.24 -12.15
C MET E 172 6.40 41.61 -11.28
N ASP E 173 6.40 42.81 -10.71
CA ASP E 173 7.42 43.15 -9.72
C ASP E 173 7.23 42.35 -8.44
N PHE E 174 5.99 42.27 -7.96
CA PHE E 174 5.68 41.51 -6.76
C PHE E 174 6.20 40.08 -6.86
N VAL E 175 5.78 39.36 -7.90
CA VAL E 175 6.19 37.96 -8.05
C VAL E 175 7.69 37.86 -8.25
N LEU E 176 8.24 38.64 -9.18
CA LEU E 176 9.68 38.58 -9.45
C LEU E 176 10.49 38.89 -8.20
N LEU E 177 10.07 39.91 -7.45
CA LEU E 177 10.75 40.24 -6.19
C LEU E 177 10.70 39.06 -5.23
N ASN E 178 9.54 38.41 -5.12
CA ASN E 178 9.42 37.22 -4.30
C ASN E 178 10.30 36.09 -4.84
N PHE E 179 10.31 35.92 -6.17
CA PHE E 179 11.16 34.91 -6.78
C PHE E 179 12.63 35.15 -6.43
N ALA E 180 13.09 36.39 -6.58
CA ALA E 180 14.49 36.70 -6.29
C ALA E 180 14.85 36.38 -4.84
N GLU E 181 13.90 36.54 -3.92
CA GLU E 181 14.17 36.25 -2.52
C GLU E 181 14.09 34.75 -2.25
N MET E 182 13.05 34.08 -2.75
CA MET E 182 12.91 32.64 -2.53
C MET E 182 14.11 31.89 -3.10
N ASN E 183 14.72 32.41 -4.16
CA ASN E 183 15.90 31.75 -4.71
C ASN E 183 17.11 31.95 -3.83
N LYS E 184 17.23 33.11 -3.16
CA LYS E 184 18.29 33.29 -2.17
C LYS E 184 18.14 32.27 -1.04
N LEU E 185 16.93 32.15 -0.50
CA LEU E 185 16.69 31.20 0.59
C LEU E 185 16.97 29.77 0.13
N TRP E 186 16.63 29.46 -1.11
CA TRP E 186 16.86 28.11 -1.63
C TRP E 186 18.35 27.83 -1.79
N VAL E 187 19.09 28.78 -2.37
CA VAL E 187 20.52 28.59 -2.53
C VAL E 187 21.22 28.60 -1.18
N ARG E 188 20.70 29.36 -0.22
CA ARG E 188 21.27 29.38 1.13
C ARG E 188 21.08 28.06 1.86
N MET E 189 20.40 27.08 1.28
CA MET E 189 20.13 25.82 1.95
C MET E 189 21.23 24.78 1.76
N GLN E 190 22.19 25.01 0.86
CA GLN E 190 23.32 24.10 0.78
C GLN E 190 24.33 24.36 1.89
N HIS E 191 24.51 25.63 2.27
CA HIS E 191 25.35 25.95 3.42
C HIS E 191 24.68 25.52 4.71
N GLN E 192 23.39 25.84 4.86
CA GLN E 192 22.62 25.49 6.05
C GLN E 192 21.62 24.41 5.68
N GLY E 193 21.84 23.21 6.20
CA GLY E 193 20.84 22.15 6.11
C GLY E 193 20.83 21.38 7.41
N HIS E 194 19.66 20.83 7.75
CA HIS E 194 19.51 20.07 8.97
C HIS E 194 20.13 18.68 8.87
N SER E 195 20.67 18.31 7.71
CA SER E 195 21.16 16.96 7.46
C SER E 195 22.66 16.79 7.66
N ARG E 196 23.44 17.85 7.49
CA ARG E 196 24.90 17.85 7.70
C ARG E 196 25.64 16.92 6.74
N ASP E 197 24.92 16.25 5.85
CA ASP E 197 25.53 15.31 4.90
C ASP E 197 25.44 15.88 3.51
N ARG E 198 26.58 15.88 2.80
CA ARG E 198 26.63 16.34 1.42
C ARG E 198 25.60 15.62 0.56
N GLU E 199 25.34 14.35 0.86
CA GLU E 199 24.42 13.56 0.05
C GLU E 199 22.98 14.00 0.26
N LYS E 200 22.61 14.29 1.51
CA LYS E 200 21.21 14.54 1.84
C LYS E 200 20.81 16.00 1.64
N ARG E 201 21.68 16.95 1.99
CA ARG E 201 21.36 18.36 1.78
C ARG E 201 20.83 18.59 0.37
N GLU E 202 21.44 17.95 -0.62
CA GLU E 202 20.96 18.09 -1.99
C GLU E 202 19.59 17.45 -2.17
N ARG E 203 19.42 16.21 -1.71
CA ARG E 203 18.13 15.55 -1.81
C ARG E 203 17.03 16.39 -1.21
N GLU E 204 17.29 16.96 -0.03
CA GLU E 204 16.29 17.76 0.67
C GLU E 204 16.14 19.15 0.06
N ARG E 205 17.24 19.70 -0.46
CA ARG E 205 17.16 20.94 -1.23
C ARG E 205 16.36 20.75 -2.51
N GLN E 206 16.29 19.52 -3.02
CA GLN E 206 15.73 19.29 -4.34
C GLN E 206 14.21 19.31 -4.35
N GLU E 207 13.55 18.88 -3.26
CA GLU E 207 12.10 18.95 -3.22
C GLU E 207 11.61 20.38 -3.11
N LEU E 208 12.35 21.22 -2.38
CA LEU E 208 11.95 22.62 -2.25
C LEU E 208 12.21 23.43 -3.52
N ARG E 209 12.87 22.84 -4.52
CA ARG E 209 12.92 23.48 -5.83
C ARG E 209 11.52 23.76 -6.35
N ILE E 210 10.55 22.93 -5.95
CA ILE E 210 9.17 23.11 -6.41
C ILE E 210 8.64 24.46 -5.97
N LEU E 211 9.01 24.89 -4.76
CA LEU E 211 8.49 26.15 -4.23
C LEU E 211 9.01 27.33 -5.04
N VAL E 212 10.32 27.38 -5.27
CA VAL E 212 10.90 28.47 -6.06
C VAL E 212 10.26 28.51 -7.44
N GLY E 213 10.10 27.34 -8.06
CA GLY E 213 9.51 27.27 -9.40
C GLY E 213 8.08 27.76 -9.45
N THR E 214 7.37 27.73 -8.33
CA THR E 214 5.98 28.19 -8.33
C THR E 214 5.89 29.66 -8.74
N ASN E 215 6.94 30.44 -8.49
CA ASN E 215 6.97 31.82 -8.96
C ASN E 215 6.76 31.87 -10.46
N LEU E 216 7.52 31.07 -11.22
CA LEU E 216 7.39 31.08 -12.67
C LEU E 216 6.01 30.61 -13.09
N VAL E 217 5.40 29.71 -12.33
CA VAL E 217 4.05 29.27 -12.64
C VAL E 217 3.06 30.41 -12.41
N ARG E 218 3.29 31.25 -11.42
CA ARG E 218 2.40 32.38 -11.17
C ARG E 218 2.45 33.38 -12.31
N LEU E 219 3.65 33.80 -12.70
CA LEU E 219 3.79 34.74 -13.81
C LEU E 219 3.09 34.22 -15.07
N SER E 220 3.40 32.97 -15.46
CA SER E 220 2.86 32.41 -16.68
C SER E 220 1.34 32.35 -16.68
N GLN E 221 0.69 32.54 -15.53
CA GLN E 221 -0.76 32.49 -15.46
C GLN E 221 -1.40 33.86 -15.30
N LEU E 222 -0.60 34.92 -15.16
CA LEU E 222 -1.11 36.28 -15.31
C LEU E 222 -1.52 36.49 -16.76
N GLU E 223 -2.80 36.82 -16.98
CA GLU E 223 -3.25 37.10 -18.34
C GLU E 223 -2.45 38.26 -18.93
N GLY E 224 -2.02 39.21 -18.10
CA GLY E 224 -1.23 40.32 -18.60
C GLY E 224 0.09 39.88 -19.22
N VAL E 225 0.76 38.92 -18.58
CA VAL E 225 2.02 38.41 -19.09
C VAL E 225 1.77 37.72 -20.42
N ASN E 226 1.94 38.47 -21.52
CA ASN E 226 1.85 37.94 -22.86
C ASN E 226 3.25 37.95 -23.48
N VAL E 227 3.31 37.87 -24.82
CA VAL E 227 4.60 37.73 -25.49
C VAL E 227 5.47 38.94 -25.20
N GLU E 228 4.92 40.14 -25.39
CA GLU E 228 5.71 41.35 -25.20
C GLU E 228 6.17 41.45 -23.75
N ARG E 229 5.23 41.51 -22.81
CA ARG E 229 5.60 41.65 -21.40
C ARG E 229 6.58 40.57 -20.97
N TYR E 230 6.47 39.37 -21.54
CA TYR E 230 7.45 38.32 -21.27
C TYR E 230 8.82 38.69 -21.78
N LYS E 231 8.88 39.26 -22.99
CA LYS E 231 10.16 39.57 -23.62
C LYS E 231 10.83 40.79 -22.99
N GLN E 232 10.05 41.69 -22.39
CA GLN E 232 10.59 42.96 -21.90
C GLN E 232 11.02 42.89 -20.44
N ILE E 233 10.22 42.29 -19.56
CA ILE E 233 10.43 42.37 -18.12
C ILE E 233 10.63 41.00 -17.49
N VAL E 234 9.74 40.05 -17.78
CA VAL E 234 9.74 38.76 -17.10
C VAL E 234 11.06 38.04 -17.34
N LEU E 235 11.26 37.54 -18.56
CA LEU E 235 12.38 36.64 -18.82
C LEU E 235 13.70 37.27 -18.41
N THR E 236 13.90 38.56 -18.70
CA THR E 236 15.13 39.22 -18.30
C THR E 236 15.23 39.30 -16.78
N GLY E 237 14.10 39.53 -16.11
CA GLY E 237 14.10 39.49 -14.66
C GLY E 237 14.48 38.12 -14.14
N ILE E 238 13.89 37.07 -14.71
CA ILE E 238 14.23 35.71 -14.32
C ILE E 238 15.71 35.44 -14.61
N LEU E 239 16.12 35.64 -15.86
CA LEU E 239 17.49 35.34 -16.25
C LEU E 239 18.50 36.09 -15.39
N GLU E 240 18.19 37.35 -15.04
CA GLU E 240 19.09 38.11 -14.18
C GLU E 240 19.37 37.37 -12.89
N GLN E 241 18.35 36.72 -12.32
CA GLN E 241 18.52 36.02 -11.05
C GLN E 241 19.33 34.75 -11.22
N VAL E 242 19.12 34.02 -12.31
CA VAL E 242 19.73 32.70 -12.46
C VAL E 242 21.18 32.81 -12.90
N VAL E 243 21.49 33.78 -13.76
CA VAL E 243 22.88 33.97 -14.18
C VAL E 243 23.71 34.52 -13.03
N ASN E 244 23.11 35.29 -12.13
CA ASN E 244 23.84 35.95 -11.06
C ASN E 244 23.87 35.15 -9.76
N CYS E 245 23.11 34.07 -9.65
CA CYS E 245 23.12 33.28 -8.42
C CYS E 245 24.29 32.30 -8.38
N ARG E 246 24.74 31.83 -9.54
CA ARG E 246 25.93 30.99 -9.65
C ARG E 246 25.81 29.75 -8.75
N ASP E 247 24.82 28.92 -9.07
CA ASP E 247 24.56 27.69 -8.33
C ASP E 247 24.11 26.62 -9.33
N ALA E 248 24.99 25.65 -9.60
CA ALA E 248 24.73 24.69 -10.67
C ALA E 248 23.41 23.96 -10.45
N LEU E 249 23.01 23.74 -9.21
CA LEU E 249 21.76 23.04 -8.95
C LEU E 249 20.56 23.90 -9.28
N ALA E 250 20.56 25.15 -8.77
CA ALA E 250 19.43 26.04 -9.02
C ALA E 250 19.33 26.40 -10.50
N GLN E 251 20.46 26.65 -11.15
CA GLN E 251 20.43 27.12 -12.53
C GLN E 251 19.85 26.08 -13.48
N GLU E 252 20.18 24.81 -13.27
CA GLU E 252 19.67 23.77 -14.15
C GLU E 252 18.16 23.61 -14.00
N TYR E 253 17.67 23.64 -12.75
CA TYR E 253 16.23 23.54 -12.53
C TYR E 253 15.50 24.71 -13.14
N LEU E 254 15.94 25.93 -12.82
CA LEU E 254 15.22 27.12 -13.25
C LEU E 254 15.22 27.25 -14.77
N MET E 255 16.37 27.04 -15.41
CA MET E 255 16.43 27.14 -16.86
C MET E 255 15.47 26.15 -17.51
N GLU E 256 15.48 24.89 -17.05
CA GLU E 256 14.51 23.92 -17.57
C GLU E 256 13.10 24.27 -17.14
N CYS E 257 12.94 24.90 -15.97
CA CYS E 257 11.61 25.33 -15.55
C CYS E 257 11.06 26.40 -16.49
N ILE E 258 11.94 27.27 -17.00
CA ILE E 258 11.51 28.29 -17.96
C ILE E 258 10.97 27.64 -19.22
N ILE E 259 11.61 26.56 -19.68
CA ILE E 259 11.20 25.93 -20.93
C ILE E 259 9.84 25.30 -20.78
N GLN E 260 9.60 24.58 -19.67
CA GLN E 260 8.35 23.85 -19.50
C GLN E 260 7.20 24.80 -19.23
N VAL E 261 7.45 25.87 -18.47
CA VAL E 261 6.36 26.70 -17.96
C VAL E 261 5.76 27.59 -19.04
N PHE E 262 6.63 28.17 -19.94
CA PHE E 262 6.11 29.19 -20.84
C PHE E 262 5.86 28.62 -22.23
N PRO E 263 4.86 29.13 -22.96
CA PRO E 263 4.55 28.59 -24.29
C PRO E 263 5.67 28.81 -25.30
N ASP E 264 5.47 28.26 -26.51
CA ASP E 264 6.48 28.37 -27.56
C ASP E 264 6.42 29.73 -28.27
N GLU E 265 5.24 30.33 -28.38
CA GLU E 265 5.16 31.69 -28.88
C GLU E 265 6.12 32.60 -28.14
N PHE E 266 6.37 32.31 -26.86
CA PHE E 266 7.28 33.10 -26.06
C PHE E 266 8.73 32.78 -26.36
N HIS E 267 9.01 31.53 -26.73
CA HIS E 267 10.39 31.11 -26.97
C HIS E 267 10.88 31.49 -28.36
N LEU E 268 9.99 31.49 -29.36
CA LEU E 268 10.37 31.94 -30.68
C LEU E 268 10.97 33.35 -30.64
N GLN E 269 10.43 34.20 -29.77
CA GLN E 269 10.83 35.59 -29.69
C GLN E 269 11.88 35.85 -28.60
N THR E 270 12.47 34.80 -28.02
CA THR E 270 13.46 34.98 -26.96
C THR E 270 14.56 33.94 -27.01
N LEU E 271 14.87 33.40 -28.20
CA LEU E 271 15.98 32.45 -28.29
C LEU E 271 17.28 33.07 -27.81
N ASN E 272 17.66 34.21 -28.41
CA ASN E 272 18.98 34.76 -28.14
C ASN E 272 19.18 35.12 -26.68
N PRO E 273 18.31 35.87 -26.03
CA PRO E 273 18.53 36.14 -24.59
C PRO E 273 18.63 34.88 -23.77
N PHE E 274 17.80 33.88 -24.08
CA PHE E 274 17.86 32.61 -23.37
C PHE E 274 19.16 31.88 -23.63
N LEU E 275 19.63 31.90 -24.88
CA LEU E 275 20.82 31.14 -25.25
C LEU E 275 22.11 31.83 -24.79
N ARG E 276 22.08 33.15 -24.63
CA ARG E 276 23.22 33.84 -24.03
C ARG E 276 23.40 33.41 -22.58
N ALA E 277 22.30 33.30 -21.84
CA ALA E 277 22.39 32.89 -20.44
C ALA E 277 22.99 31.50 -20.30
N CYS E 278 22.71 30.60 -21.25
CA CYS E 278 23.31 29.27 -21.21
C CYS E 278 24.83 29.35 -21.31
N ALA E 279 25.36 30.36 -22.00
CA ALA E 279 26.80 30.52 -22.08
C ALA E 279 27.39 30.87 -20.73
N GLU E 280 26.69 31.67 -19.94
CA GLU E 280 27.19 32.17 -18.66
C GLU E 280 26.85 31.25 -17.51
N LEU E 281 26.05 30.21 -17.72
CA LEU E 281 25.67 29.34 -16.62
C LEU E 281 26.90 28.68 -16.00
N HIS E 282 26.72 28.16 -14.79
CA HIS E 282 27.79 27.48 -14.11
C HIS E 282 28.25 26.28 -14.94
N GLN E 283 29.51 25.89 -14.75
CA GLN E 283 30.09 24.82 -15.56
C GLN E 283 29.40 23.48 -15.30
N ASN E 284 28.94 23.26 -14.07
CA ASN E 284 28.37 21.97 -13.70
C ASN E 284 26.95 21.79 -14.20
N VAL E 285 26.29 22.85 -14.67
CA VAL E 285 24.99 22.68 -15.30
C VAL E 285 25.14 21.80 -16.53
N ASN E 286 24.25 20.81 -16.67
CA ASN E 286 24.21 20.00 -17.89
C ASN E 286 23.49 20.83 -18.94
N VAL E 287 24.28 21.61 -19.69
CA VAL E 287 23.71 22.63 -20.56
C VAL E 287 23.08 22.01 -21.80
N LYS E 288 23.56 20.84 -22.23
CA LYS E 288 23.01 20.22 -23.44
C LYS E 288 21.54 19.87 -23.27
N ASN E 289 21.13 19.50 -22.05
CA ASN E 289 19.74 19.11 -21.83
C ASN E 289 18.81 20.32 -21.87
N ILE E 290 19.33 21.51 -21.55
CA ILE E 290 18.55 22.72 -21.73
C ILE E 290 18.40 23.03 -23.20
N ILE E 291 19.52 23.09 -23.93
CA ILE E 291 19.49 23.46 -25.35
C ILE E 291 18.56 22.52 -26.11
N ILE E 292 18.76 21.21 -25.95
CA ILE E 292 17.97 20.24 -26.70
C ILE E 292 16.49 20.36 -26.33
N ALA E 293 16.20 20.46 -25.04
CA ALA E 293 14.81 20.63 -24.61
C ALA E 293 14.16 21.81 -25.31
N LEU E 294 14.90 22.90 -25.48
CA LEU E 294 14.36 24.05 -26.20
C LEU E 294 14.17 23.71 -27.68
N ILE E 295 15.19 23.14 -28.31
CA ILE E 295 15.09 22.81 -29.74
C ILE E 295 13.94 21.86 -29.99
N ASP E 296 13.84 20.80 -29.18
CA ASP E 296 12.83 19.78 -29.42
C ASP E 296 11.42 20.33 -29.21
N ARG E 297 11.24 21.23 -28.23
CA ARG E 297 9.92 21.82 -28.01
C ARG E 297 9.57 22.80 -29.12
N LEU E 298 10.57 23.42 -29.75
CA LEU E 298 10.30 24.31 -30.86
C LEU E 298 10.01 23.55 -32.14
N ALA E 299 10.85 22.57 -32.48
CA ALA E 299 10.55 21.75 -33.65
C ALA E 299 9.15 21.14 -33.55
N LEU E 300 8.74 20.76 -32.33
CA LEU E 300 7.37 20.35 -32.11
C LEU E 300 6.38 21.46 -32.48
N PHE E 301 6.78 22.71 -32.31
CA PHE E 301 5.92 23.84 -32.66
C PHE E 301 5.59 23.85 -34.15
N ALA E 302 6.55 23.45 -34.99
CA ALA E 302 6.37 23.55 -36.44
C ALA E 302 5.24 22.65 -36.92
N HIS E 303 5.08 21.47 -36.30
CA HIS E 303 4.12 20.50 -36.79
C HIS E 303 2.68 20.97 -36.67
N ARG E 304 2.38 21.88 -35.76
CA ARG E 304 1.00 22.33 -35.58
C ARG E 304 0.45 22.91 -36.87
N GLU E 305 -0.75 22.47 -37.25
CA GLU E 305 -1.38 22.98 -38.47
C GLU E 305 -1.61 24.49 -38.40
N ASP E 306 -1.92 25.00 -37.21
CA ASP E 306 -2.24 26.41 -37.01
C ASP E 306 -1.18 27.04 -36.09
N GLY E 307 -0.83 28.29 -36.38
CA GLY E 307 0.10 29.04 -35.55
C GLY E 307 1.22 29.66 -36.36
N ASP E 313 10.40 35.29 -42.41
CA ASP E 313 10.86 35.84 -41.16
C ASP E 313 12.06 35.04 -40.63
N ILE E 314 12.49 35.35 -39.41
CA ILE E 314 13.59 34.63 -38.79
C ILE E 314 13.31 33.14 -38.77
N LYS E 315 14.31 32.35 -39.18
CA LYS E 315 14.29 30.91 -39.02
C LYS E 315 15.44 30.53 -38.08
N LEU E 316 15.31 29.35 -37.49
CA LEU E 316 16.02 29.06 -36.24
C LEU E 316 17.44 28.57 -36.46
N PHE E 317 17.72 27.85 -37.55
CA PHE E 317 18.96 27.09 -37.61
C PHE E 317 20.18 27.96 -37.41
N ASP E 318 20.27 29.07 -38.14
CA ASP E 318 21.39 29.97 -37.95
C ASP E 318 21.49 30.37 -36.47
N ILE E 319 20.36 30.77 -35.88
CA ILE E 319 20.35 31.15 -34.47
C ILE E 319 20.92 30.04 -33.61
N PHE E 320 20.32 28.84 -33.72
CA PHE E 320 20.77 27.71 -32.92
C PHE E 320 22.20 27.31 -33.29
N SER E 321 22.54 27.36 -34.57
CA SER E 321 23.87 26.95 -35.01
C SER E 321 24.94 27.80 -34.33
N GLN E 322 24.82 29.13 -34.41
CA GLN E 322 25.82 29.98 -33.79
C GLN E 322 25.71 29.98 -32.27
N GLN E 323 24.49 29.79 -31.75
CA GLN E 323 24.30 29.82 -30.30
C GLN E 323 24.83 28.56 -29.63
N VAL E 324 24.54 27.39 -30.20
CA VAL E 324 25.18 26.17 -29.71
C VAL E 324 26.69 26.31 -29.77
N ALA E 325 27.20 26.92 -30.85
CA ALA E 325 28.64 27.12 -30.99
C ALA E 325 29.17 28.03 -29.88
N THR E 326 28.48 29.14 -29.63
CA THR E 326 28.92 30.07 -28.59
C THR E 326 28.88 29.41 -27.22
N VAL E 327 27.83 28.63 -26.95
CA VAL E 327 27.68 27.97 -25.65
C VAL E 327 28.82 26.99 -25.42
N ILE E 328 29.12 26.16 -26.44
CA ILE E 328 30.18 25.18 -26.29
C ILE E 328 31.53 25.87 -26.12
N GLN E 329 31.70 27.04 -26.73
CA GLN E 329 32.94 27.80 -26.53
C GLN E 329 33.19 28.08 -25.06
N SER E 330 32.13 28.36 -24.29
CA SER E 330 32.26 28.73 -22.90
C SER E 330 32.23 27.52 -21.96
N ARG E 331 31.84 26.34 -22.43
CA ARG E 331 31.97 25.13 -21.64
C ARG E 331 33.42 24.68 -21.66
N GLN E 332 34.10 24.78 -20.52
CA GLN E 332 35.49 24.35 -20.47
C GLN E 332 35.64 22.85 -20.61
N ASP E 333 34.68 22.09 -20.07
CA ASP E 333 34.72 20.63 -20.17
C ASP E 333 33.31 20.13 -20.49
N MET E 334 33.15 19.55 -21.68
CA MET E 334 31.90 18.90 -22.06
C MET E 334 32.19 17.47 -22.48
N PRO E 335 31.48 16.47 -21.94
CA PRO E 335 31.68 15.09 -22.39
C PRO E 335 31.48 14.97 -23.89
N SER E 336 32.33 14.16 -24.52
CA SER E 336 32.28 14.04 -25.98
C SER E 336 30.93 13.52 -26.45
N GLU E 337 30.27 12.67 -25.66
CA GLU E 337 28.94 12.23 -26.02
C GLU E 337 27.93 13.37 -26.03
N ASP E 338 28.20 14.43 -25.27
CA ASP E 338 27.25 15.53 -25.15
C ASP E 338 27.39 16.53 -26.29
N VAL E 339 28.62 16.80 -26.73
CA VAL E 339 28.83 17.75 -27.83
C VAL E 339 28.19 17.23 -29.10
N VAL E 340 28.31 15.93 -29.36
CA VAL E 340 27.72 15.35 -30.57
C VAL E 340 26.20 15.28 -30.43
N SER E 341 25.70 15.04 -29.22
CA SER E 341 24.26 15.04 -29.01
C SER E 341 23.67 16.42 -29.22
N LEU E 342 24.41 17.47 -28.83
CA LEU E 342 23.97 18.81 -29.20
C LEU E 342 23.92 18.95 -30.72
N GLN E 343 24.88 18.32 -31.40
CA GLN E 343 24.99 18.48 -32.83
C GLN E 343 23.96 17.63 -33.59
N VAL E 344 23.55 16.47 -33.04
CA VAL E 344 22.51 15.69 -33.70
C VAL E 344 21.23 16.52 -33.79
N SER E 345 20.91 17.27 -32.73
CA SER E 345 19.77 18.18 -32.79
C SER E 345 19.93 19.18 -33.92
N LEU E 346 21.15 19.69 -34.12
CA LEU E 346 21.35 20.74 -35.12
C LEU E 346 21.16 20.20 -36.54
N ILE E 347 21.76 19.06 -36.85
CA ILE E 347 21.55 18.50 -38.19
C ILE E 347 20.12 18.01 -38.32
N ASN E 348 19.59 17.40 -37.26
CA ASN E 348 18.19 17.01 -37.25
C ASN E 348 17.29 18.22 -37.43
N LEU E 349 17.73 19.37 -36.93
CA LEU E 349 16.96 20.61 -37.09
C LEU E 349 16.81 20.97 -38.56
N ALA E 350 17.91 20.91 -39.32
CA ALA E 350 17.83 21.24 -40.74
C ALA E 350 17.01 20.19 -41.49
N MET E 351 17.20 18.91 -41.18
CA MET E 351 16.40 17.87 -41.82
C MET E 351 14.91 18.09 -41.60
N LYS E 352 14.53 18.49 -40.38
CA LYS E 352 13.12 18.64 -40.05
C LYS E 352 12.55 19.96 -40.55
N CYS E 353 13.36 21.02 -40.61
CA CYS E 353 12.88 22.34 -41.02
C CYS E 353 13.45 22.82 -42.35
N TYR E 354 14.63 22.35 -42.73
CA TYR E 354 15.17 22.65 -44.06
C TYR E 354 15.43 24.14 -44.23
N VAL E 358 21.10 21.56 -47.96
CA VAL E 358 22.02 20.48 -47.59
C VAL E 358 23.37 21.08 -47.21
N ASP E 359 23.60 22.33 -47.62
CA ASP E 359 24.72 23.08 -47.09
C ASP E 359 24.70 23.06 -45.56
N TYR E 360 23.54 23.36 -44.97
CA TYR E 360 23.36 23.26 -43.53
C TYR E 360 23.94 21.97 -42.96
N VAL E 361 23.55 20.83 -43.54
CA VAL E 361 23.95 19.55 -42.98
C VAL E 361 25.46 19.44 -42.94
N ASP E 362 26.12 19.77 -44.05
CA ASP E 362 27.57 19.61 -44.12
C ASP E 362 28.29 20.55 -43.15
N LYS E 363 27.74 21.74 -42.89
CA LYS E 363 28.35 22.62 -41.90
C LYS E 363 28.49 21.91 -40.57
N VAL E 364 27.42 21.21 -40.16
CA VAL E 364 27.38 20.65 -38.82
C VAL E 364 28.30 19.44 -38.72
N LEU E 365 28.37 18.63 -39.78
CA LEU E 365 29.33 17.53 -39.79
C LEU E 365 30.76 18.05 -39.86
N GLU E 366 30.97 19.19 -40.53
CA GLU E 366 32.28 19.84 -40.48
C GLU E 366 32.59 20.33 -39.07
N THR E 367 31.61 20.97 -38.41
CA THR E 367 31.88 21.52 -37.08
C THR E 367 32.21 20.43 -36.08
N THR E 368 31.72 19.22 -36.29
CA THR E 368 32.02 18.14 -35.35
C THR E 368 33.43 17.62 -35.54
N VAL E 369 33.81 17.28 -36.78
CA VAL E 369 35.17 16.84 -37.05
C VAL E 369 36.16 17.92 -36.63
N GLU E 370 35.75 19.19 -36.74
CA GLU E 370 36.52 20.28 -36.14
C GLU E 370 36.70 20.05 -34.63
N ILE E 371 35.60 19.78 -33.93
CA ILE E 371 35.67 19.61 -32.48
C ILE E 371 36.49 18.39 -32.12
N PHE E 372 36.30 17.29 -32.86
CA PHE E 372 37.09 16.08 -32.61
C PHE E 372 38.58 16.32 -32.81
N ASN E 373 38.94 17.31 -33.63
CA ASN E 373 40.33 17.65 -33.91
C ASN E 373 41.24 16.42 -33.89
N SER E 383 32.08 3.30 -27.39
CA SER E 383 31.73 4.20 -26.30
C SER E 383 30.48 5.01 -26.65
N SER E 384 30.13 5.96 -25.77
CA SER E 384 28.90 6.72 -25.97
C SER E 384 29.02 7.68 -27.15
N ALA E 385 30.20 8.30 -27.32
CA ALA E 385 30.40 9.15 -28.49
C ALA E 385 30.18 8.38 -29.78
N VAL E 386 30.55 7.10 -29.79
CA VAL E 386 30.36 6.27 -30.98
C VAL E 386 28.88 6.06 -31.26
N SER E 387 28.09 5.79 -30.23
CA SER E 387 26.67 5.58 -30.42
C SER E 387 25.97 6.87 -30.85
N LYS E 388 26.49 8.02 -30.45
CA LYS E 388 25.88 9.28 -30.83
C LYS E 388 26.30 9.73 -32.23
N GLU E 389 27.53 9.44 -32.64
CA GLU E 389 27.88 9.60 -34.04
C GLU E 389 26.99 8.73 -34.91
N LEU E 390 26.76 7.49 -34.49
CA LEU E 390 25.89 6.58 -35.23
C LEU E 390 24.54 7.23 -35.50
N THR E 391 23.85 7.65 -34.43
CA THR E 391 22.57 8.32 -34.57
C THR E 391 22.64 9.41 -35.64
N ARG E 392 23.49 10.40 -35.43
CA ARG E 392 23.61 11.51 -36.36
C ARG E 392 23.88 11.03 -37.78
N LEU E 393 24.97 10.27 -37.96
CA LEU E 393 25.29 9.77 -39.29
C LEU E 393 24.25 8.80 -39.80
N LEU E 394 23.44 8.21 -38.92
CA LEU E 394 22.32 7.38 -39.36
C LEU E 394 21.15 8.23 -39.84
N LYS E 395 20.97 9.42 -39.28
CA LYS E 395 19.89 10.30 -39.72
C LYS E 395 20.13 10.89 -41.10
N ILE E 396 21.32 10.71 -41.66
CA ILE E 396 21.64 11.27 -42.97
C ILE E 396 21.10 10.35 -44.06
N PRO E 397 21.59 9.11 -44.17
CA PRO E 397 21.17 8.29 -45.32
C PRO E 397 19.72 7.87 -45.26
N VAL E 398 19.14 7.72 -44.07
CA VAL E 398 17.72 7.39 -43.97
C VAL E 398 16.88 8.54 -44.53
N ASP E 399 17.32 9.77 -44.32
CA ASP E 399 16.63 10.94 -44.85
C ASP E 399 17.42 11.50 -46.04
N ILE E 404 18.12 8.40 -51.14
CA ILE E 404 18.89 8.81 -52.31
C ILE E 404 20.36 8.90 -51.91
N LEU E 405 21.26 8.77 -52.89
CA LEU E 405 22.69 8.94 -52.63
C LEU E 405 23.08 10.41 -52.79
N THR E 406 22.39 11.25 -52.00
CA THR E 406 22.79 12.64 -51.82
C THR E 406 23.99 12.78 -50.90
N VAL E 407 24.39 11.68 -50.24
CA VAL E 407 25.53 11.70 -49.33
C VAL E 407 26.79 12.18 -50.03
N LEU E 408 26.81 12.15 -51.36
CA LEU E 408 28.04 12.46 -52.10
C LEU E 408 28.51 13.88 -51.81
N LYS E 409 27.60 14.86 -51.86
CA LYS E 409 28.01 16.25 -51.72
C LYS E 409 28.45 16.60 -50.30
N LEU E 410 28.01 15.85 -49.30
CA LEU E 410 28.58 16.01 -47.97
C LEU E 410 30.04 15.58 -48.00
N LYS E 411 30.93 16.46 -47.53
CA LYS E 411 32.35 16.18 -47.55
C LYS E 411 32.89 15.71 -46.21
N HIS E 412 32.23 16.05 -45.11
CA HIS E 412 32.66 15.66 -43.79
C HIS E 412 31.83 14.51 -43.23
N PHE E 413 30.84 14.02 -43.98
CA PHE E 413 30.18 12.77 -43.62
C PHE E 413 31.22 11.69 -43.40
N HIS E 414 32.18 11.57 -44.30
CA HIS E 414 33.06 10.40 -44.24
C HIS E 414 34.30 10.63 -43.40
N PRO E 415 34.97 11.79 -43.49
CA PRO E 415 36.10 12.05 -42.57
C PRO E 415 35.71 11.80 -41.12
N LEU E 416 34.42 11.81 -40.85
CA LEU E 416 33.89 11.71 -39.51
C LEU E 416 33.95 10.29 -38.94
N PHE E 417 34.44 9.32 -39.71
CA PHE E 417 34.60 7.97 -39.16
C PHE E 417 35.84 7.95 -38.29
N GLU E 418 35.97 8.94 -37.40
CA GLU E 418 37.04 8.95 -36.41
C GLU E 418 36.92 7.77 -35.46
N TYR E 419 35.78 7.67 -34.78
CA TYR E 419 35.49 6.57 -33.88
C TYR E 419 36.67 6.26 -32.96
N LYS E 426 32.05 0.21 -38.15
CA LYS E 426 31.89 -0.70 -39.27
C LYS E 426 30.41 -0.98 -39.53
N SER E 427 29.60 -1.01 -38.48
CA SER E 427 28.16 -1.08 -38.68
C SER E 427 27.68 0.08 -39.52
N MET E 428 28.29 1.26 -39.33
CA MET E 428 28.03 2.40 -40.19
C MET E 428 28.31 2.06 -41.65
N SER E 429 29.35 1.26 -41.90
CA SER E 429 29.77 0.99 -43.28
C SER E 429 28.75 0.14 -44.02
N CYS E 430 28.38 -1.00 -43.45
CA CYS E 430 27.41 -1.86 -44.11
C CYS E 430 26.04 -1.19 -44.21
N TYR E 431 25.74 -0.25 -43.30
CA TYR E 431 24.46 0.45 -43.36
C TYR E 431 24.36 1.27 -44.63
N VAL E 432 25.36 2.12 -44.89
CA VAL E 432 25.30 2.99 -46.06
C VAL E 432 25.29 2.18 -47.35
N LEU E 433 25.89 0.99 -47.34
CA LEU E 433 25.79 0.09 -48.48
C LEU E 433 24.42 -0.56 -48.56
N SER E 434 23.92 -1.07 -47.44
CA SER E 434 22.63 -1.74 -47.45
C SER E 434 21.53 -0.79 -47.90
N ASN E 435 21.54 0.43 -47.40
CA ASN E 435 20.45 1.36 -47.69
C ASN E 435 20.44 1.78 -49.15
N VAL E 436 21.60 1.93 -49.79
CA VAL E 436 21.62 2.35 -51.19
C VAL E 436 20.92 1.29 -52.02
N LEU E 437 19.80 1.66 -52.64
CA LEU E 437 19.00 0.74 -53.42
C LEU E 437 18.45 -0.40 -52.57
N GLN E 446 34.04 11.07 -63.87
CA GLN E 446 34.76 10.09 -63.06
C GLN E 446 34.93 10.64 -61.65
N ASP E 447 34.70 11.95 -61.47
CA ASP E 447 34.82 12.56 -60.15
C ASP E 447 34.02 11.76 -59.12
N GLN E 448 32.74 11.54 -59.39
CA GLN E 448 31.92 10.83 -58.42
C GLN E 448 32.11 9.33 -58.47
N VAL E 449 32.56 8.78 -59.60
CA VAL E 449 33.06 7.40 -59.59
C VAL E 449 34.12 7.26 -58.50
N ASP E 450 35.11 8.15 -58.52
CA ASP E 450 36.17 8.12 -57.50
C ASP E 450 35.60 8.16 -56.09
N SER E 451 34.63 9.04 -55.86
CA SER E 451 34.07 9.20 -54.52
C SER E 451 33.44 7.91 -54.02
N ILE E 452 32.56 7.32 -54.82
CA ILE E 452 31.88 6.09 -54.38
C ILE E 452 32.90 4.98 -54.17
N MET E 453 33.90 4.92 -55.03
CA MET E 453 34.95 3.91 -54.89
C MET E 453 35.73 4.11 -53.59
N ASN E 454 36.16 5.35 -53.32
CA ASN E 454 36.87 5.62 -52.09
C ASN E 454 36.02 5.29 -50.88
N LEU E 455 34.73 5.64 -50.92
CA LEU E 455 33.83 5.24 -49.85
C LEU E 455 34.00 3.77 -49.52
N VAL E 456 34.07 2.92 -50.54
CA VAL E 456 34.06 1.49 -50.26
C VAL E 456 35.44 0.93 -49.99
N SER E 457 36.50 1.58 -50.44
CA SER E 457 37.81 1.24 -49.90
C SER E 457 37.84 1.42 -48.39
N THR E 458 37.19 2.48 -47.90
CA THR E 458 37.12 2.71 -46.45
C THR E 458 36.25 1.64 -45.78
N LEU E 459 35.17 1.23 -46.44
CA LEU E 459 34.22 0.30 -45.85
C LEU E 459 34.77 -1.12 -45.76
N ILE E 460 35.88 -1.40 -46.43
CA ILE E 460 36.51 -2.72 -46.40
C ILE E 460 37.97 -2.64 -45.93
N GLN E 461 38.44 -1.46 -45.54
CA GLN E 461 39.82 -1.35 -45.07
C GLN E 461 39.92 -1.93 -43.66
C1 EDO F . -33.52 -9.22 20.98
O1 EDO F . -33.60 -7.97 21.66
C2 EDO F . -34.36 -10.26 21.70
O2 EDO F . -33.97 -10.32 23.08
H11 EDO F . -33.89 -9.10 19.95
H12 EDO F . -32.48 -9.55 20.93
HO1 EDO F . -33.08 -7.32 21.20
H21 EDO F . -34.22 -11.24 21.24
H22 EDO F . -35.41 -10.00 21.63
HO2 EDO F . -34.50 -10.98 23.54
C1 EDO G . 22.92 -37.13 33.60
O1 EDO G . 24.10 -36.97 34.39
C2 EDO G . 23.02 -38.41 32.77
O2 EDO G . 23.25 -39.52 33.64
H11 EDO G . 22.83 -36.26 32.93
H12 EDO G . 22.04 -37.16 34.24
HO1 EDO G . 24.04 -36.16 34.91
H21 EDO G . 22.09 -38.55 32.22
H22 EDO G . 23.83 -38.32 32.05
HO2 EDO G . 23.30 -40.33 33.11
C1 EDO H . -23.45 -23.76 18.17
O1 EDO H . -23.38 -24.89 19.05
C2 EDO H . -22.44 -23.93 17.04
O2 EDO H . -22.17 -25.32 16.82
H11 EDO H . -24.46 -23.68 17.75
H12 EDO H . -23.23 -22.85 18.72
HO1 EDO H . -24.03 -24.78 19.77
H21 EDO H . -22.83 -23.49 16.13
H22 EDO H . -21.52 -23.42 17.29
HO2 EDO H . -21.54 -25.42 16.11
C1 EDO I . -28.34 -20.57 16.39
O1 EDO I . -27.40 -19.81 17.15
C2 EDO I . -28.75 -21.83 17.14
O2 EDO I . -29.75 -21.53 18.11
H11 EDO I . -27.90 -20.86 15.43
H12 EDO I . -29.23 -19.97 16.18
HO1 EDO I . -27.15 -19.01 16.66
H21 EDO I . -29.14 -22.57 16.44
H22 EDO I . -27.87 -22.26 17.64
HO2 EDO I . -30.01 -22.33 18.59
C1 EDO J . 11.72 -30.75 17.10
O1 EDO J . 12.44 -29.51 17.19
C2 EDO J . 12.53 -31.86 17.76
O2 EDO J . 11.85 -33.10 17.62
H11 EDO J . 10.76 -30.65 17.61
H12 EDO J . 11.54 -30.99 16.05
HO1 EDO J . 11.92 -28.80 16.77
H21 EDO J . 12.68 -31.63 18.82
H22 EDO J . 13.52 -31.92 17.29
HO2 EDO J . 12.37 -33.80 18.04
C1 GOL K . -19.97 5.79 17.58
O1 GOL K . -20.61 6.92 17.03
C2 GOL K . -18.62 5.56 16.90
O2 GOL K . -17.81 6.70 17.06
C3 GOL K . -17.93 4.35 17.50
O3 GOL K . -17.67 4.56 18.88
H11 GOL K . -20.60 4.91 17.44
H12 GOL K . -19.82 5.93 18.65
HO1 GOL K . -21.50 7.02 17.42
H2 GOL K . -18.79 5.38 15.84
HO2 GOL K . -17.64 6.85 18.02
H31 GOL K . -16.99 4.16 16.98
H32 GOL K . -18.56 3.47 17.38
HO3 GOL K . -16.90 5.14 18.98
S SO4 L . -37.96 1.33 25.26
O1 SO4 L . -37.99 1.11 23.80
O2 SO4 L . -37.69 0.06 25.93
O3 SO4 L . -39.25 1.83 25.70
O4 SO4 L . -36.94 2.31 25.61
C1 EDO M . -2.44 1.20 40.73
O1 EDO M . -1.75 2.12 41.59
C2 EDO M . -1.43 0.47 39.84
O2 EDO M . -0.29 1.31 39.63
H11 EDO M . -3.16 1.74 40.11
H12 EDO M . -2.99 0.47 41.33
HO1 EDO M . -2.40 2.58 42.14
H21 EDO M . -1.90 0.24 38.88
H22 EDO M . -1.13 -0.46 40.31
HO2 EDO M . 0.35 0.84 39.07
C1 EDO N . 5.68 0.95 38.99
O1 EDO N . 6.98 1.55 38.85
C2 EDO N . 5.20 0.45 37.64
O2 EDO N . 5.25 1.51 36.69
H11 EDO N . 4.98 1.69 39.38
H12 EDO N . 5.74 0.12 39.71
HO1 EDO N . 7.27 1.87 39.71
H21 EDO N . 4.18 0.07 37.73
H22 EDO N . 5.84 -0.37 37.31
HO2 EDO N . 4.95 1.20 35.83
C1 GOL O . -11.94 10.46 38.35
O1 GOL O . -11.93 11.86 38.42
C2 GOL O . -10.90 9.88 39.32
O2 GOL O . -10.15 10.93 39.89
C3 GOL O . -11.61 9.07 40.40
O3 GOL O . -12.14 7.89 39.84
H11 GOL O . -11.71 10.14 37.33
H12 GOL O . -12.93 10.08 38.61
HO1 GOL O . -12.55 12.23 37.76
H2 GOL O . -10.24 9.23 38.76
HO2 GOL O . -10.75 11.51 40.42
H31 GOL O . -12.41 9.65 40.85
H32 GOL O . -10.89 8.81 41.18
HO3 GOL O . -12.61 7.38 40.54
C1 GOL P . -0.14 24.54 44.24
O1 GOL P . 0.92 23.66 44.52
C2 GOL P . -1.41 23.75 44.03
O2 GOL P . -1.37 22.56 44.78
C3 GOL P . -2.63 24.57 44.43
O3 GOL P . -3.80 23.80 44.29
H11 GOL P . 0.09 25.13 43.36
H12 GOL P . -0.26 25.23 45.08
HO1 GOL P . 1.77 24.17 44.59
H2 GOL P . -1.50 23.50 42.97
HO2 GOL P . -1.32 22.78 45.74
H31 GOL P . -2.69 25.46 43.80
H32 GOL P . -2.52 24.91 45.47
HO3 GOL P . -4.58 24.32 44.60
C1 GOL Q . -10.46 17.30 17.16
O1 GOL Q . -9.16 17.11 17.68
C2 GOL Q . -11.28 16.03 17.37
O2 GOL Q . -10.65 15.25 18.36
C3 GOL Q . -12.69 16.41 17.81
O3 GOL Q . -13.55 15.30 17.72
H11 GOL Q . -10.40 17.53 16.09
H12 GOL Q . -10.94 18.14 17.66
HO1 GOL Q . -8.61 17.90 17.49
H2 GOL Q . -11.33 15.48 16.44
HO2 GOL Q . -10.61 15.75 19.20
H31 GOL Q . -13.07 17.21 17.17
H32 GOL Q . -12.67 16.78 18.84
HO3 GOL Q . -14.47 15.59 17.91
S SO4 R . -19.96 18.88 36.72
O1 SO4 R . -19.09 18.97 37.89
O2 SO4 R . -20.16 17.48 36.36
O3 SO4 R . -19.35 19.60 35.62
O4 SO4 R . -21.26 19.48 37.03
C1 EDO S . -7.05 28.98 -24.11
O1 EDO S . -6.01 28.10 -24.51
C2 EDO S . -8.37 28.57 -24.77
O2 EDO S . -8.73 27.26 -24.36
H11 EDO S . -6.81 30.01 -24.40
H12 EDO S . -7.16 28.95 -23.02
HO1 EDO S . -5.18 28.36 -24.09
H21 EDO S . -9.16 29.27 -24.48
H22 EDO S . -8.27 28.61 -25.84
HO2 EDO S . -9.57 27.01 -24.78
C1 EDO T . -21.88 15.29 -0.37
O1 EDO T . -21.62 16.44 0.45
C2 EDO T . -20.91 15.26 -1.55
O2 EDO T . -21.37 14.31 -2.52
H11 EDO T . -21.75 14.39 0.23
H12 EDO T . -22.91 15.32 -0.73
HO1 EDO T . -22.24 16.46 1.19
H21 EDO T . -20.85 16.25 -2.00
H22 EDO T . -19.91 14.97 -1.20
HO2 EDO T . -20.76 14.29 -3.27
C1 GOL U . -29.30 35.25 -3.52
O1 GOL U . -28.09 35.16 -2.80
C2 GOL U . -30.16 34.03 -3.24
O2 GOL U . -31.02 34.29 -2.15
C3 GOL U . -31.00 33.69 -4.48
O3 GOL U . -31.85 32.60 -4.19
H11 GOL U . -29.10 35.31 -4.59
H12 GOL U . -29.84 36.15 -3.22
HO1 GOL U . -27.52 35.92 -3.04
H2 GOL U . -29.52 33.18 -3.01
HO2 GOL U . -31.61 35.04 -2.36
H31 GOL U . -30.33 33.43 -5.31
H32 GOL U . -31.58 34.56 -4.78
HO3 GOL U . -32.76 32.82 -4.48
O1 PG4 V . -23.19 3.76 -47.01
C1 PG4 V . -23.71 2.43 -47.07
C2 PG4 V . -22.59 1.43 -47.30
O2 PG4 V . -23.12 0.20 -47.74
C3 PG4 V . -22.10 -0.77 -47.93
C4 PG4 V . -22.47 -1.75 -49.03
O3 PG4 V . -23.07 -2.93 -48.49
C5 PG4 V . -23.03 -3.98 -49.44
C6 PG4 V . -23.68 -5.23 -48.87
O4 PG4 V . -25.09 -5.18 -49.05
C7 PG4 V . -25.69 -6.46 -48.82
C8 PG4 V . -27.20 -6.30 -48.76
O5 PG4 V . -27.53 -5.15 -47.97
HO1 PG4 V . -23.91 4.39 -46.86
H11 PG4 V . -24.45 2.36 -47.88
H12 PG4 V . -24.23 2.20 -46.13
H21 PG4 V . -22.03 1.29 -46.37
H22 PG4 V . -21.90 1.84 -48.05
H31 PG4 V . -21.17 -0.26 -48.18
H32 PG4 V . -21.95 -1.32 -46.99
H41 PG4 V . -21.57 -2.02 -49.60
H42 PG4 V . -23.17 -1.27 -49.72
H51 PG4 V . -22.00 -4.19 -49.72
H52 PG4 V . -23.57 -3.67 -50.34
H61 PG4 V . -23.29 -6.12 -49.38
H62 PG4 V . -23.44 -5.31 -47.81
H71 PG4 V . -25.42 -7.13 -49.63
H72 PG4 V . -25.32 -6.88 -47.88
H81 PG4 V . -27.65 -7.19 -48.33
H82 PG4 V . -27.60 -6.17 -49.77
HO5 PG4 V . -28.49 -5.05 -47.93
C1 EDO W . -35.66 -2.24 -20.77
O1 EDO W . -36.90 -2.08 -20.07
C2 EDO W . -34.73 -1.07 -20.45
O2 EDO W . -34.64 -0.90 -19.03
H11 EDO W . -35.84 -2.27 -21.85
H12 EDO W . -35.19 -3.18 -20.47
HO1 EDO W . -37.48 -2.81 -20.27
H21 EDO W . -35.12 -0.15 -20.90
H22 EDO W . -33.74 -1.25 -20.86
HO2 EDO W . -34.05 -0.16 -18.83
C1 EDO X . -25.70 5.90 -17.62
O1 EDO X . -25.21 4.55 -17.57
C2 EDO X . -27.15 5.95 -17.16
O2 EDO X . -27.91 4.94 -17.85
H11 EDO X . -25.08 6.53 -16.98
H12 EDO X . -25.62 6.28 -18.65
HO1 EDO X . -24.29 4.53 -17.87
H21 EDO X . -27.57 6.93 -17.39
H22 EDO X . -27.21 5.80 -16.09
HO2 EDO X . -28.83 4.98 -17.56
C1 EDO Y . -10.41 -55.48 -8.49
O1 EDO Y . -11.18 -54.55 -7.72
C2 EDO Y . -10.10 -56.66 -7.57
O2 EDO Y . -10.91 -56.48 -6.41
H11 EDO Y . -10.98 -55.82 -9.36
H12 EDO Y . -9.47 -55.02 -8.83
HO1 EDO Y . -11.39 -53.78 -8.27
H21 EDO Y . -9.04 -56.67 -7.31
H22 EDO Y . -10.34 -57.60 -8.08
HO2 EDO Y . -10.75 -57.22 -5.79
C1 GOL Z . -25.23 4.98 6.98
O1 GOL Z . -25.41 6.08 6.11
C2 GOL Z . -24.75 3.76 6.22
O2 GOL Z . -25.76 2.77 6.20
C3 GOL Z . -24.36 4.12 4.79
O3 GOL Z . -23.99 2.95 4.08
H11 GOL Z . -26.18 4.76 7.47
H12 GOL Z . -24.51 5.25 7.74
HO1 GOL Z . -25.79 6.84 6.60
H2 GOL Z . -23.87 3.36 6.72
HO2 GOL Z . -26.54 3.11 5.71
H31 GOL Z . -23.52 4.81 4.80
H32 GOL Z . -25.20 4.59 4.28
HO3 GOL Z . -23.77 3.17 3.16
C1 GOL AA . -26.39 -14.40 6.78
O1 GOL AA . -25.25 -14.60 5.99
C2 GOL AA . -26.45 -15.43 7.89
O2 GOL AA . -25.32 -15.32 8.72
C3 GOL AA . -27.72 -15.22 8.71
O3 GOL AA . -28.83 -15.73 8.00
H11 GOL AA . -27.29 -14.48 6.16
H12 GOL AA . -26.37 -13.40 7.20
HO1 GOL AA . -25.25 -13.97 5.23
H2 GOL AA . -26.49 -16.42 7.45
HO2 GOL AA . -25.29 -14.44 9.12
H31 GOL AA . -27.86 -14.17 8.91
H32 GOL AA . -27.63 -15.74 9.67
HO3 GOL AA . -29.64 -15.62 8.55
C1 EDO BA . -3.60 52.93 -12.32
O1 EDO BA . -4.14 53.93 -11.44
C2 EDO BA . -3.05 51.79 -11.47
O2 EDO BA . -2.10 52.33 -10.54
H11 EDO BA . -4.38 52.56 -12.99
H12 EDO BA . -2.80 53.36 -12.93
HO1 EDO BA . -4.49 54.66 -11.97
H21 EDO BA . -2.58 51.05 -12.11
H22 EDO BA . -3.87 51.30 -10.93
HO2 EDO BA . -1.74 51.60 -10.00
C1 EDO CA . 15.54 33.40 11.07
O1 EDO CA . 14.80 34.61 10.88
C2 EDO CA . 14.94 32.62 12.23
O2 EDO CA . 13.51 32.65 12.12
H11 EDO CA . 16.58 33.62 11.27
H12 EDO CA . 15.48 32.79 10.15
HO1 EDO CA . 15.17 35.11 10.14
H21 EDO CA . 15.29 31.59 12.21
H22 EDO CA . 15.25 33.08 13.17
HO2 EDO CA . 13.11 32.16 12.86
C1 GOL DA . 10.97 35.10 16.37
O1 GOL DA . 9.88 35.71 17.01
C2 GOL DA . 10.55 33.75 15.78
O2 GOL DA . 9.14 33.69 15.65
C3 GOL DA . 11.21 33.53 14.42
O3 GOL DA . 10.71 32.34 13.83
H11 GOL DA . 11.79 34.95 17.07
H12 GOL DA . 11.33 35.74 15.56
HO1 GOL DA . 10.18 36.53 17.44
H2 GOL DA . 10.89 32.97 16.45
HO2 GOL DA . 8.84 34.37 15.02
H31 GOL DA . 12.30 33.44 14.55
H32 GOL DA . 11.02 34.37 13.77
HO3 GOL DA . 9.82 32.14 14.20
C1 GOL EA . -12.87 22.30 4.19
O1 GOL EA . -11.66 22.31 3.45
C2 GOL EA . -12.60 21.86 5.62
O2 GOL EA . -11.23 22.05 5.94
C3 GOL EA . -13.46 22.67 6.58
O3 GOL EA . -13.29 22.19 7.89
H11 GOL EA . -13.58 21.61 3.73
H12 GOL EA . -13.31 23.29 4.19
HO1 GOL EA . -11.85 22.53 2.52
H2 GOL EA . -12.85 20.81 5.73
HO2 GOL EA . -11.01 23.00 5.86
H31 GOL EA . -14.51 22.58 6.29
H32 GOL EA . -13.18 23.72 6.53
HO3 GOL EA . -14.16 21.88 8.24
S SO4 FA . -15.08 39.38 18.97
O1 SO4 FA . -15.94 38.68 19.92
O2 SO4 FA . -14.18 38.43 18.34
O3 SO4 FA . -15.91 40.02 17.94
O4 SO4 FA . -14.29 40.39 19.67
#